data_7WUD
#
_entry.id   7WUD
#
_cell.length_a   61.762
_cell.length_b   141.476
_cell.length_c   88.388
_cell.angle_alpha   90.000
_cell.angle_beta   99.884
_cell.angle_gamma   90.000
#
_symmetry.space_group_name_H-M   'P 1 21 1'
#
loop_
_entity.id
_entity.type
_entity.pdbx_description
1 polymer '(R)-Selective Transaminase'
2 non-polymer "PYRIDOXAL-5'-PHOSPHATE"
3 water water
#
_entity_poly.entity_id   1
_entity_poly.type   'polypeptide(L)'
_entity_poly.pdbx_seq_one_letter_code
;GSMHHHHHHMNQLTILEAGLDEIICETVPGEAIQYSRYSLDRTSPLAGGCAWIEGAFVPAAAARISIFDAGFGHSDVTYT
VAHVWHGNFFRLEDHVERFLAGAEKMRIPMPATKAEIMDLMRGCVSKSGLREAAVNVCVTRGYGRKPGEKTLEALESQLY
VYAIPYLWVFSPIRQIEGIDAVIAQSVRRSPANVMDPWIKNYQWGDLVRATFEAQERGARTAFLLDSDGFVTEGPGFNVL
MVKDGTVFTAARNVLPGITRRTALEIARDFGLQTVIGDVTPEMLRGADEIFAATTAGGVTPVVALDGAPVGAGVPGDWTR
KIRTRYWQMMDEPSDLIEPVSYI
;
_entity_poly.pdbx_strand_id   B,A,C,D
#
loop_
_chem_comp.id
_chem_comp.type
_chem_comp.name
_chem_comp.formula
PLP non-polymer PYRIDOXAL-5'-PHOSPHATE 'C8 H10 N O6 P'
#
# COMPACT_ATOMS: atom_id res chain seq x y z
N GLN A 12 -3.87 10.61 -27.16
CA GLN A 12 -3.07 11.84 -27.20
C GLN A 12 -2.48 12.14 -25.83
N LEU A 13 -1.16 12.28 -25.79
CA LEU A 13 -0.46 12.57 -24.54
C LEU A 13 0.26 13.91 -24.65
N THR A 14 0.04 14.78 -23.66
CA THR A 14 0.72 16.07 -23.55
C THR A 14 1.44 16.10 -22.19
N ILE A 15 2.73 15.78 -22.22
CA ILE A 15 3.58 15.87 -21.02
C ILE A 15 4.30 17.21 -20.96
N LEU A 16 5.00 17.57 -22.03
CA LEU A 16 5.67 18.87 -22.16
C LEU A 16 4.88 19.77 -23.09
N GLU A 17 4.57 20.98 -22.63
CA GLU A 17 4.15 22.08 -23.50
C GLU A 17 5.41 22.89 -23.79
N ALA A 18 6.04 22.63 -24.92
CA ALA A 18 7.21 23.39 -25.36
C ALA A 18 8.47 23.03 -24.58
N LEU A 20 9.99 21.27 -27.86
CA LEU A 20 10.17 20.18 -28.83
C LEU A 20 10.30 20.74 -30.25
N ILE A 23 13.48 25.93 -31.89
CA ILE A 23 14.50 26.27 -30.90
C ILE A 23 13.96 27.25 -29.87
N ILE A 24 13.74 28.50 -30.28
CA ILE A 24 13.25 29.53 -29.37
C ILE A 24 11.73 29.42 -29.24
N CYS A 25 11.22 29.82 -28.07
CA CYS A 25 9.80 29.82 -27.75
C CYS A 25 9.35 31.23 -27.40
N GLU A 26 8.04 31.46 -27.51
CA GLU A 26 7.46 32.76 -27.19
C GLU A 26 7.41 32.96 -25.67
N THR A 27 7.82 34.13 -25.20
CA THR A 27 7.79 34.41 -23.78
C THR A 27 6.97 35.66 -23.49
N VAL A 28 6.67 35.88 -22.22
CA VAL A 28 5.92 37.07 -21.81
C VAL A 28 6.84 38.27 -21.88
N PRO A 29 6.54 39.27 -22.71
CA PRO A 29 7.40 40.47 -22.78
C PRO A 29 7.51 41.16 -21.43
N GLY A 30 8.71 41.61 -21.10
CA GLY A 30 8.95 42.32 -19.86
C GLY A 30 9.09 41.44 -18.63
N GLU A 31 8.76 40.16 -18.71
CA GLU A 31 8.86 39.32 -17.54
C GLU A 31 10.25 38.67 -17.50
N ALA A 32 10.46 37.82 -16.49
CA ALA A 32 11.81 37.41 -16.12
C ALA A 32 12.42 36.36 -17.03
N ILE A 33 11.61 35.71 -17.85
CA ILE A 33 12.08 34.65 -18.74
C ILE A 33 12.29 35.27 -20.11
N GLN A 34 13.54 35.31 -20.58
CA GLN A 34 13.85 35.80 -21.91
C GLN A 34 14.97 34.98 -22.53
N TYR A 35 14.76 34.53 -23.76
CA TYR A 35 15.79 33.81 -24.49
C TYR A 35 16.90 34.77 -24.94
N SER A 36 18.03 34.18 -25.30
CA SER A 36 19.10 34.93 -25.95
C SER A 36 18.73 35.25 -27.40
N ARG A 37 19.21 36.39 -27.86
CA ARG A 37 19.08 36.79 -29.26
C ARG A 37 20.42 36.56 -29.92
N TYR A 38 20.47 35.56 -30.80
CA TYR A 38 21.71 35.18 -31.48
C TYR A 38 21.32 34.36 -32.70
N SER A 39 22.32 34.13 -33.54
CA SER A 39 22.14 33.35 -34.77
C SER A 39 22.92 32.05 -34.64
N LEU A 40 22.26 30.94 -34.99
CA LEU A 40 22.87 29.62 -34.94
C LEU A 40 23.63 29.35 -36.23
N ASP A 41 24.89 28.98 -36.11
CA ASP A 41 25.71 28.60 -37.26
C ASP A 41 25.36 27.17 -37.62
N ARG A 42 24.57 26.99 -38.68
CA ARG A 42 24.01 25.69 -39.01
C ARG A 42 24.83 24.88 -40.01
N THR A 43 25.90 25.43 -40.59
CA THR A 43 26.75 24.62 -41.44
C THR A 43 27.34 23.43 -40.68
N SER A 44 27.47 23.54 -39.35
CA SER A 44 27.84 22.35 -38.60
C SER A 44 26.65 21.42 -38.46
N PRO A 45 26.85 20.12 -38.65
CA PRO A 45 25.75 19.17 -38.43
C PRO A 45 25.25 19.15 -36.99
N LEU A 46 26.07 19.58 -36.04
CA LEU A 46 25.71 19.50 -34.62
C LEU A 46 24.94 20.70 -34.12
N ALA A 47 24.94 21.80 -34.86
CA ALA A 47 24.26 23.00 -34.41
C ALA A 47 22.77 22.71 -34.22
N GLY A 48 22.24 23.08 -33.05
CA GLY A 48 20.84 22.89 -32.75
C GLY A 48 20.49 21.63 -32.00
N GLY A 49 21.47 20.77 -31.74
CA GLY A 49 21.19 19.54 -31.04
C GLY A 49 22.28 18.54 -31.29
N CYS A 50 22.95 18.12 -30.21
CA CYS A 50 24.14 17.29 -30.29
C CYS A 50 24.09 16.24 -29.19
N ALA A 51 24.27 14.99 -29.59
CA ALA A 51 24.29 13.88 -28.65
C ALA A 51 25.68 13.25 -28.62
N TRP A 52 25.95 12.56 -27.52
CA TRP A 52 27.13 11.72 -27.40
C TRP A 52 26.66 10.31 -27.13
N ILE A 53 27.07 9.38 -27.97
CA ILE A 53 26.59 8.00 -27.88
C ILE A 53 27.73 7.07 -28.31
N GLU A 54 28.16 6.21 -27.40
CA GLU A 54 29.17 5.18 -27.69
C GLU A 54 30.40 5.77 -28.36
N GLY A 55 30.87 6.91 -27.85
CA GLY A 55 32.16 7.45 -28.23
C GLY A 55 32.16 8.52 -29.30
N ALA A 56 31.01 8.91 -29.83
CA ALA A 56 30.96 9.90 -30.90
C ALA A 56 29.90 10.95 -30.60
N PHE A 57 30.24 12.21 -30.89
CA PHE A 57 29.24 13.27 -30.95
C PHE A 57 28.49 13.16 -32.27
N VAL A 58 27.16 13.19 -32.21
CA VAL A 58 26.35 13.03 -33.42
C VAL A 58 25.19 14.01 -33.37
N PRO A 59 24.62 14.33 -34.53
CA PRO A 59 23.41 15.16 -34.53
C PRO A 59 22.34 14.50 -33.67
N ALA A 60 21.69 15.32 -32.84
CA ALA A 60 20.66 14.79 -31.95
C ALA A 60 19.63 13.96 -32.71
N ALA A 61 19.19 14.45 -33.86
CA ALA A 61 18.15 13.75 -34.62
C ALA A 61 18.61 12.40 -35.15
N ALA A 62 19.91 12.11 -35.14
CA ALA A 62 20.42 10.80 -35.54
C ALA A 62 20.92 9.98 -34.35
N ALA A 63 20.69 10.45 -33.13
CA ALA A 63 21.10 9.70 -31.96
C ALA A 63 20.18 8.50 -31.78
N ARG A 64 20.76 7.30 -31.83
CA ARG A 64 20.02 6.06 -31.69
C ARG A 64 20.78 5.12 -30.78
N ILE A 65 20.06 4.23 -30.10
CA ILE A 65 20.67 3.30 -29.16
C ILE A 65 20.24 1.88 -29.52
N SER A 66 21.05 0.92 -29.09
CA SER A 66 20.75 -0.48 -29.30
C SER A 66 19.43 -0.87 -28.64
N ILE A 67 18.55 -1.49 -29.43
CA ILE A 67 17.31 -2.02 -28.88
C ILE A 67 17.57 -3.04 -27.78
N PHE A 68 18.76 -3.61 -27.71
CA PHE A 68 19.03 -4.61 -26.69
C PHE A 68 19.61 -4.02 -25.41
N ASP A 69 19.76 -2.70 -25.35
CA ASP A 69 20.16 -2.06 -24.09
C ASP A 69 19.11 -2.34 -23.02
N ALA A 70 19.57 -2.86 -21.86
CA ALA A 70 18.67 -3.11 -20.74
C ALA A 70 18.05 -1.82 -20.20
N GLY A 71 18.62 -0.66 -20.53
CA GLY A 71 17.96 0.59 -20.22
C GLY A 71 16.60 0.70 -20.88
N PHE A 72 16.41 0.00 -22.00
CA PHE A 72 15.10 -0.06 -22.68
C PHE A 72 14.33 -1.24 -22.11
N GLY A 73 14.81 -2.46 -22.35
CA GLY A 73 14.05 -3.67 -22.03
C GLY A 73 13.73 -3.86 -20.56
N HIS A 74 14.54 -3.29 -19.66
CA HIS A 74 14.30 -3.37 -18.23
C HIS A 74 14.15 -2.00 -17.58
N SER A 75 14.17 -0.92 -18.36
CA SER A 75 14.27 0.43 -17.80
C SER A 75 15.38 0.50 -16.76
N ASP A 76 16.49 -0.20 -17.03
CA ASP A 76 17.61 -0.26 -16.10
C ASP A 76 18.50 0.94 -16.39
N VAL A 77 18.08 2.09 -15.88
CA VAL A 77 18.64 3.37 -16.30
C VAL A 77 18.25 4.42 -15.26
N THR A 78 19.17 5.34 -14.98
CA THR A 78 18.87 6.55 -14.23
C THR A 78 19.49 7.73 -14.99
N TYR A 79 19.12 8.96 -14.62
CA TYR A 79 19.53 10.11 -15.41
C TYR A 79 19.38 11.38 -14.59
N THR A 80 19.80 12.49 -15.20
CA THR A 80 19.40 13.82 -14.75
C THR A 80 19.38 14.70 -15.98
N VAL A 81 18.77 15.88 -15.81
CA VAL A 81 18.76 16.90 -16.83
C VAL A 81 19.19 18.21 -16.18
N ALA A 82 20.32 18.74 -16.61
CA ALA A 82 20.78 20.07 -16.24
C ALA A 82 20.52 21.01 -17.43
N HIS A 83 20.29 22.29 -17.14
CA HIS A 83 19.97 23.21 -18.20
C HIS A 83 21.03 24.29 -18.33
N VAL A 84 21.03 24.92 -19.50
CA VAL A 84 21.86 26.07 -19.80
C VAL A 84 20.90 27.20 -20.13
N TRP A 85 21.11 28.36 -19.51
CA TRP A 85 20.34 29.56 -19.82
C TRP A 85 21.30 30.72 -20.04
N HIS A 86 21.07 31.50 -21.10
CA HIS A 86 21.96 32.62 -21.43
C HIS A 86 23.41 32.16 -21.47
N GLY A 87 23.63 30.93 -21.97
CA GLY A 87 24.95 30.34 -22.07
C GLY A 87 25.60 29.93 -20.76
N ASN A 88 24.88 29.88 -19.65
CA ASN A 88 25.41 29.46 -18.36
C ASN A 88 24.79 28.13 -17.96
N PHE A 89 25.62 27.16 -17.62
CA PHE A 89 25.14 25.96 -16.95
C PHE A 89 24.70 26.32 -15.54
N PHE A 90 23.56 25.76 -15.12
CA PHE A 90 22.98 26.03 -13.81
C PHE A 90 23.12 24.77 -12.96
N ARG A 91 23.89 24.88 -11.87
CA ARG A 91 24.08 23.80 -10.88
C ARG A 91 24.53 22.49 -11.53
N LEU A 92 25.44 22.60 -12.50
CA LEU A 92 25.93 21.41 -13.19
C LEU A 92 26.53 20.41 -12.22
N GLU A 93 27.35 20.87 -11.27
CA GLU A 93 27.98 19.96 -10.35
C GLU A 93 26.96 19.26 -9.47
N ASP A 94 25.97 20.00 -8.95
CA ASP A 94 24.92 19.38 -8.15
C ASP A 94 24.22 18.28 -8.93
N HIS A 95 23.95 18.52 -10.22
CA HIS A 95 23.24 17.52 -11.04
C HIS A 95 24.06 16.26 -11.22
N VAL A 96 25.33 16.40 -11.56
CA VAL A 96 26.14 15.21 -11.80
C VAL A 96 26.31 14.41 -10.52
N GLU A 97 26.44 15.11 -9.38
CA GLU A 97 26.54 14.41 -8.09
C GLU A 97 25.25 13.69 -7.72
N ARG A 98 24.09 14.31 -7.96
CA ARG A 98 22.85 13.58 -7.75
C ARG A 98 22.77 12.38 -8.69
N PHE A 99 23.07 12.60 -9.96
CA PHE A 99 23.06 11.53 -10.96
C PHE A 99 23.93 10.36 -10.52
N LEU A 100 25.15 10.65 -10.05
CA LEU A 100 26.06 9.57 -9.67
C LEU A 100 25.57 8.83 -8.44
N ALA A 101 25.00 9.55 -7.48
CA ALA A 101 24.50 8.90 -6.27
C ALA A 101 23.32 7.99 -6.56
N GLY A 102 22.46 8.40 -7.49
CA GLY A 102 21.34 7.55 -7.86
C GLY A 102 21.78 6.29 -8.59
N ALA A 103 22.78 6.43 -9.48
CA ALA A 103 23.31 5.25 -10.17
C ALA A 103 23.95 4.28 -9.18
N GLU A 104 24.60 4.81 -8.12
CA GLU A 104 25.12 3.95 -7.09
C GLU A 104 23.99 3.25 -6.33
N LYS A 105 22.91 3.98 -5.99
CA LYS A 105 21.78 3.35 -5.31
C LYS A 105 21.13 2.29 -6.20
N MET A 106 21.02 2.57 -7.49
CA MET A 106 20.44 1.62 -8.44
C MET A 106 21.42 0.51 -8.81
N ARG A 107 22.67 0.63 -8.35
CA ARG A 107 23.69 -0.39 -8.55
C ARG A 107 24.08 -0.56 -10.02
N ILE A 108 24.13 0.54 -10.77
CA ILE A 108 24.59 0.54 -12.15
C ILE A 108 26.02 1.06 -12.19
N PRO A 109 27.00 0.25 -12.61
CA PRO A 109 28.38 0.74 -12.67
C PRO A 109 28.48 1.94 -13.60
N MET A 110 29.27 2.93 -13.18
CA MET A 110 29.43 4.16 -13.94
C MET A 110 30.65 4.06 -14.84
N PRO A 111 30.52 4.24 -16.16
CA PRO A 111 31.67 4.05 -17.05
C PRO A 111 32.44 5.34 -17.32
N ALA A 112 32.34 6.32 -16.43
CA ALA A 112 33.07 7.57 -16.62
C ALA A 112 33.17 8.29 -15.28
N THR A 113 34.12 9.21 -15.19
CA THR A 113 34.31 9.97 -13.97
C THR A 113 33.38 11.18 -13.94
N LYS A 114 33.18 11.72 -12.73
CA LYS A 114 32.44 12.95 -12.61
C LYS A 114 32.96 14.02 -13.57
N ALA A 115 34.29 14.18 -13.63
CA ALA A 115 34.85 15.21 -14.51
C ALA A 115 34.61 14.88 -15.97
N GLU A 116 34.64 13.59 -16.33
CA GLU A 116 34.43 13.20 -17.71
C GLU A 116 32.99 13.44 -18.13
N ILE A 117 32.04 13.22 -17.21
CA ILE A 117 30.64 13.50 -17.50
C ILE A 117 30.42 14.99 -17.75
N MET A 118 30.90 15.82 -16.83
CA MET A 118 30.72 17.27 -16.99
C MET A 118 31.35 17.76 -18.30
N ASP A 119 32.46 17.15 -18.73
CA ASP A 119 33.08 17.59 -19.98
C ASP A 119 32.24 17.18 -21.17
N LEU A 120 31.63 15.99 -21.12
CA LEU A 120 30.77 15.55 -22.22
C LEU A 120 29.51 16.41 -22.32
N MET A 121 28.92 16.76 -21.17
CA MET A 121 27.76 17.65 -21.18
C MET A 121 28.14 19.02 -21.75
N ARG A 122 29.23 19.61 -21.23
CA ARG A 122 29.72 20.86 -21.77
C ARG A 122 29.98 20.77 -23.27
N GLY A 123 30.60 19.68 -23.72
CA GLY A 123 30.86 19.53 -25.14
C GLY A 123 29.60 19.48 -25.97
N CYS A 124 28.61 18.72 -25.50
CA CYS A 124 27.39 18.60 -26.27
C CYS A 124 26.73 19.97 -26.40
N VAL A 125 26.70 20.76 -25.32
CA VAL A 125 26.15 22.11 -25.38
C VAL A 125 26.99 22.96 -26.34
N SER A 126 28.31 22.96 -26.16
CA SER A 126 29.15 23.81 -26.99
C SER A 126 28.94 23.51 -28.47
N LYS A 127 29.02 22.23 -28.84
CA LYS A 127 28.82 21.85 -30.23
C LYS A 127 27.42 22.19 -30.72
N SER A 128 26.41 22.12 -29.83
CA SER A 128 25.07 22.48 -30.25
C SER A 128 24.91 23.98 -30.53
N GLY A 129 25.78 24.82 -29.99
CA GLY A 129 25.59 26.26 -30.07
C GLY A 129 24.37 26.79 -29.34
N LEU A 130 23.65 25.95 -28.61
CA LEU A 130 22.43 26.38 -27.94
C LEU A 130 22.77 27.15 -26.68
N ARG A 131 22.30 28.39 -26.58
CA ARG A 131 22.48 29.18 -25.38
C ARG A 131 21.37 28.96 -24.35
N GLU A 132 20.25 28.37 -24.76
CA GLU A 132 19.23 27.88 -23.83
C GLU A 132 18.99 26.41 -24.18
N ALA A 133 19.39 25.50 -23.28
CA ALA A 133 19.45 24.08 -23.60
C ALA A 133 18.99 23.24 -22.42
N ALA A 134 18.39 22.09 -22.74
CA ALA A 134 18.23 20.97 -21.82
C ALA A 134 19.32 19.95 -22.09
N VAL A 135 20.02 19.52 -21.05
CA VAL A 135 21.14 18.59 -21.23
C VAL A 135 20.89 17.35 -20.39
N ASN A 136 20.53 16.27 -21.04
CA ASN A 136 20.22 15.00 -20.41
C ASN A 136 21.48 14.13 -20.40
N VAL A 137 21.81 13.58 -19.24
CA VAL A 137 22.80 12.53 -19.14
C VAL A 137 22.14 11.34 -18.45
N CYS A 138 22.31 10.16 -19.02
CA CYS A 138 21.79 8.94 -18.43
C CYS A 138 22.87 7.88 -18.45
N VAL A 139 22.70 6.87 -17.61
CA VAL A 139 23.51 5.68 -17.67
C VAL A 139 22.58 4.47 -17.62
N THR A 140 22.85 3.49 -18.48
CA THR A 140 22.10 2.25 -18.54
C THR A 140 22.99 1.07 -18.15
N ARG A 141 22.32 -0.03 -17.76
CA ARG A 141 23.05 -1.28 -17.52
C ARG A 141 23.72 -1.80 -18.79
N GLY A 142 23.20 -1.45 -19.95
CA GLY A 142 23.85 -1.74 -21.21
C GLY A 142 23.30 -2.97 -21.91
N TYR A 143 23.98 -3.36 -22.98
CA TYR A 143 23.50 -4.43 -23.85
C TYR A 143 24.48 -5.60 -23.96
N GLY A 144 25.35 -5.76 -22.97
CA GLY A 144 26.36 -6.81 -23.01
C GLY A 144 27.72 -6.23 -23.31
N ARG A 145 28.70 -7.13 -23.43
CA ARG A 145 30.06 -6.75 -23.73
C ARG A 145 30.11 -5.73 -24.86
N LYS A 146 30.86 -4.64 -24.63
CA LYS A 146 30.92 -3.56 -25.60
C LYS A 146 31.70 -4.00 -26.85
N PRO A 147 31.41 -3.38 -28.01
CA PRO A 147 32.20 -3.55 -29.23
C PRO A 147 33.68 -3.17 -29.03
N ALA A 154 35.69 -6.25 -17.23
CA ALA A 154 35.28 -5.07 -18.00
C ALA A 154 33.83 -4.70 -17.71
N LEU A 155 33.39 -3.57 -18.26
CA LEU A 155 32.12 -2.96 -17.87
C LEU A 155 31.26 -2.70 -19.10
N GLU A 156 29.96 -3.01 -18.96
CA GLU A 156 29.00 -2.94 -20.05
C GLU A 156 28.07 -1.73 -19.97
N SER A 157 28.17 -0.93 -18.91
CA SER A 157 27.31 0.23 -18.77
C SER A 157 27.50 1.19 -19.94
N GLN A 158 26.43 1.92 -20.28
CA GLN A 158 26.47 2.89 -21.36
C GLN A 158 26.07 4.27 -20.84
N LEU A 159 26.86 5.27 -21.18
CA LEU A 159 26.51 6.66 -20.93
C LEU A 159 25.99 7.28 -22.22
N TYR A 160 24.84 7.94 -22.14
CA TYR A 160 24.33 8.73 -23.24
C TYR A 160 24.07 10.15 -22.78
N VAL A 161 24.46 11.12 -23.62
CA VAL A 161 24.30 12.55 -23.34
C VAL A 161 23.65 13.21 -24.55
N TYR A 162 22.74 14.13 -24.30
CA TYR A 162 22.33 15.02 -25.38
C TYR A 162 22.00 16.41 -24.85
N ALA A 163 22.31 17.40 -25.67
CA ALA A 163 21.93 18.79 -25.43
C ALA A 163 20.98 19.18 -26.55
N ILE A 164 19.75 19.53 -26.19
CA ILE A 164 18.75 19.88 -27.17
C ILE A 164 18.12 21.20 -26.72
N PRO A 165 17.32 21.86 -27.55
CA PRO A 165 16.67 23.10 -27.09
C PRO A 165 15.92 22.91 -25.77
N TYR A 166 16.02 23.92 -24.90
CA TYR A 166 15.38 23.90 -23.59
C TYR A 166 13.91 23.46 -23.67
N LEU A 167 13.54 22.57 -22.74
CA LEU A 167 12.22 21.95 -22.71
C LEU A 167 11.35 22.57 -21.63
N TRP A 168 10.06 22.69 -21.92
CA TRP A 168 9.06 23.29 -21.03
C TRP A 168 8.00 22.25 -20.70
N VAL A 169 7.91 21.84 -19.43
CA VAL A 169 6.74 21.07 -19.03
C VAL A 169 5.49 21.95 -19.15
N PHE A 170 5.57 23.17 -18.62
CA PHE A 170 4.55 24.19 -18.81
C PHE A 170 5.17 25.35 -19.58
N SER A 171 4.40 25.95 -20.47
CA SER A 171 4.92 26.96 -21.40
C SER A 171 5.44 28.19 -20.64
N PRO A 172 6.29 29.00 -21.27
CA PRO A 172 6.72 30.24 -20.63
C PRO A 172 5.56 31.16 -20.26
N ILE A 173 4.49 31.18 -21.06
CA ILE A 173 3.34 32.01 -20.69
C ILE A 173 2.75 31.51 -19.37
N ARG A 174 2.60 30.19 -19.24
CA ARG A 174 2.01 29.68 -18.01
C ARG A 174 2.97 29.72 -16.82
N GLN A 175 4.28 29.79 -17.06
CA GLN A 175 5.18 30.12 -15.94
C GLN A 175 4.76 31.42 -15.26
N ILE A 176 4.19 32.35 -16.03
CA ILE A 176 3.74 33.64 -15.50
C ILE A 176 2.29 33.58 -15.03
N GLU A 177 1.39 33.07 -15.90
CA GLU A 177 -0.04 33.16 -15.62
C GLU A 177 -0.55 32.04 -14.73
N GLY A 178 0.17 30.94 -14.62
CA GLY A 178 -0.22 29.86 -13.74
C GLY A 178 -0.94 28.73 -14.46
N ILE A 179 -1.14 27.64 -13.73
CA ILE A 179 -1.78 26.44 -14.27
C ILE A 179 -2.80 25.93 -13.26
N ASP A 180 -3.61 24.97 -13.71
CA ASP A 180 -4.57 24.31 -12.83
C ASP A 180 -4.23 22.83 -12.74
N ALA A 181 -4.58 22.21 -11.61
CA ALA A 181 -4.19 20.82 -11.37
C ALA A 181 -5.29 20.08 -10.64
N VAL A 182 -5.20 18.76 -10.70
CA VAL A 182 -6.05 17.89 -9.88
C VAL A 182 -5.15 16.96 -9.08
N ILE A 183 -5.66 16.51 -7.94
CA ILE A 183 -5.10 15.37 -7.23
C ILE A 183 -5.62 14.09 -7.89
N ALA A 184 -4.71 13.30 -8.45
CA ALA A 184 -5.11 12.09 -9.16
C ALA A 184 -5.78 11.11 -8.20
N GLN A 185 -6.89 10.52 -8.64
CA GLN A 185 -7.59 9.49 -7.86
C GLN A 185 -7.55 8.12 -8.52
N SER A 186 -7.07 8.04 -9.76
CA SER A 186 -7.07 6.81 -10.49
C SER A 186 -5.75 6.07 -10.41
N VAL A 187 -4.71 6.70 -9.84
CA VAL A 187 -3.37 6.14 -9.85
C VAL A 187 -2.60 6.70 -8.67
N ARG A 188 -1.56 5.98 -8.25
CA ARG A 188 -0.71 6.36 -7.13
C ARG A 188 0.74 6.37 -7.61
N ARG A 189 1.57 7.13 -6.91
CA ARG A 189 3.00 7.19 -7.22
C ARG A 189 3.72 5.91 -6.79
N SER A 190 4.69 5.51 -7.60
CA SER A 190 5.47 4.32 -7.31
C SER A 190 6.01 4.37 -5.88
N PRO A 191 5.84 3.31 -5.09
CA PRO A 191 6.35 3.30 -3.71
C PRO A 191 7.87 3.24 -3.64
N ALA A 192 8.39 3.81 -2.54
CA ALA A 192 9.83 3.75 -2.27
C ALA A 192 10.38 2.32 -2.33
N ASN A 193 9.60 1.34 -1.91
CA ASN A 193 10.05 -0.06 -1.89
C ASN A 193 9.57 -0.85 -3.11
N VAL A 194 9.29 -0.17 -4.21
CA VAL A 194 9.06 -0.80 -5.51
C VAL A 194 10.13 -0.27 -6.45
N MET A 195 9.98 0.99 -6.85
CA MET A 195 11.04 1.71 -7.56
C MET A 195 11.01 3.13 -7.04
N ASP A 196 12.07 3.52 -6.34
CA ASP A 196 12.02 4.71 -5.49
C ASP A 196 12.03 5.98 -6.34
N PRO A 197 11.03 6.86 -6.23
CA PRO A 197 11.09 8.16 -6.92
C PRO A 197 12.32 8.99 -6.54
N TRP A 198 12.98 8.66 -5.43
CA TRP A 198 14.21 9.36 -5.06
C TRP A 198 15.27 9.22 -6.13
N ILE A 199 15.33 8.07 -6.82
CA ILE A 199 16.23 7.87 -7.94
C ILE A 199 15.51 8.36 -9.20
N LYS A 200 16.03 9.40 -9.85
CA LYS A 200 15.38 9.87 -11.07
C LYS A 200 15.42 8.75 -12.12
N ASN A 201 14.25 8.46 -12.71
CA ASN A 201 14.18 7.25 -13.53
C ASN A 201 13.14 7.40 -14.63
N TYR A 202 13.21 6.49 -15.60
CA TYR A 202 12.37 6.50 -16.79
C TYR A 202 11.10 5.66 -16.64
N GLN A 203 10.79 5.16 -15.44
CA GLN A 203 9.59 4.35 -15.25
C GLN A 203 8.45 5.31 -14.95
N TRP A 204 7.73 5.73 -16.00
CA TRP A 204 6.69 6.74 -15.90
C TRP A 204 5.30 6.14 -16.06
N GLY A 205 5.16 4.82 -15.94
CA GLY A 205 3.85 4.21 -16.11
C GLY A 205 2.78 4.94 -15.30
N ASP A 206 3.08 5.25 -14.04
CA ASP A 206 2.13 5.92 -13.17
C ASP A 206 2.00 7.40 -13.53
N LEU A 207 3.11 8.05 -13.87
CA LEU A 207 3.06 9.46 -14.23
C LEU A 207 2.29 9.69 -15.54
N VAL A 208 2.44 8.79 -16.51
CA VAL A 208 1.64 8.84 -17.73
C VAL A 208 0.15 8.65 -17.41
N ARG A 209 -0.18 7.65 -16.58
CA ARG A 209 -1.59 7.47 -16.20
C ARG A 209 -2.15 8.74 -15.56
N ALA A 210 -1.37 9.39 -14.70
CA ALA A 210 -1.81 10.63 -14.07
C ALA A 210 -2.01 11.74 -15.10
N THR A 211 -1.14 11.78 -16.11
CA THR A 211 -1.30 12.77 -17.17
C THR A 211 -2.61 12.55 -17.94
N PHE A 212 -2.94 11.30 -18.25
CA PHE A 212 -4.22 11.03 -18.90
C PHE A 212 -5.39 11.41 -18.01
N GLU A 213 -5.29 11.13 -16.70
CA GLU A 213 -6.36 11.52 -15.79
C GLU A 213 -6.55 13.02 -15.78
N ALA A 214 -5.45 13.79 -15.68
CA ALA A 214 -5.57 15.23 -15.74
C ALA A 214 -6.33 15.65 -16.98
N GLN A 215 -5.96 15.08 -18.12
CA GLN A 215 -6.60 15.44 -19.38
C GLN A 215 -8.09 15.13 -19.33
N GLU A 216 -8.45 13.93 -18.85
CA GLU A 216 -9.87 13.56 -18.76
C GLU A 216 -10.65 14.54 -17.89
N ARG A 217 -10.04 15.09 -16.86
CA ARG A 217 -10.74 15.94 -15.91
C ARG A 217 -10.59 17.43 -16.24
N GLY A 218 -10.02 17.78 -17.39
CA GLY A 218 -9.97 19.17 -17.81
C GLY A 218 -8.94 20.04 -17.12
N ALA A 219 -7.89 19.46 -16.54
CA ALA A 219 -6.83 20.20 -15.89
C ALA A 219 -5.53 20.01 -16.64
N ARG A 220 -4.60 20.96 -16.47
CA ARG A 220 -3.34 20.85 -17.17
C ARG A 220 -2.43 19.75 -16.62
N THR A 221 -2.57 19.36 -15.36
CA THR A 221 -1.66 18.34 -14.83
C THR A 221 -2.26 17.75 -13.56
N ALA A 222 -1.57 16.77 -13.00
CA ALA A 222 -2.05 16.09 -11.80
C ALA A 222 -0.93 15.96 -10.78
N PHE A 223 -1.30 15.94 -9.50
CA PHE A 223 -0.41 15.56 -8.42
C PHE A 223 -0.77 14.13 -7.99
N LEU A 224 0.24 13.31 -7.72
CA LEU A 224 -0.04 11.92 -7.32
C LEU A 224 0.11 11.79 -5.81
N LEU A 225 -0.74 10.95 -5.22
CA LEU A 225 -0.57 10.56 -3.83
C LEU A 225 0.19 9.24 -3.73
N ASP A 226 0.75 8.98 -2.54
CA ASP A 226 1.40 7.70 -2.27
C ASP A 226 0.38 6.77 -1.62
N SER A 227 0.85 5.57 -1.23
CA SER A 227 -0.05 4.54 -0.70
C SER A 227 -0.82 5.05 0.51
N ASP A 228 -0.18 5.85 1.35
CA ASP A 228 -0.76 6.35 2.59
C ASP A 228 -1.62 7.60 2.42
N GLY A 229 -1.78 8.09 1.19
CA GLY A 229 -2.60 9.26 0.93
C GLY A 229 -1.90 10.59 1.02
N PHE A 230 -0.57 10.63 1.03
CA PHE A 230 0.16 11.90 1.11
C PHE A 230 0.54 12.37 -0.28
N VAL A 231 0.69 13.70 -0.41
CA VAL A 231 1.03 14.34 -1.68
C VAL A 231 2.49 14.09 -2.04
N THR A 232 2.77 13.70 -3.28
CA THR A 232 4.15 13.41 -3.66
C THR A 232 4.61 14.45 -4.69
N GLU A 233 4.60 14.14 -5.97
CA GLU A 233 5.08 15.04 -7.02
C GLU A 233 4.12 14.87 -8.21
N GLY A 234 4.44 15.52 -9.33
CA GLY A 234 3.70 15.28 -10.55
C GLY A 234 4.59 14.73 -11.65
N PRO A 235 4.01 14.59 -12.87
CA PRO A 235 4.77 14.07 -14.01
C PRO A 235 5.86 15.04 -14.47
N GLY A 236 7.02 14.95 -13.84
CA GLY A 236 8.16 15.75 -14.23
C GLY A 236 8.44 16.99 -13.40
N PHE A 237 7.84 17.12 -12.20
CA PHE A 237 8.06 18.30 -11.37
C PHE A 237 7.73 18.00 -9.92
N ASN A 238 8.37 18.75 -9.01
CA ASN A 238 8.03 18.70 -7.59
C ASN A 238 6.88 19.67 -7.28
N VAL A 239 6.20 19.39 -6.18
CA VAL A 239 5.08 20.20 -5.69
C VAL A 239 5.47 20.86 -4.38
N LEU A 240 5.34 22.19 -4.32
CA LEU A 240 5.57 22.94 -3.09
C LEU A 240 4.35 23.80 -2.79
N MET A 241 4.15 24.10 -1.51
CA MET A 241 3.05 24.96 -1.11
C MET A 241 3.55 25.95 -0.08
N VAL A 242 2.80 27.04 0.06
CA VAL A 242 3.10 28.08 1.04
C VAL A 242 1.89 28.26 1.92
N LYS A 243 2.11 28.24 3.23
CA LYS A 243 1.06 28.48 4.21
C LYS A 243 1.63 29.31 5.35
N ASP A 244 1.08 30.51 5.56
CA ASP A 244 1.43 31.35 6.70
C ASP A 244 2.95 31.46 6.86
N GLY A 245 3.63 31.79 5.78
CA GLY A 245 5.05 32.08 5.86
C GLY A 245 5.98 30.89 5.93
N THR A 246 5.48 29.66 5.68
CA THR A 246 6.32 28.47 5.63
C THR A 246 6.08 27.76 4.30
N VAL A 247 7.17 27.28 3.68
CA VAL A 247 7.12 26.51 2.45
C VAL A 247 7.24 25.03 2.82
N PHE A 248 6.29 24.23 2.37
CA PHE A 248 6.23 22.79 2.62
C PHE A 248 6.36 22.05 1.31
N THR A 249 7.04 20.91 1.36
CA THR A 249 7.14 20.04 0.21
C THR A 249 7.46 18.64 0.73
N ALA A 250 7.00 17.63 -0.01
CA ALA A 250 7.13 16.24 0.43
C ALA A 250 8.59 15.82 0.56
N ALA A 251 8.84 14.92 1.51
CA ALA A 251 10.13 14.26 1.65
C ALA A 251 10.16 12.90 0.99
N ARG A 252 9.10 12.12 1.14
CA ARG A 252 9.06 10.72 0.73
C ARG A 252 8.38 10.58 -0.61
N ASN A 253 8.88 9.61 -1.39
CA ASN A 253 8.29 9.19 -2.66
C ASN A 253 8.32 10.29 -3.70
N VAL A 254 9.36 11.11 -3.68
CA VAL A 254 9.58 12.15 -4.68
C VAL A 254 11.05 12.18 -5.06
N LEU A 255 11.31 12.78 -6.20
CA LEU A 255 12.68 13.15 -6.55
C LEU A 255 13.09 14.36 -5.72
N PRO A 256 14.27 14.35 -5.09
CA PRO A 256 14.78 15.57 -4.43
C PRO A 256 15.28 16.55 -5.48
N GLY A 257 14.34 17.31 -6.05
CA GLY A 257 14.64 18.14 -7.20
C GLY A 257 15.64 19.24 -6.87
N ILE A 258 16.38 19.64 -7.90
CA ILE A 258 17.34 20.72 -7.71
C ILE A 258 16.67 22.07 -7.91
N THR A 259 15.59 22.14 -8.68
CA THR A 259 14.76 23.35 -8.67
C THR A 259 14.11 23.53 -7.31
N ARG A 260 13.54 22.44 -6.77
CA ARG A 260 13.04 22.47 -5.39
C ARG A 260 14.13 22.94 -4.44
N ARG A 261 15.34 22.40 -4.58
CA ARG A 261 16.43 22.78 -3.69
C ARG A 261 16.68 24.28 -3.78
N THR A 262 16.71 24.80 -5.00
CA THR A 262 16.95 26.23 -5.21
C THR A 262 15.81 27.06 -4.62
N ALA A 263 14.57 26.64 -4.85
CA ALA A 263 13.43 27.40 -4.35
C ALA A 263 13.44 27.49 -2.82
N LEU A 264 13.80 26.39 -2.14
CA LEU A 264 13.87 26.43 -0.69
C LEU A 264 15.04 27.28 -0.20
N GLU A 265 16.17 27.28 -0.92
CA GLU A 265 17.25 28.22 -0.59
C GLU A 265 16.77 29.67 -0.70
N ILE A 266 16.10 30.00 -1.80
CA ILE A 266 15.57 31.35 -1.99
C ILE A 266 14.56 31.68 -0.90
N ALA A 267 13.64 30.75 -0.62
CA ALA A 267 12.66 30.98 0.42
C ALA A 267 13.34 31.35 1.73
N ARG A 268 14.35 30.57 2.11
CA ARG A 268 15.07 30.87 3.36
C ARG A 268 15.77 32.22 3.29
N ASP A 269 16.39 32.54 2.15
CA ASP A 269 16.98 33.87 1.98
C ASP A 269 15.93 34.97 2.17
N PHE A 270 14.70 34.73 1.74
CA PHE A 270 13.60 35.69 1.89
C PHE A 270 13.08 35.76 3.32
N GLY A 271 13.54 34.91 4.23
CA GLY A 271 13.05 34.92 5.59
C GLY A 271 11.93 33.94 5.88
N LEU A 272 11.56 33.10 4.92
CA LEU A 272 10.54 32.10 5.16
C LEU A 272 11.14 30.86 5.83
N GLN A 273 10.30 30.12 6.52
CA GLN A 273 10.66 28.78 7.00
C GLN A 273 10.42 27.77 5.89
N THR A 274 11.19 26.67 5.90
CA THR A 274 11.02 25.58 4.93
C THR A 274 10.94 24.26 5.67
N VAL A 275 10.04 23.38 5.25
CA VAL A 275 9.83 22.07 5.87
C VAL A 275 9.72 21.03 4.77
N ILE A 276 10.71 20.14 4.67
CA ILE A 276 10.61 18.98 3.79
C ILE A 276 10.06 17.84 4.63
N GLY A 277 8.84 17.41 4.34
CA GLY A 277 8.16 16.41 5.16
C GLY A 277 6.77 16.17 4.61
N ASP A 278 6.00 15.37 5.35
CA ASP A 278 4.75 14.88 4.80
C ASP A 278 3.78 16.04 4.55
N VAL A 279 3.13 16.00 3.39
CA VAL A 279 2.15 17.00 2.96
C VAL A 279 0.85 16.29 2.67
N THR A 280 -0.24 16.76 3.27
CA THR A 280 -1.53 16.11 3.05
C THR A 280 -2.36 16.84 2.01
N PRO A 281 -3.32 16.15 1.41
CA PRO A 281 -4.30 16.86 0.56
C PRO A 281 -4.96 18.02 1.28
N GLU A 282 -5.30 17.84 2.56
CA GLU A 282 -5.92 18.91 3.34
C GLU A 282 -5.02 20.15 3.40
N MET A 283 -3.71 19.95 3.58
CA MET A 283 -2.78 21.07 3.59
C MET A 283 -2.79 21.81 2.26
N LEU A 284 -2.78 21.07 1.15
CA LEU A 284 -2.84 21.70 -0.16
C LEU A 284 -4.11 22.52 -0.30
N ARG A 285 -5.24 21.92 0.07
CA ARG A 285 -6.51 22.62 -0.10
C ARG A 285 -6.58 23.87 0.76
N GLY A 286 -5.79 23.94 1.82
CA GLY A 286 -5.70 25.10 2.68
C GLY A 286 -4.60 26.08 2.34
N ALA A 287 -3.76 25.78 1.34
CA ALA A 287 -2.56 26.58 1.13
C ALA A 287 -2.85 28.02 0.72
N ASP A 288 -1.93 28.92 1.08
CA ASP A 288 -1.92 30.26 0.48
C ASP A 288 -1.49 30.21 -0.99
N GLU A 289 -0.48 29.39 -1.31
CA GLU A 289 0.06 29.28 -2.66
C GLU A 289 0.53 27.85 -2.89
N ILE A 290 0.54 27.44 -4.15
CA ILE A 290 1.09 26.17 -4.59
C ILE A 290 1.90 26.45 -5.84
N PHE A 291 3.09 25.85 -5.96
CA PHE A 291 3.81 25.97 -7.21
C PHE A 291 4.58 24.71 -7.53
N ALA A 292 4.78 24.50 -8.83
CA ALA A 292 5.54 23.40 -9.37
C ALA A 292 6.98 23.83 -9.57
N ALA A 293 7.88 22.86 -9.52
CA ALA A 293 9.29 23.14 -9.63
C ALA A 293 9.96 22.06 -10.47
N THR A 294 10.69 22.47 -11.48
CA THR A 294 11.41 21.50 -12.29
C THR A 294 12.42 22.21 -13.18
N THR A 295 13.48 21.49 -13.58
CA THR A 295 14.45 22.07 -14.50
C THR A 295 13.79 22.42 -15.83
N ALA A 296 12.78 21.67 -16.27
CA ALA A 296 12.09 21.94 -17.53
C ALA A 296 11.03 23.01 -17.33
N GLY A 297 11.49 24.23 -17.05
CA GLY A 297 10.57 25.35 -17.01
C GLY A 297 10.68 26.26 -15.81
N GLY A 298 11.19 25.73 -14.70
CA GLY A 298 11.44 26.54 -13.52
C GLY A 298 10.34 26.44 -12.47
N VAL A 299 9.79 27.59 -12.08
CA VAL A 299 8.82 27.71 -10.99
C VAL A 299 7.50 28.14 -11.60
N THR A 300 6.46 27.32 -11.43
CA THR A 300 5.16 27.51 -12.08
C THR A 300 4.05 27.71 -11.05
N PRO A 301 3.34 28.84 -11.07
CA PRO A 301 2.19 28.99 -10.15
C PRO A 301 1.11 27.98 -10.48
N VAL A 302 0.50 27.41 -9.44
CA VAL A 302 -0.67 26.54 -9.60
C VAL A 302 -1.84 27.27 -8.95
N VAL A 303 -2.76 27.76 -9.78
CA VAL A 303 -3.77 28.69 -9.28
C VAL A 303 -5.13 28.04 -9.04
N ALA A 304 -5.30 26.78 -9.42
CA ALA A 304 -6.52 26.03 -9.15
C ALA A 304 -6.17 24.57 -8.89
N LEU A 305 -6.92 23.95 -7.98
CA LEU A 305 -6.70 22.55 -7.61
C LEU A 305 -8.06 21.88 -7.44
N ASP A 306 -8.28 20.80 -8.18
CA ASP A 306 -9.56 20.10 -8.16
C ASP A 306 -10.73 21.05 -8.41
N GLY A 307 -10.51 22.06 -9.25
CA GLY A 307 -11.56 22.98 -9.64
C GLY A 307 -11.83 24.10 -8.68
N ALA A 308 -11.07 24.22 -7.60
CA ALA A 308 -11.19 25.28 -6.63
C ALA A 308 -9.98 26.20 -6.69
N PRO A 309 -10.17 27.49 -6.45
CA PRO A 309 -9.04 28.42 -6.49
C PRO A 309 -8.04 28.11 -5.38
N VAL A 310 -6.77 28.25 -5.72
CA VAL A 310 -5.71 28.16 -4.72
C VAL A 310 -5.55 29.52 -4.08
N GLY A 311 -5.86 29.63 -2.79
CA GLY A 311 -5.74 30.90 -2.09
C GLY A 311 -6.64 31.94 -2.72
N ALA A 312 -6.06 33.08 -3.07
CA ALA A 312 -6.78 34.13 -3.76
C ALA A 312 -7.03 33.84 -5.23
N GLY A 313 -6.39 32.81 -5.78
CA GLY A 313 -6.61 32.40 -7.16
C GLY A 313 -5.72 33.06 -8.19
N VAL A 314 -4.80 33.92 -7.79
CA VAL A 314 -3.82 34.56 -8.67
C VAL A 314 -2.46 33.95 -8.35
N PRO A 315 -1.47 34.04 -9.23
CA PRO A 315 -0.11 33.61 -8.85
C PRO A 315 0.31 34.27 -7.55
N GLY A 316 0.72 33.44 -6.59
CA GLY A 316 0.95 33.93 -5.23
C GLY A 316 2.14 34.86 -5.13
N ASP A 317 2.15 35.62 -4.03
CA ASP A 317 3.16 36.65 -3.84
C ASP A 317 4.54 36.04 -3.68
N TRP A 318 4.68 35.00 -2.85
CA TRP A 318 5.99 34.40 -2.69
C TRP A 318 6.39 33.59 -3.92
N THR A 319 5.42 32.90 -4.55
CA THR A 319 5.72 32.21 -5.80
C THR A 319 6.37 33.15 -6.81
N ARG A 320 5.81 34.36 -6.95
CA ARG A 320 6.32 35.29 -7.95
C ARG A 320 7.72 35.77 -7.60
N LYS A 321 7.96 36.08 -6.33
CA LYS A 321 9.29 36.54 -5.94
C LYS A 321 10.32 35.42 -6.10
N ILE A 322 9.96 34.19 -5.75
CA ILE A 322 10.88 33.07 -5.91
C ILE A 322 11.18 32.85 -7.38
N ARG A 323 10.15 32.89 -8.23
CA ARG A 323 10.34 32.67 -9.65
C ARG A 323 11.22 33.77 -10.25
N THR A 324 10.96 35.03 -9.86
CA THR A 324 11.78 36.13 -10.37
C THR A 324 13.25 35.94 -9.96
N ARG A 325 13.48 35.60 -8.71
CA ARG A 325 14.85 35.42 -8.22
C ARG A 325 15.53 34.25 -8.93
N TYR A 326 14.80 33.15 -9.15
CA TYR A 326 15.34 31.98 -9.84
C TYR A 326 15.91 32.34 -11.20
N TRP A 327 15.14 33.10 -11.99
CA TRP A 327 15.60 33.46 -13.34
C TRP A 327 16.75 34.44 -13.30
N GLN A 328 16.76 35.36 -12.33
CA GLN A 328 17.89 36.27 -12.15
C GLN A 328 19.16 35.53 -11.78
N MET A 329 19.05 34.37 -11.12
CA MET A 329 20.22 33.56 -10.80
C MET A 329 20.89 33.00 -12.06
N MET A 330 20.22 32.98 -13.20
CA MET A 330 20.85 32.48 -14.43
C MET A 330 21.89 33.45 -14.98
N ASP A 331 21.88 34.70 -14.51
CA ASP A 331 22.79 35.72 -14.99
C ASP A 331 23.81 36.17 -13.95
N GLU A 332 23.50 36.00 -12.67
CA GLU A 332 24.34 36.50 -11.59
C GLU A 332 25.52 35.57 -11.33
N PRO A 333 26.75 36.01 -11.58
CA PRO A 333 27.93 35.20 -11.22
C PRO A 333 27.81 34.65 -9.81
N SER A 334 28.05 33.36 -9.67
CA SER A 334 27.85 32.70 -8.39
C SER A 334 28.38 31.28 -8.47
N ASP A 335 28.39 30.58 -7.33
CA ASP A 335 28.73 29.17 -7.36
C ASP A 335 27.67 28.33 -8.07
N LEU A 336 26.50 28.90 -8.37
CA LEU A 336 25.45 28.15 -9.04
C LEU A 336 25.63 28.10 -10.56
N ILE A 337 26.35 29.05 -11.17
CA ILE A 337 26.42 29.05 -12.63
C ILE A 337 27.87 28.97 -13.09
N GLU A 338 28.03 28.47 -14.31
CA GLU A 338 29.30 28.40 -14.95
C GLU A 338 29.05 28.71 -16.42
N PRO A 339 29.82 29.60 -17.03
CA PRO A 339 29.60 29.88 -18.46
C PRO A 339 30.13 28.73 -19.30
N VAL A 340 29.41 28.42 -20.36
CA VAL A 340 29.84 27.40 -21.31
C VAL A 340 30.72 28.06 -22.37
N SER A 341 31.84 27.42 -22.70
CA SER A 341 32.71 27.90 -23.77
C SER A 341 32.22 27.33 -25.09
N TYR A 342 31.71 28.18 -25.96
CA TYR A 342 31.23 27.75 -27.27
C TYR A 342 32.34 27.82 -28.32
N LEU B 13 -0.15 -14.62 24.87
CA LEU B 13 0.28 -13.31 24.42
C LEU B 13 0.76 -12.46 25.59
N THR B 14 1.80 -11.65 25.36
CA THR B 14 2.33 -10.77 26.40
C THR B 14 2.36 -9.32 25.93
N ILE B 23 1.52 -4.11 43.57
CA ILE B 23 1.64 -2.67 43.72
C ILE B 23 3.08 -2.21 43.66
N ILE B 24 4.01 -3.15 43.62
CA ILE B 24 5.43 -2.83 43.54
C ILE B 24 6.13 -3.96 42.80
N CYS B 25 7.05 -3.59 41.92
CA CYS B 25 7.77 -4.54 41.11
C CYS B 25 9.24 -4.54 41.53
N GLU B 26 9.90 -5.68 41.33
CA GLU B 26 11.35 -5.74 41.53
C GLU B 26 12.04 -4.73 40.62
N THR B 27 12.96 -3.97 41.18
CA THR B 27 13.81 -3.09 40.39
C THR B 27 15.27 -3.45 40.62
N VAL B 28 16.14 -2.98 39.73
CA VAL B 28 17.56 -3.29 39.83
C VAL B 28 18.16 -2.40 40.92
N PRO B 29 18.76 -2.99 41.95
CA PRO B 29 19.27 -2.17 43.06
C PRO B 29 20.38 -1.24 42.60
N GLY B 30 20.24 0.04 42.94
CA GLY B 30 21.24 1.04 42.65
C GLY B 30 21.03 1.80 41.36
N GLU B 31 20.19 1.30 40.45
CA GLU B 31 19.95 2.00 39.19
C GLU B 31 18.87 3.07 39.40
N ALA B 32 18.42 3.68 38.30
CA ALA B 32 17.62 4.90 38.37
C ALA B 32 16.14 4.66 38.65
N ILE B 33 15.68 3.42 38.62
CA ILE B 33 14.27 3.10 38.78
C ILE B 33 14.06 2.54 40.18
N GLN B 34 13.35 3.29 41.03
CA GLN B 34 13.03 2.82 42.37
C GLN B 34 11.61 3.26 42.74
N TYR B 35 10.82 2.32 43.23
CA TYR B 35 9.50 2.63 43.72
C TYR B 35 9.57 3.43 45.02
N SER B 36 8.45 4.03 45.39
CA SER B 36 8.34 4.69 46.68
C SER B 36 8.30 3.64 47.80
N ARG B 37 9.05 3.89 48.87
CA ARG B 37 8.94 3.10 50.09
C ARG B 37 7.75 3.60 50.88
N TYR B 38 6.70 2.80 50.98
CA TYR B 38 5.53 3.25 51.74
C TYR B 38 4.56 2.07 51.91
N SER B 39 3.57 2.29 52.78
CA SER B 39 2.49 1.36 53.05
C SER B 39 1.18 1.99 52.59
N LEU B 40 0.37 1.21 51.87
CA LEU B 40 -0.88 1.69 51.33
C LEU B 40 -2.01 1.30 52.28
N ASP B 41 -2.70 2.30 52.83
CA ASP B 41 -3.86 2.04 53.66
C ASP B 41 -5.02 1.55 52.79
N ARG B 42 -5.50 0.35 53.08
CA ARG B 42 -6.53 -0.29 52.29
C ARG B 42 -7.92 -0.13 52.89
N THR B 43 -8.10 0.79 53.85
CA THR B 43 -9.43 0.95 54.44
C THR B 43 -10.44 1.38 53.40
N SER B 44 -10.05 2.32 52.53
CA SER B 44 -10.97 2.70 51.45
C SER B 44 -10.96 1.64 50.36
N PRO B 45 -12.13 1.29 49.80
CA PRO B 45 -12.15 0.29 48.73
C PRO B 45 -11.55 0.78 47.43
N LEU B 46 -11.41 2.11 47.27
CA LEU B 46 -10.75 2.68 46.09
C LEU B 46 -9.23 2.58 46.18
N ALA B 47 -8.69 2.32 47.37
CA ALA B 47 -7.24 2.26 47.52
C ALA B 47 -6.68 1.09 46.71
N GLY B 48 -5.58 1.34 46.01
CA GLY B 48 -4.98 0.36 45.14
C GLY B 48 -5.40 0.48 43.68
N GLY B 49 -6.45 1.23 43.37
CA GLY B 49 -6.90 1.33 42.00
C GLY B 49 -8.32 1.87 41.89
N CYS B 50 -8.47 3.01 41.21
CA CYS B 50 -9.73 3.74 41.22
C CYS B 50 -10.11 4.09 39.78
N ALA B 51 -11.37 3.85 39.41
CA ALA B 51 -11.87 4.23 38.10
C ALA B 51 -13.00 5.25 38.27
N TRP B 52 -13.22 6.01 37.19
CA TRP B 52 -14.35 6.92 37.07
C TRP B 52 -15.20 6.46 35.89
N ILE B 53 -16.42 6.04 36.19
CA ILE B 53 -17.33 5.47 35.21
C ILE B 53 -18.68 6.15 35.41
N GLU B 54 -19.16 6.82 34.37
CA GLU B 54 -20.49 7.42 34.34
C GLU B 54 -20.81 8.09 35.68
N GLY B 55 -19.94 9.02 36.06
CA GLY B 55 -20.19 9.91 37.18
C GLY B 55 -19.81 9.42 38.55
N ALA B 56 -19.15 8.27 38.66
CA ALA B 56 -18.89 7.68 39.97
C ALA B 56 -17.47 7.13 40.04
N PHE B 57 -16.79 7.44 41.14
CA PHE B 57 -15.50 6.82 41.44
C PHE B 57 -15.74 5.45 42.06
N VAL B 58 -15.27 4.40 41.40
CA VAL B 58 -15.48 3.03 41.88
C VAL B 58 -14.13 2.32 41.90
N PRO B 59 -14.01 1.25 42.67
CA PRO B 59 -12.76 0.49 42.64
C PRO B 59 -12.49 -0.03 41.23
N ALA B 60 -11.22 -0.07 40.87
CA ALA B 60 -10.86 -0.46 39.51
C ALA B 60 -11.42 -1.84 39.17
N ALA B 61 -11.30 -2.78 40.12
CA ALA B 61 -11.74 -4.15 39.87
C ALA B 61 -13.23 -4.23 39.56
N ALA B 62 -14.00 -3.18 39.86
CA ALA B 62 -15.44 -3.19 39.61
C ALA B 62 -15.84 -2.31 38.45
N ALA B 63 -14.88 -1.74 37.71
CA ALA B 63 -15.19 -0.83 36.61
C ALA B 63 -15.67 -1.62 35.40
N ARG B 64 -16.89 -1.35 34.96
CA ARG B 64 -17.55 -2.05 33.86
C ARG B 64 -18.24 -1.02 32.98
N ILE B 65 -18.31 -1.33 31.68
CA ILE B 65 -18.93 -0.45 30.69
C ILE B 65 -19.99 -1.21 29.93
N SER B 66 -20.93 -0.45 29.35
CA SER B 66 -22.02 -1.06 28.59
C SER B 66 -21.47 -1.74 27.35
N ILE B 67 -21.82 -3.02 27.17
CA ILE B 67 -21.33 -3.75 26.01
C ILE B 67 -21.79 -3.11 24.71
N PHE B 68 -22.79 -2.21 24.77
CA PHE B 68 -23.31 -1.54 23.58
C PHE B 68 -22.60 -0.23 23.26
N ASP B 69 -21.64 0.17 24.07
CA ASP B 69 -20.80 1.31 23.72
C ASP B 69 -20.08 1.04 22.39
N ALA B 70 -20.20 1.97 21.44
CA ALA B 70 -19.48 1.86 20.19
C ALA B 70 -17.97 1.87 20.38
N GLY B 71 -17.48 2.31 21.55
CA GLY B 71 -16.07 2.14 21.85
C GLY B 71 -15.64 0.68 21.84
N PHE B 72 -16.58 -0.23 22.10
CA PHE B 72 -16.36 -1.68 21.97
C PHE B 72 -16.68 -2.18 20.57
N GLY B 73 -17.95 -2.12 20.15
CA GLY B 73 -18.36 -2.74 18.90
C GLY B 73 -17.74 -2.14 17.65
N HIS B 74 -17.24 -0.91 17.71
CA HIS B 74 -16.59 -0.29 16.56
C HIS B 74 -15.19 0.23 16.89
N SER B 75 -14.69 -0.03 18.10
CA SER B 75 -13.45 0.59 18.60
C SER B 75 -13.45 2.11 18.38
N ASP B 76 -14.62 2.72 18.57
CA ASP B 76 -14.79 4.15 18.38
C ASP B 76 -14.38 4.87 19.66
N VAL B 77 -13.06 4.98 19.84
CA VAL B 77 -12.49 5.39 21.11
C VAL B 77 -11.06 5.84 20.86
N THR B 78 -10.61 6.81 21.64
CA THR B 78 -9.21 7.21 21.71
C THR B 78 -8.91 7.51 23.17
N TYR B 79 -7.61 7.61 23.49
CA TYR B 79 -7.19 7.65 24.89
C TYR B 79 -5.77 8.16 24.97
N THR B 80 -5.33 8.38 26.21
CA THR B 80 -3.92 8.46 26.54
C THR B 80 -3.71 7.82 27.90
N VAL B 81 -2.44 7.56 28.20
CA VAL B 81 -2.01 7.07 29.50
C VAL B 81 -0.90 7.99 29.99
N ALA B 82 -1.16 8.72 31.06
CA ALA B 82 -0.15 9.47 31.78
C ALA B 82 0.19 8.72 33.04
N HIS B 83 1.39 8.96 33.58
CA HIS B 83 1.78 8.21 34.75
C HIS B 83 2.10 9.14 35.93
N VAL B 84 2.03 8.54 37.11
CA VAL B 84 2.48 9.17 38.35
C VAL B 84 3.69 8.40 38.82
N TRP B 85 4.74 9.11 39.22
CA TRP B 85 5.92 8.48 39.81
C TRP B 85 6.33 9.27 41.05
N HIS B 86 6.61 8.56 42.15
CA HIS B 86 6.92 9.20 43.44
C HIS B 86 5.88 10.25 43.80
N GLY B 87 4.61 9.94 43.52
CA GLY B 87 3.53 10.86 43.79
C GLY B 87 3.49 12.11 42.92
N ASN B 88 4.19 12.10 41.79
CA ASN B 88 4.23 13.24 40.87
C ASN B 88 3.63 12.83 39.53
N PHE B 89 2.62 13.57 39.07
CA PHE B 89 2.18 13.45 37.69
C PHE B 89 3.27 13.93 36.76
N PHE B 90 3.49 13.20 35.66
CA PHE B 90 4.50 13.55 34.67
C PHE B 90 3.82 13.99 33.37
N ARG B 91 3.96 15.28 33.04
CA ARG B 91 3.46 15.84 31.79
C ARG B 91 1.97 15.59 31.63
N LEU B 92 1.24 15.73 32.74
CA LEU B 92 -0.20 15.57 32.69
C LEU B 92 -0.84 16.48 31.64
N GLU B 93 -0.42 17.74 31.59
CA GLU B 93 -1.04 18.68 30.67
C GLU B 93 -0.82 18.27 29.22
N ASP B 94 0.41 17.89 28.88
CA ASP B 94 0.71 17.45 27.52
C ASP B 94 -0.14 16.24 27.12
N HIS B 95 -0.34 15.30 28.04
CA HIS B 95 -1.13 14.12 27.71
C HIS B 95 -2.57 14.48 27.41
N VAL B 96 -3.16 15.37 28.22
CA VAL B 96 -4.55 15.73 28.02
C VAL B 96 -4.72 16.51 26.72
N GLU B 97 -3.79 17.41 26.42
CA GLU B 97 -3.87 18.14 25.15
C GLU B 97 -3.79 17.19 23.95
N ARG B 98 -2.83 16.25 23.96
CA ARG B 98 -2.75 15.30 22.86
C ARG B 98 -4.03 14.48 22.77
N PHE B 99 -4.51 14.01 23.92
CA PHE B 99 -5.74 13.23 23.97
C PHE B 99 -6.89 14.01 23.34
N LEU B 100 -7.04 15.28 23.72
CA LEU B 100 -8.11 16.11 23.17
C LEU B 100 -7.99 16.27 21.66
N ALA B 101 -6.76 16.42 21.16
CA ALA B 101 -6.57 16.66 19.73
C ALA B 101 -6.88 15.43 18.91
N GLY B 102 -6.50 14.25 19.40
CA GLY B 102 -6.84 13.02 18.68
C GLY B 102 -8.34 12.78 18.64
N ALA B 103 -9.02 13.09 19.74
CA ALA B 103 -10.48 12.98 19.79
C ALA B 103 -11.14 13.91 18.77
N GLU B 104 -10.63 15.14 18.64
CA GLU B 104 -11.09 16.04 17.58
C GLU B 104 -10.88 15.42 16.20
N LYS B 105 -9.67 14.90 15.96
CA LYS B 105 -9.36 14.32 14.66
C LYS B 105 -10.24 13.10 14.39
N MET B 106 -10.58 12.35 15.43
CA MET B 106 -11.44 11.20 15.27
C MET B 106 -12.92 11.59 15.25
N ARG B 107 -13.23 12.84 15.54
CA ARG B 107 -14.61 13.38 15.46
C ARG B 107 -15.49 12.84 16.57
N ILE B 108 -14.90 12.51 17.71
CA ILE B 108 -15.64 12.08 18.89
C ILE B 108 -15.91 13.31 19.77
N PRO B 109 -17.15 13.76 19.90
CA PRO B 109 -17.43 14.90 20.77
C PRO B 109 -16.96 14.62 22.19
N MET B 110 -16.30 15.60 22.80
CA MET B 110 -15.74 15.41 24.13
C MET B 110 -16.77 15.79 25.17
N PRO B 111 -17.12 14.90 26.11
CA PRO B 111 -18.15 15.23 27.11
C PRO B 111 -17.58 15.89 28.36
N ALA B 112 -16.43 16.56 28.23
CA ALA B 112 -15.77 17.17 29.37
C ALA B 112 -14.78 18.20 28.88
N THR B 113 -14.42 19.13 29.76
CA THR B 113 -13.40 20.11 29.42
C THR B 113 -12.03 19.58 29.84
N LYS B 114 -10.98 20.22 29.30
CA LYS B 114 -9.62 19.87 29.67
C LYS B 114 -9.43 19.93 31.19
N ALA B 115 -9.87 21.02 31.81
CA ALA B 115 -9.77 21.14 33.26
C ALA B 115 -10.54 20.01 33.95
N GLU B 116 -11.74 19.71 33.48
CA GLU B 116 -12.52 18.64 34.09
C GLU B 116 -11.79 17.30 33.99
N ILE B 117 -11.27 17.00 32.80
CA ILE B 117 -10.54 15.73 32.59
C ILE B 117 -9.37 15.64 33.55
N MET B 118 -8.60 16.73 33.67
CA MET B 118 -7.42 16.69 34.52
C MET B 118 -7.79 16.46 35.98
N ASP B 119 -8.95 16.94 36.41
CA ASP B 119 -9.35 16.78 37.80
C ASP B 119 -9.85 15.37 38.07
N LEU B 120 -10.54 14.77 37.10
CA LEU B 120 -10.92 13.37 37.23
C LEU B 120 -9.68 12.48 37.32
N MET B 121 -8.65 12.77 36.52
CA MET B 121 -7.43 11.98 36.58
C MET B 121 -6.71 12.16 37.90
N ARG B 122 -6.61 13.40 38.39
CA ARG B 122 -6.03 13.61 39.71
C ARG B 122 -6.85 12.91 40.78
N GLY B 123 -8.17 12.97 40.67
CA GLY B 123 -9.02 12.32 41.67
C GLY B 123 -8.83 10.81 41.71
N CYS B 124 -8.82 10.18 40.54
CA CYS B 124 -8.60 8.73 40.50
C CYS B 124 -7.28 8.37 41.18
N VAL B 125 -6.20 9.11 40.90
CA VAL B 125 -4.91 8.80 41.54
C VAL B 125 -4.96 9.08 43.03
N SER B 126 -5.56 10.21 43.42
CA SER B 126 -5.60 10.57 44.84
C SER B 126 -6.37 9.51 45.62
N LYS B 127 -7.59 9.19 45.16
CA LYS B 127 -8.37 8.16 45.83
C LYS B 127 -7.69 6.80 45.80
N SER B 128 -6.87 6.53 44.77
CA SER B 128 -6.17 5.24 44.71
C SER B 128 -5.04 5.14 45.71
N GLY B 129 -4.50 6.26 46.18
CA GLY B 129 -3.37 6.20 47.08
C GLY B 129 -2.06 5.78 46.45
N LEU B 130 -2.05 5.50 45.15
CA LEU B 130 -0.86 4.99 44.49
C LEU B 130 0.12 6.11 44.20
N ARG B 131 1.38 5.90 44.58
CA ARG B 131 2.45 6.84 44.27
C ARG B 131 3.15 6.55 42.96
N GLU B 132 3.06 5.31 42.48
CA GLU B 132 3.49 4.93 41.13
C GLU B 132 2.28 4.32 40.43
N ALA B 133 1.76 5.02 39.42
CA ALA B 133 0.49 4.65 38.82
C ALA B 133 0.50 4.91 37.31
N ALA B 134 -0.37 4.18 36.61
CA ALA B 134 -0.73 4.46 35.23
C ALA B 134 -2.17 4.97 35.22
N VAL B 135 -2.39 6.06 34.50
CA VAL B 135 -3.69 6.72 34.53
C VAL B 135 -4.20 6.79 33.09
N ASN B 136 -5.18 5.94 32.80
CA ASN B 136 -5.79 5.88 31.47
C ASN B 136 -7.04 6.76 31.45
N VAL B 137 -7.16 7.60 30.42
CA VAL B 137 -8.41 8.28 30.13
C VAL B 137 -8.76 8.00 28.67
N CYS B 138 -10.02 7.67 28.39
CA CYS B 138 -10.46 7.49 27.02
C CYS B 138 -11.85 8.09 26.86
N VAL B 139 -12.19 8.43 25.62
CA VAL B 139 -13.53 8.85 25.24
C VAL B 139 -13.99 7.93 24.11
N THR B 140 -15.22 7.41 24.23
CA THR B 140 -15.85 6.60 23.21
C THR B 140 -17.03 7.34 22.59
N ARG B 141 -17.45 6.87 21.44
CA ARG B 141 -18.66 7.38 20.80
C ARG B 141 -19.92 7.14 21.64
N GLY B 142 -19.86 6.22 22.62
CA GLY B 142 -20.98 6.02 23.54
C GLY B 142 -21.94 4.92 23.10
N TYR B 143 -22.96 4.69 23.92
CA TYR B 143 -23.92 3.61 23.68
C TYR B 143 -25.33 4.14 23.42
N GLY B 144 -25.43 5.35 22.89
CA GLY B 144 -26.72 6.01 22.77
C GLY B 144 -26.93 7.01 23.89
N ARG B 145 -28.08 7.67 23.84
CA ARG B 145 -28.39 8.70 24.82
C ARG B 145 -28.22 8.16 26.23
N LYS B 146 -27.62 8.97 27.09
CA LYS B 146 -27.30 8.55 28.44
C LYS B 146 -28.58 8.27 29.24
N PRO B 147 -28.52 7.38 30.22
CA PRO B 147 -29.67 7.18 31.11
C PRO B 147 -30.06 8.50 31.77
N GLY B 148 -31.37 8.75 31.83
CA GLY B 148 -31.82 10.08 32.16
C GLY B 148 -31.63 11.02 30.98
N GLU B 149 -31.82 10.53 29.76
CA GLU B 149 -31.79 11.34 28.55
C GLU B 149 -32.54 12.64 28.78
N LYS B 150 -31.85 13.78 28.90
CA LYS B 150 -32.69 14.96 29.11
C LYS B 150 -32.84 15.85 27.86
N THR B 151 -32.01 15.74 26.85
CA THR B 151 -32.39 16.21 25.52
C THR B 151 -31.69 15.40 24.45
N LEU B 152 -32.16 15.59 23.21
CA LEU B 152 -31.66 14.81 22.07
C LEU B 152 -30.19 15.12 21.77
N GLU B 153 -29.76 16.37 21.96
CA GLU B 153 -28.39 16.75 21.64
C GLU B 153 -27.49 16.91 22.85
N ALA B 154 -27.92 16.46 24.03
CA ALA B 154 -26.93 16.16 25.06
C ALA B 154 -25.97 15.13 24.50
N LEU B 155 -24.69 15.27 24.84
CA LEU B 155 -23.67 14.44 24.20
C LEU B 155 -23.77 12.98 24.65
N GLU B 156 -23.69 12.07 23.68
CA GLU B 156 -23.73 10.63 23.93
C GLU B 156 -22.35 10.04 24.23
N SER B 157 -21.27 10.76 23.95
CA SER B 157 -19.92 10.22 24.17
C SER B 157 -19.70 9.93 25.64
N GLN B 158 -18.87 8.93 25.92
CA GLN B 158 -18.58 8.55 27.29
C GLN B 158 -17.09 8.73 27.56
N LEU B 159 -16.80 9.30 28.72
CA LEU B 159 -15.44 9.39 29.25
C LEU B 159 -15.30 8.35 30.35
N TYR B 160 -14.29 7.49 30.23
CA TYR B 160 -13.93 6.58 31.30
C TYR B 160 -12.48 6.85 31.71
N VAL B 161 -12.20 6.75 33.01
CA VAL B 161 -10.88 7.03 33.57
C VAL B 161 -10.53 5.94 34.58
N TYR B 162 -9.26 5.55 34.65
CA TYR B 162 -8.83 4.73 35.78
C TYR B 162 -7.37 4.97 36.08
N ALA B 163 -7.04 4.84 37.37
CA ALA B 163 -5.65 4.83 37.85
C ALA B 163 -5.38 3.49 38.52
N ILE B 164 -4.32 2.83 38.06
CA ILE B 164 -3.98 1.50 38.57
C ILE B 164 -2.47 1.48 38.75
N PRO B 165 -1.90 0.45 39.36
CA PRO B 165 -0.45 0.43 39.54
C PRO B 165 0.29 0.55 38.21
N TYR B 166 1.44 1.22 38.26
CA TYR B 166 2.28 1.45 37.10
C TYR B 166 2.49 0.15 36.32
N LEU B 167 2.35 0.25 34.99
CA LEU B 167 2.49 -0.87 34.05
C LEU B 167 3.84 -0.82 33.34
N TRP B 168 4.37 -2.01 33.01
CA TRP B 168 5.66 -2.17 32.35
C TRP B 168 5.46 -2.95 31.06
N VAL B 169 5.70 -2.32 29.90
CA VAL B 169 5.78 -3.11 28.68
C VAL B 169 6.97 -4.04 28.77
N PHE B 170 8.10 -3.51 29.22
CA PHE B 170 9.30 -4.30 29.49
C PHE B 170 9.65 -4.12 30.95
N SER B 171 10.05 -5.23 31.61
CA SER B 171 10.23 -5.22 33.05
C SER B 171 11.28 -4.19 33.47
N PRO B 172 11.22 -3.76 34.74
CA PRO B 172 12.27 -2.89 35.27
C PRO B 172 13.67 -3.44 35.07
N ILE B 173 13.84 -4.76 35.10
CA ILE B 173 15.16 -5.35 34.83
C ILE B 173 15.56 -5.11 33.39
N ARG B 174 14.65 -5.39 32.44
CA ARG B 174 14.96 -5.18 31.03
C ARG B 174 15.22 -3.70 30.72
N GLN B 175 14.58 -2.79 31.47
CA GLN B 175 14.88 -1.37 31.28
C GLN B 175 16.38 -1.10 31.44
N ILE B 176 17.05 -1.88 32.28
CA ILE B 176 18.50 -1.70 32.48
C ILE B 176 19.29 -2.59 31.52
N GLU B 177 18.91 -3.86 31.40
CA GLU B 177 19.74 -4.83 30.69
C GLU B 177 19.45 -4.90 29.20
N GLY B 178 18.29 -4.44 28.74
CA GLY B 178 17.99 -4.39 27.33
C GLY B 178 17.10 -5.54 26.88
N ILE B 179 16.60 -5.41 25.64
CA ILE B 179 15.71 -6.41 25.04
C ILE B 179 16.18 -6.67 23.61
N ASP B 180 15.69 -7.75 23.03
CA ASP B 180 15.93 -8.05 21.62
C ASP B 180 14.64 -7.90 20.84
N ALA B 181 14.76 -7.57 19.57
CA ALA B 181 13.58 -7.27 18.77
C ALA B 181 13.76 -7.87 17.38
N VAL B 182 12.64 -7.99 16.65
CA VAL B 182 12.69 -8.33 15.23
C VAL B 182 11.93 -7.26 14.47
N ILE B 183 12.32 -7.06 13.21
CA ILE B 183 11.46 -6.35 12.28
C ILE B 183 10.40 -7.33 11.79
N ALA B 184 9.13 -7.00 12.02
CA ALA B 184 8.06 -7.90 11.60
C ALA B 184 8.04 -8.07 10.08
N GLN B 185 7.85 -9.32 9.64
CA GLN B 185 7.72 -9.66 8.22
C GLN B 185 6.32 -10.14 7.85
N SER B 186 5.46 -10.45 8.82
CA SER B 186 4.17 -11.07 8.55
C SER B 186 3.01 -10.09 8.68
N VAL B 187 3.27 -8.85 9.09
CA VAL B 187 2.23 -7.87 9.38
C VAL B 187 2.85 -6.50 9.16
N ARG B 188 2.03 -5.51 8.82
CA ARG B 188 2.45 -4.12 8.70
C ARG B 188 1.62 -3.24 9.60
N ARG B 189 2.13 -2.02 9.88
CA ARG B 189 1.39 -1.07 10.70
C ARG B 189 0.20 -0.50 9.90
N SER B 190 -0.88 -0.22 10.63
CA SER B 190 -2.06 0.40 10.05
C SER B 190 -1.68 1.70 9.33
N PRO B 191 -2.05 1.87 8.06
CA PRO B 191 -1.71 3.10 7.35
C PRO B 191 -2.45 4.32 7.90
N ALA B 192 -1.85 5.49 7.65
CA ALA B 192 -2.48 6.73 8.09
C ALA B 192 -3.86 6.93 7.45
N ASN B 193 -4.08 6.37 6.26
CA ASN B 193 -5.35 6.53 5.54
C ASN B 193 -6.26 5.31 5.71
N VAL B 194 -6.06 4.57 6.78
CA VAL B 194 -6.97 3.49 7.19
C VAL B 194 -7.43 3.87 8.59
N MET B 195 -6.53 3.75 9.57
CA MET B 195 -6.75 4.25 10.91
C MET B 195 -5.40 4.73 11.43
N ASP B 196 -5.28 6.03 11.63
CA ASP B 196 -3.97 6.66 11.77
C ASP B 196 -3.33 6.35 13.11
N PRO B 197 -2.12 5.76 13.14
CA PRO B 197 -1.41 5.58 14.41
C PRO B 197 -1.16 6.90 15.14
N TRP B 198 -1.21 8.03 14.43
CA TRP B 198 -1.03 9.33 15.08
C TRP B 198 -2.07 9.55 16.19
N ILE B 199 -3.27 9.00 16.02
CA ILE B 199 -4.30 9.01 17.05
C ILE B 199 -4.12 7.79 17.92
N LYS B 200 -3.81 7.99 19.20
CA LYS B 200 -3.70 6.83 20.08
C LYS B 200 -5.02 6.07 20.11
N ASN B 201 -4.99 4.77 19.84
CA ASN B 201 -6.25 4.04 19.68
C ASN B 201 -6.10 2.59 20.14
N TYR B 202 -7.25 1.91 20.22
CA TYR B 202 -7.37 0.54 20.71
C TYR B 202 -7.41 -0.49 19.61
N GLN B 203 -7.22 -0.09 18.35
CA GLN B 203 -7.22 -1.05 17.25
C GLN B 203 -5.82 -1.65 17.20
N TRP B 204 -5.63 -2.77 17.91
CA TRP B 204 -4.30 -3.37 18.02
C TRP B 204 -4.17 -4.65 17.20
N GLY B 205 -5.06 -4.87 16.20
CA GLY B 205 -4.99 -6.11 15.44
C GLY B 205 -3.61 -6.38 14.87
N ASP B 206 -2.97 -5.34 14.30
CA ASP B 206 -1.64 -5.51 13.74
C ASP B 206 -0.58 -5.61 14.83
N LEU B 207 -0.73 -4.84 15.91
CA LEU B 207 0.24 -4.86 16.99
C LEU B 207 0.23 -6.20 17.72
N VAL B 208 -0.96 -6.80 17.90
CA VAL B 208 -1.02 -8.15 18.47
C VAL B 208 -0.41 -9.19 17.51
N ARG B 209 -0.67 -9.06 16.19
CA ARG B 209 -0.03 -10.00 15.26
C ARG B 209 1.48 -9.90 15.34
N ALA B 210 2.02 -8.67 15.48
CA ALA B 210 3.45 -8.49 15.56
C ALA B 210 3.99 -9.07 16.85
N THR B 211 3.22 -8.99 17.93
CA THR B 211 3.65 -9.60 19.19
C THR B 211 3.75 -11.12 19.05
N PHE B 212 2.76 -11.75 18.42
CA PHE B 212 2.84 -13.20 18.16
C PHE B 212 4.04 -13.56 17.32
N GLU B 213 4.35 -12.75 16.28
CA GLU B 213 5.47 -13.08 15.40
C GLU B 213 6.80 -12.98 16.16
N ALA B 214 6.96 -11.94 16.98
CA ALA B 214 8.14 -11.86 17.83
C ALA B 214 8.31 -13.13 18.66
N GLN B 215 7.25 -13.53 19.36
CA GLN B 215 7.33 -14.73 20.18
C GLN B 215 7.73 -15.94 19.35
N GLU B 216 7.09 -16.12 18.17
CA GLU B 216 7.43 -17.25 17.33
C GLU B 216 8.87 -17.19 16.82
N ARG B 217 9.43 -15.99 16.69
CA ARG B 217 10.80 -15.86 16.26
C ARG B 217 11.78 -15.79 17.43
N GLY B 218 11.28 -15.91 18.65
CA GLY B 218 12.13 -15.92 19.83
C GLY B 218 12.71 -14.60 20.25
N ALA B 219 12.05 -13.48 19.94
CA ALA B 219 12.49 -12.16 20.38
C ALA B 219 11.50 -11.57 21.36
N ARG B 220 11.95 -10.58 22.12
CA ARG B 220 11.06 -9.98 23.11
C ARG B 220 9.96 -9.16 22.46
N THR B 221 10.23 -8.52 21.32
CA THR B 221 9.20 -7.66 20.72
C THR B 221 9.46 -7.52 19.23
N ALA B 222 8.59 -6.75 18.56
CA ALA B 222 8.70 -6.51 17.12
C ALA B 222 8.56 -5.03 16.81
N PHE B 223 9.25 -4.60 15.77
CA PHE B 223 9.04 -3.30 15.15
C PHE B 223 8.26 -3.52 13.85
N LEU B 224 7.21 -2.72 13.61
CA LEU B 224 6.45 -2.87 12.36
C LEU B 224 6.90 -1.86 11.31
N LEU B 225 6.88 -2.28 10.04
CA LEU B 225 7.12 -1.41 8.90
C LEU B 225 5.78 -0.92 8.37
N ASP B 226 5.81 0.22 7.65
CA ASP B 226 4.61 0.68 6.97
C ASP B 226 4.61 0.15 5.53
N SER B 227 3.63 0.58 4.72
CA SER B 227 3.45 -0.03 3.41
C SER B 227 4.65 0.22 2.50
N ASP B 228 5.34 1.35 2.67
CA ASP B 228 6.52 1.70 1.88
C ASP B 228 7.83 1.11 2.43
N GLY B 229 7.77 0.31 3.49
CA GLY B 229 8.95 -0.35 4.00
C GLY B 229 9.73 0.41 5.06
N PHE B 230 9.16 1.47 5.62
CA PHE B 230 9.84 2.27 6.62
C PHE B 230 9.48 1.80 8.02
N VAL B 231 10.40 2.03 8.96
CA VAL B 231 10.21 1.62 10.35
C VAL B 231 9.25 2.57 11.05
N THR B 232 8.28 2.02 11.80
CA THR B 232 7.30 2.86 12.46
C THR B 232 7.49 2.72 13.97
N GLU B 233 6.70 1.91 14.65
CA GLU B 233 6.73 1.78 16.10
C GLU B 233 6.49 0.30 16.40
N GLY B 234 6.35 -0.02 17.68
CA GLY B 234 6.04 -1.37 18.09
C GLY B 234 4.78 -1.39 18.92
N PRO B 235 4.47 -2.56 19.47
CA PRO B 235 3.23 -2.71 20.26
C PRO B 235 3.30 -2.00 21.59
N GLY B 236 3.03 -0.70 21.57
CA GLY B 236 2.98 0.08 22.79
C GLY B 236 4.19 0.95 23.03
N PHE B 237 5.00 1.22 22.01
CA PHE B 237 6.20 2.03 22.23
C PHE B 237 6.66 2.58 20.88
N ASN B 238 7.33 3.72 20.95
CA ASN B 238 8.04 4.32 19.83
C ASN B 238 9.43 3.71 19.75
N VAL B 239 10.03 3.83 18.57
CA VAL B 239 11.37 3.30 18.29
C VAL B 239 12.27 4.47 17.95
N LEU B 240 13.43 4.55 18.62
CA LEU B 240 14.41 5.60 18.33
C LEU B 240 15.75 4.93 18.08
N MET B 241 16.62 5.59 17.31
CA MET B 241 17.95 5.07 17.08
C MET B 241 18.95 6.22 17.14
N VAL B 242 20.20 5.87 17.44
CA VAL B 242 21.27 6.84 17.57
C VAL B 242 22.35 6.47 16.57
N LYS B 243 22.83 7.45 15.82
CA LYS B 243 23.89 7.18 14.85
C LYS B 243 24.71 8.46 14.68
N ASP B 244 25.99 8.37 15.03
CA ASP B 244 26.96 9.45 14.80
C ASP B 244 26.43 10.81 15.25
N GLY B 245 25.97 10.87 16.50
CA GLY B 245 25.59 12.15 17.06
C GLY B 245 24.18 12.60 16.75
N THR B 246 23.37 11.77 16.11
CA THR B 246 21.99 12.14 15.79
C THR B 246 21.04 11.05 16.28
N VAL B 247 19.89 11.47 16.83
CA VAL B 247 18.83 10.57 17.21
C VAL B 247 17.75 10.65 16.14
N PHE B 248 17.35 9.50 15.60
CA PHE B 248 16.37 9.42 14.52
C PHE B 248 15.14 8.68 15.02
N THR B 249 13.95 9.12 14.58
CA THR B 249 12.73 8.40 14.93
C THR B 249 11.68 8.77 13.90
N ALA B 250 10.78 7.82 13.63
CA ALA B 250 9.79 7.97 12.57
C ALA B 250 8.86 9.16 12.83
N ALA B 251 8.50 9.85 11.74
CA ALA B 251 7.42 10.84 11.77
C ALA B 251 6.06 10.24 11.44
N ARG B 252 6.00 9.38 10.43
CA ARG B 252 4.75 8.91 9.84
C ARG B 252 4.36 7.54 10.36
N ASN B 253 3.06 7.32 10.55
CA ASN B 253 2.52 6.01 10.90
C ASN B 253 2.95 5.59 12.31
N VAL B 254 3.10 6.56 13.21
CA VAL B 254 3.40 6.29 14.60
C VAL B 254 2.60 7.24 15.49
N LEU B 255 2.46 6.85 16.74
CA LEU B 255 2.01 7.79 17.75
C LEU B 255 3.13 8.79 18.05
N PRO B 256 2.84 10.11 18.08
CA PRO B 256 3.83 11.07 18.61
C PRO B 256 3.94 10.97 20.12
N GLY B 257 4.78 10.05 20.59
CA GLY B 257 4.76 9.70 21.99
C GLY B 257 5.33 10.81 22.86
N ILE B 258 4.81 10.89 24.08
CA ILE B 258 5.35 11.91 24.98
C ILE B 258 6.64 11.42 25.64
N THR B 259 6.83 10.11 25.79
CA THR B 259 8.16 9.63 26.18
C THR B 259 9.18 9.94 25.09
N ARG B 260 8.79 9.71 23.83
CA ARG B 260 9.66 10.10 22.72
C ARG B 260 9.96 11.58 22.75
N ARG B 261 8.94 12.41 22.99
CA ARG B 261 9.16 13.86 23.06
C ARG B 261 10.19 14.21 24.12
N THR B 262 10.07 13.59 25.30
CA THR B 262 11.02 13.84 26.39
C THR B 262 12.42 13.38 26.01
N ALA B 263 12.53 12.17 25.47
CA ALA B 263 13.84 11.64 25.07
C ALA B 263 14.52 12.55 24.08
N LEU B 264 13.77 13.13 23.14
CA LEU B 264 14.38 14.04 22.17
C LEU B 264 14.77 15.37 22.83
N GLU B 265 13.96 15.85 23.78
CA GLU B 265 14.36 17.05 24.53
C GLU B 265 15.67 16.79 25.26
N ILE B 266 15.75 15.65 25.93
CA ILE B 266 16.95 15.29 26.70
C ILE B 266 18.15 15.19 25.78
N ALA B 267 17.98 14.54 24.62
CA ALA B 267 19.07 14.38 23.66
C ALA B 267 19.62 15.73 23.21
N ARG B 268 18.72 16.67 22.87
CA ARG B 268 19.18 17.99 22.43
C ARG B 268 19.87 18.72 23.58
N ASP B 269 19.38 18.55 24.80
CA ASP B 269 20.08 19.12 25.95
C ASP B 269 21.48 18.54 26.11
N PHE B 270 21.69 17.28 25.69
CA PHE B 270 22.99 16.64 25.71
C PHE B 270 23.87 17.03 24.52
N GLY B 271 23.38 17.86 23.61
CA GLY B 271 24.15 18.27 22.46
C GLY B 271 23.93 17.48 21.18
N LEU B 272 23.06 16.47 21.21
CA LEU B 272 22.80 15.67 20.02
C LEU B 272 21.81 16.36 19.08
N GLN B 273 21.92 16.04 17.79
CA GLN B 273 20.88 16.42 16.84
C GLN B 273 19.71 15.46 16.96
N THR B 274 18.52 15.93 16.58
CA THR B 274 17.36 15.04 16.54
C THR B 274 16.63 15.20 15.21
N VAL B 275 16.20 14.08 14.64
CA VAL B 275 15.50 14.11 13.36
C VAL B 275 14.25 13.26 13.51
N ILE B 276 13.08 13.89 13.42
CA ILE B 276 11.82 13.16 13.28
C ILE B 276 11.54 13.05 11.79
N GLY B 277 11.63 11.84 11.24
CA GLY B 277 11.53 11.66 9.80
C GLY B 277 11.69 10.19 9.45
N ASP B 278 11.69 9.89 8.15
CA ASP B 278 11.67 8.49 7.72
C ASP B 278 12.90 7.74 8.21
N VAL B 279 12.66 6.56 8.78
CA VAL B 279 13.71 5.65 9.26
C VAL B 279 13.61 4.37 8.44
N THR B 280 14.72 3.93 7.89
CA THR B 280 14.72 2.70 7.10
C THR B 280 15.24 1.53 7.92
N PRO B 281 14.90 0.31 7.52
CA PRO B 281 15.56 -0.87 8.13
C PRO B 281 17.09 -0.81 8.02
N GLU B 282 17.64 -0.33 6.89
CA GLU B 282 19.10 -0.24 6.77
C GLU B 282 19.68 0.74 7.79
N MET B 283 18.96 1.84 8.06
CA MET B 283 19.42 2.76 9.11
C MET B 283 19.50 2.05 10.46
N LEU B 284 18.47 1.27 10.80
CA LEU B 284 18.47 0.52 12.06
C LEU B 284 19.63 -0.47 12.13
N ARG B 285 19.86 -1.21 11.04
CA ARG B 285 20.93 -2.19 11.04
C ARG B 285 22.30 -1.54 11.12
N GLY B 286 22.43 -0.28 10.72
CA GLY B 286 23.68 0.42 10.90
C GLY B 286 23.80 1.24 12.15
N ALA B 287 22.78 1.24 13.02
CA ALA B 287 22.71 2.20 14.12
C ALA B 287 23.77 1.92 15.19
N ASP B 288 24.23 2.99 15.84
CA ASP B 288 25.04 2.81 17.05
C ASP B 288 24.19 2.23 18.18
N GLU B 289 22.96 2.71 18.35
CA GLU B 289 22.09 2.32 19.46
C GLU B 289 20.64 2.38 18.98
N ILE B 290 19.81 1.55 19.59
CA ILE B 290 18.36 1.58 19.40
C ILE B 290 17.71 1.53 20.77
N PHE B 291 16.62 2.30 20.96
CA PHE B 291 15.86 2.16 22.19
C PHE B 291 14.37 2.42 21.97
N ALA B 292 13.56 1.79 22.81
CA ALA B 292 12.11 1.95 22.84
C ALA B 292 11.75 3.02 23.87
N ALA B 293 10.63 3.70 23.61
CA ALA B 293 10.15 4.75 24.50
C ALA B 293 8.65 4.59 24.68
N THR B 294 8.20 4.58 25.93
CA THR B 294 6.77 4.55 26.22
C THR B 294 6.53 4.97 27.66
N THR B 295 5.31 5.45 27.92
CA THR B 295 4.95 5.81 29.28
C THR B 295 4.94 4.58 30.19
N ALA B 296 4.64 3.41 29.64
CA ALA B 296 4.62 2.19 30.42
C ALA B 296 6.02 1.57 30.45
N GLY B 297 6.94 2.27 31.13
CA GLY B 297 8.26 1.75 31.39
C GLY B 297 9.44 2.67 31.11
N GLY B 298 9.24 3.70 30.30
CA GLY B 298 10.29 4.69 30.04
C GLY B 298 11.11 4.36 28.79
N VAL B 299 12.44 4.30 28.96
CA VAL B 299 13.42 4.16 27.89
C VAL B 299 14.10 2.81 28.02
N THR B 300 13.93 1.95 27.02
CA THR B 300 14.40 0.56 27.06
C THR B 300 15.46 0.34 25.98
N PRO B 301 16.67 -0.09 26.34
CA PRO B 301 17.68 -0.41 25.31
C PRO B 301 17.27 -1.61 24.47
N VAL B 302 17.52 -1.52 23.18
CA VAL B 302 17.31 -2.65 22.27
C VAL B 302 18.70 -3.07 21.79
N VAL B 303 19.15 -4.23 22.25
CA VAL B 303 20.54 -4.62 22.07
C VAL B 303 20.74 -5.65 20.96
N ALA B 304 19.67 -6.21 20.40
CA ALA B 304 19.79 -7.14 19.28
C ALA B 304 18.57 -6.96 18.39
N LEU B 305 18.77 -7.08 17.08
CA LEU B 305 17.73 -6.87 16.09
C LEU B 305 17.84 -7.94 15.01
N ASP B 306 16.76 -8.68 14.76
CA ASP B 306 16.77 -9.81 13.83
C ASP B 306 17.95 -10.74 14.13
N GLY B 307 18.19 -10.97 15.41
CA GLY B 307 19.23 -11.90 15.83
C GLY B 307 20.65 -11.41 15.66
N ALA B 308 20.84 -10.17 15.26
CA ALA B 308 22.16 -9.59 15.18
C ALA B 308 22.31 -8.50 16.23
N PRO B 309 23.50 -8.35 16.82
CA PRO B 309 23.69 -7.31 17.84
C PRO B 309 23.54 -5.92 17.26
N VAL B 310 23.03 -5.02 18.08
CA VAL B 310 22.94 -3.59 17.78
C VAL B 310 24.19 -2.91 18.33
N GLY B 311 24.98 -2.30 17.44
CA GLY B 311 26.21 -1.67 17.91
C GLY B 311 27.10 -2.70 18.57
N ALA B 312 27.57 -2.36 19.78
CA ALA B 312 28.39 -3.24 20.61
C ALA B 312 27.59 -4.31 21.35
N GLY B 313 26.28 -4.41 21.09
CA GLY B 313 25.49 -5.47 21.67
C GLY B 313 25.14 -5.31 23.12
N VAL B 314 25.44 -4.16 23.71
CA VAL B 314 25.01 -3.88 25.08
C VAL B 314 24.34 -2.51 25.06
N PRO B 315 23.62 -2.12 26.11
CA PRO B 315 22.99 -0.80 26.12
C PRO B 315 24.00 0.30 25.82
N GLY B 316 23.64 1.15 24.85
CA GLY B 316 24.55 2.19 24.40
C GLY B 316 24.71 3.33 25.40
N ASP B 317 25.76 4.11 25.18
CA ASP B 317 26.08 5.20 26.10
C ASP B 317 24.98 6.25 26.14
N TRP B 318 24.48 6.67 24.97
CA TRP B 318 23.47 7.72 24.97
C TRP B 318 22.15 7.21 25.53
N THR B 319 21.80 5.95 25.20
CA THR B 319 20.59 5.37 25.76
C THR B 319 20.62 5.42 27.28
N ARG B 320 21.75 5.01 27.87
CA ARG B 320 21.85 4.98 29.32
C ARG B 320 21.76 6.38 29.92
N LYS B 321 22.40 7.36 29.28
CA LYS B 321 22.34 8.72 29.80
C LYS B 321 20.92 9.27 29.71
N ILE B 322 20.24 9.01 28.59
CA ILE B 322 18.87 9.49 28.42
C ILE B 322 17.96 8.84 29.45
N ARG B 323 18.10 7.53 29.63
CA ARG B 323 17.24 6.80 30.57
C ARG B 323 17.40 7.32 31.99
N THR B 324 18.64 7.51 32.41
CA THR B 324 18.93 8.08 33.72
C THR B 324 18.30 9.46 33.87
N ARG B 325 18.56 10.36 32.92
CA ARG B 325 17.99 11.70 33.03
C ARG B 325 16.46 11.65 33.06
N TYR B 326 15.88 10.73 32.29
CA TYR B 326 14.42 10.59 32.27
C TYR B 326 13.88 10.31 33.67
N TRP B 327 14.44 9.33 34.36
CA TRP B 327 13.93 8.99 35.69
C TRP B 327 14.24 10.11 36.70
N GLN B 328 15.39 10.76 36.56
CA GLN B 328 15.69 11.89 37.43
C GLN B 328 14.68 13.01 37.27
N MET B 329 14.09 13.13 36.09
CA MET B 329 13.08 14.16 35.85
C MET B 329 11.79 13.91 36.64
N MET B 330 11.61 12.70 37.17
CA MET B 330 10.44 12.45 37.99
C MET B 330 10.55 13.12 39.36
N ASP B 331 11.78 13.45 39.78
CA ASP B 331 12.02 14.06 41.08
C ASP B 331 12.29 15.56 41.00
N GLU B 332 12.91 16.03 39.93
CA GLU B 332 13.41 17.39 39.86
C GLU B 332 12.27 18.37 39.61
N PRO B 333 12.10 19.40 40.45
CA PRO B 333 11.01 20.36 40.23
C PRO B 333 11.09 20.97 38.83
N SER B 334 9.93 21.10 38.19
CA SER B 334 9.87 21.55 36.81
C SER B 334 8.40 21.74 36.43
N ASP B 335 8.19 22.38 35.29
CA ASP B 335 6.85 22.46 34.70
C ASP B 335 6.33 21.09 34.27
N LEU B 336 7.19 20.07 34.20
CA LEU B 336 6.80 18.74 33.73
C LEU B 336 6.13 17.90 34.81
N ILE B 337 6.33 18.21 36.09
CA ILE B 337 5.78 17.39 37.16
C ILE B 337 4.77 18.21 37.96
N GLU B 338 3.72 17.54 38.42
CA GLU B 338 2.68 18.15 39.24
C GLU B 338 2.41 17.17 40.38
N PRO B 339 2.81 17.50 41.61
CA PRO B 339 2.60 16.55 42.71
C PRO B 339 1.12 16.30 42.95
N VAL B 340 0.80 15.05 43.26
CA VAL B 340 -0.56 14.65 43.57
C VAL B 340 -0.85 14.98 45.03
N SER B 341 -2.03 15.53 45.29
CA SER B 341 -2.48 15.76 46.67
C SER B 341 -3.28 14.54 47.10
N TYR B 342 -2.66 13.69 47.91
CA TYR B 342 -3.34 12.53 48.46
C TYR B 342 -4.18 12.93 49.67
N GLN C 12 27.19 -6.88 -10.30
CA GLN C 12 26.85 -7.78 -11.40
C GLN C 12 25.49 -8.41 -11.17
N LEU C 13 24.68 -8.44 -12.25
CA LEU C 13 23.32 -8.96 -12.20
C LEU C 13 23.12 -9.98 -13.32
N THR C 14 22.43 -11.08 -12.99
CA THR C 14 22.11 -12.13 -13.95
C THR C 14 20.59 -12.27 -14.03
N ILE C 15 20.00 -11.66 -15.06
CA ILE C 15 18.59 -11.88 -15.36
C ILE C 15 18.39 -13.24 -16.01
N LEU C 16 19.16 -13.51 -17.06
CA LEU C 16 19.04 -14.76 -17.81
C LEU C 16 20.32 -15.57 -17.70
N ILE C 23 24.04 -19.89 -30.55
CA ILE C 23 22.78 -20.26 -31.19
C ILE C 23 22.19 -21.50 -30.55
N ILE C 24 23.04 -22.34 -29.95
CA ILE C 24 22.61 -23.53 -29.24
C ILE C 24 23.27 -23.53 -27.87
N CYS C 25 22.54 -24.00 -26.86
CA CYS C 25 23.07 -24.14 -25.52
C CYS C 25 22.99 -25.60 -25.07
N GLU C 26 23.85 -25.95 -24.12
CA GLU C 26 23.86 -27.29 -23.56
C GLU C 26 22.51 -27.65 -22.98
N THR C 27 22.06 -28.88 -23.23
CA THR C 27 20.86 -29.44 -22.60
C THR C 27 21.21 -30.78 -21.97
N VAL C 28 20.30 -31.28 -21.13
CA VAL C 28 20.52 -32.56 -20.46
C VAL C 28 20.23 -33.69 -21.44
N PRO C 29 21.20 -34.54 -21.76
CA PRO C 29 20.94 -35.63 -22.73
C PRO C 29 19.86 -36.57 -22.23
N GLY C 30 19.01 -37.00 -23.16
CA GLY C 30 17.94 -37.90 -22.83
C GLY C 30 16.70 -37.26 -22.24
N GLU C 31 16.79 -36.01 -21.79
CA GLU C 31 15.64 -35.33 -21.23
C GLU C 31 14.85 -34.61 -22.32
N ALA C 32 13.70 -34.05 -21.95
CA ALA C 32 12.72 -33.61 -22.91
C ALA C 32 13.11 -32.34 -23.66
N ILE C 33 14.23 -31.69 -23.33
CA ILE C 33 14.62 -30.43 -23.95
C ILE C 33 15.82 -30.70 -24.86
N GLN C 34 15.61 -30.58 -26.17
CA GLN C 34 16.67 -30.79 -27.15
C GLN C 34 16.48 -29.80 -28.30
N TYR C 35 17.55 -29.11 -28.66
CA TYR C 35 17.52 -28.23 -29.81
C TYR C 35 17.44 -29.05 -31.10
N SER C 36 17.10 -28.35 -32.19
CA SER C 36 17.20 -28.96 -33.51
C SER C 36 18.66 -29.19 -33.89
N ARG C 37 18.91 -30.30 -34.59
CA ARG C 37 20.23 -30.56 -35.16
C ARG C 37 20.24 -30.04 -36.59
N TYR C 38 20.90 -28.91 -36.82
CA TYR C 38 20.95 -28.33 -38.15
C TYR C 38 22.12 -27.36 -38.23
N SER C 39 22.40 -26.91 -39.46
CA SER C 39 23.45 -25.94 -39.75
C SER C 39 22.78 -24.68 -40.29
N LEU C 40 22.99 -23.56 -39.61
CA LEU C 40 22.44 -22.28 -40.06
C LEU C 40 23.39 -21.68 -41.09
N ASP C 41 22.87 -21.37 -42.28
CA ASP C 41 23.70 -20.79 -43.33
C ASP C 41 23.74 -19.27 -43.18
N ARG C 42 24.96 -18.74 -43.02
CA ARG C 42 25.21 -17.35 -42.67
C ARG C 42 25.42 -16.45 -43.89
N THR C 43 24.96 -16.85 -45.07
CA THR C 43 25.13 -15.98 -46.24
C THR C 43 24.30 -14.71 -46.10
N SER C 44 23.00 -14.85 -45.84
CA SER C 44 22.17 -13.68 -45.61
C SER C 44 22.61 -12.97 -44.32
N PRO C 45 22.80 -11.66 -44.34
CA PRO C 45 23.22 -10.97 -43.11
C PRO C 45 22.17 -11.03 -42.02
N LEU C 46 20.93 -11.40 -42.35
CA LEU C 46 19.88 -11.50 -41.35
C LEU C 46 19.92 -12.82 -40.59
N ALA C 47 20.61 -13.83 -41.12
CA ALA C 47 20.64 -15.14 -40.48
C ALA C 47 21.29 -15.05 -39.10
N GLY C 48 20.67 -15.73 -38.13
CA GLY C 48 21.11 -15.69 -36.76
C GLY C 48 20.40 -14.68 -35.89
N GLY C 49 19.59 -13.79 -36.47
CA GLY C 49 18.92 -12.77 -35.71
C GLY C 49 18.54 -11.62 -36.59
N CYS C 50 17.25 -11.28 -36.59
CA CYS C 50 16.72 -10.31 -37.54
C CYS C 50 15.68 -9.48 -36.82
N ALA C 51 15.76 -8.15 -37.00
CA ALA C 51 14.81 -7.23 -36.41
C ALA C 51 14.05 -6.49 -37.51
N TRP C 52 12.89 -5.97 -37.14
CA TRP C 52 12.13 -5.07 -37.98
C TRP C 52 12.00 -3.74 -37.24
N ILE C 53 12.59 -2.69 -37.81
CA ILE C 53 12.60 -1.38 -37.16
C ILE C 53 12.28 -0.33 -38.21
N GLU C 54 11.18 0.38 -38.02
CA GLU C 54 10.79 1.51 -38.85
C GLU C 54 10.74 1.12 -40.33
N GLY C 55 9.96 0.07 -40.62
CA GLY C 55 9.73 -0.40 -41.97
C GLY C 55 10.83 -1.21 -42.63
N ALA C 56 11.86 -1.62 -41.89
CA ALA C 56 12.99 -2.30 -42.51
C ALA C 56 13.44 -3.51 -41.68
N PHE C 57 13.69 -4.63 -42.35
CA PHE C 57 14.31 -5.79 -41.71
C PHE C 57 15.81 -5.58 -41.69
N VAL C 58 16.41 -5.75 -40.51
CA VAL C 58 17.83 -5.46 -40.34
C VAL C 58 18.46 -6.56 -39.48
N PRO C 59 19.76 -6.77 -39.63
CA PRO C 59 20.45 -7.70 -38.73
C PRO C 59 20.25 -7.27 -37.28
N ALA C 60 20.06 -8.25 -36.41
CA ALA C 60 19.79 -7.96 -35.00
C ALA C 60 20.86 -7.05 -34.41
N ALA C 61 22.14 -7.31 -34.70
CA ALA C 61 23.23 -6.50 -34.16
C ALA C 61 23.22 -5.07 -34.69
N ALA C 62 22.48 -4.79 -35.76
CA ALA C 62 22.33 -3.43 -36.26
C ALA C 62 21.05 -2.77 -35.78
N ALA C 63 20.30 -3.43 -34.91
CA ALA C 63 18.98 -2.96 -34.49
C ALA C 63 19.13 -1.84 -33.47
N ARG C 64 18.66 -0.64 -33.83
CA ARG C 64 18.74 0.52 -32.94
C ARG C 64 17.48 1.35 -33.06
N ILE C 65 17.15 2.08 -31.99
CA ILE C 65 15.95 2.90 -31.93
C ILE C 65 16.35 4.30 -31.50
N SER C 66 15.49 5.27 -31.81
CA SER C 66 15.82 6.65 -31.48
C SER C 66 15.85 6.82 -29.97
N ILE C 67 16.89 7.48 -29.46
CA ILE C 67 16.95 7.71 -28.02
C ILE C 67 15.79 8.57 -27.55
N PHE C 68 15.12 9.27 -28.47
CA PHE C 68 14.00 10.13 -28.11
C PHE C 68 12.68 9.39 -28.10
N ASP C 69 12.67 8.10 -28.40
CA ASP C 69 11.45 7.32 -28.25
C ASP C 69 11.03 7.29 -26.78
N ALA C 70 9.76 7.67 -26.55
CA ALA C 70 9.21 7.65 -25.20
C ALA C 70 9.20 6.26 -24.59
N GLY C 71 9.28 5.22 -25.41
CA GLY C 71 9.49 3.89 -24.86
C GLY C 71 10.76 3.80 -24.03
N PHE C 72 11.72 4.69 -24.28
CA PHE C 72 12.95 4.73 -23.50
C PHE C 72 12.81 5.73 -22.35
N GLY C 73 12.66 7.02 -22.67
CA GLY C 73 12.64 8.07 -21.65
C GLY C 73 11.49 8.00 -20.67
N HIS C 74 10.36 7.37 -21.05
CA HIS C 74 9.21 7.20 -20.18
C HIS C 74 8.83 5.74 -19.96
N SER C 75 9.57 4.79 -20.53
CA SER C 75 9.15 3.38 -20.53
C SER C 75 7.70 3.24 -21.00
N ASP C 76 7.32 4.11 -21.94
CA ASP C 76 5.95 4.12 -22.46
C ASP C 76 5.90 3.08 -23.58
N VAL C 77 5.82 1.81 -23.16
CA VAL C 77 6.01 0.67 -24.06
C VAL C 77 5.42 -0.57 -23.39
N THR C 78 4.82 -1.45 -24.21
CA THR C 78 4.45 -2.80 -23.78
C THR C 78 4.88 -3.78 -24.86
N TYR C 79 4.81 -5.09 -24.55
CA TYR C 79 5.39 -6.10 -25.43
C TYR C 79 4.85 -7.48 -25.08
N THR C 80 5.27 -8.45 -25.89
CA THR C 80 5.24 -9.87 -25.54
C THR C 80 6.43 -10.56 -26.21
N VAL C 81 6.74 -11.77 -25.74
CA VAL C 81 7.77 -12.61 -26.35
C VAL C 81 7.16 -13.98 -26.63
N ALA C 82 7.07 -14.33 -27.92
CA ALA C 82 6.64 -15.67 -28.35
C ALA C 82 7.87 -16.45 -28.78
N HIS C 83 7.83 -17.77 -28.62
CA HIS C 83 9.00 -18.57 -28.94
C HIS C 83 8.72 -19.54 -30.07
N VAL C 84 9.81 -19.89 -30.76
CA VAL C 84 9.81 -20.92 -31.79
C VAL C 84 10.65 -22.07 -31.26
N TRP C 85 10.12 -23.29 -31.35
CA TRP C 85 10.87 -24.48 -30.97
C TRP C 85 10.71 -25.51 -32.08
N HIS C 86 11.83 -26.10 -32.51
CA HIS C 86 11.80 -27.07 -33.61
C HIS C 86 11.12 -26.48 -34.84
N GLY C 87 11.27 -25.18 -35.05
CA GLY C 87 10.66 -24.54 -36.19
C GLY C 87 9.18 -24.27 -36.08
N ASN C 88 8.59 -24.45 -34.90
CA ASN C 88 7.17 -24.18 -34.70
C ASN C 88 6.98 -22.98 -33.78
N PHE C 89 6.12 -22.06 -34.20
CA PHE C 89 5.63 -21.01 -33.32
C PHE C 89 4.70 -21.62 -32.28
N PHE C 90 4.90 -21.25 -31.01
CA PHE C 90 4.04 -21.72 -29.93
C PHE C 90 3.10 -20.60 -29.52
N ARG C 91 1.81 -20.80 -29.77
CA ARG C 91 0.75 -19.93 -29.28
C ARG C 91 0.96 -18.48 -29.76
N LEU C 92 1.40 -18.33 -31.02
CA LEU C 92 1.66 -17.00 -31.57
C LEU C 92 0.43 -16.11 -31.47
N GLU C 93 -0.75 -16.63 -31.82
CA GLU C 93 -1.94 -15.77 -31.82
C GLU C 93 -2.34 -15.39 -30.40
N ASP C 94 -2.24 -16.33 -29.46
CA ASP C 94 -2.49 -15.97 -28.06
C ASP C 94 -1.61 -14.79 -27.66
N HIS C 95 -0.32 -14.84 -28.01
CA HIS C 95 0.61 -13.79 -27.63
C HIS C 95 0.22 -12.44 -28.24
N VAL C 96 -0.02 -12.41 -29.55
CA VAL C 96 -0.37 -11.15 -30.17
C VAL C 96 -1.70 -10.63 -29.63
N GLU C 97 -2.61 -11.51 -29.23
CA GLU C 97 -3.86 -11.02 -28.66
C GLU C 97 -3.61 -10.38 -27.29
N ARG C 98 -2.76 -10.99 -26.46
CA ARG C 98 -2.45 -10.37 -25.17
C ARG C 98 -1.71 -9.06 -25.38
N PHE C 99 -0.74 -9.07 -26.28
CA PHE C 99 0.01 -7.87 -26.65
C PHE C 99 -0.93 -6.71 -26.95
N LEU C 100 -1.86 -6.91 -27.89
CA LEU C 100 -2.77 -5.85 -28.30
C LEU C 100 -3.61 -5.37 -27.13
N ALA C 101 -4.10 -6.31 -26.31
CA ALA C 101 -4.99 -5.94 -25.23
C ALA C 101 -4.27 -5.08 -24.19
N GLY C 102 -3.01 -5.39 -23.90
CA GLY C 102 -2.25 -4.54 -23.00
C GLY C 102 -1.95 -3.16 -23.56
N ALA C 103 -1.63 -3.09 -24.86
CA ALA C 103 -1.38 -1.78 -25.47
C ALA C 103 -2.62 -0.90 -25.41
N GLU C 104 -3.80 -1.50 -25.57
CA GLU C 104 -5.03 -0.72 -25.42
C GLU C 104 -5.20 -0.26 -23.98
N LYS C 105 -4.92 -1.14 -23.02
CA LYS C 105 -4.99 -0.75 -21.61
C LYS C 105 -4.04 0.39 -21.33
N MET C 106 -2.84 0.37 -21.93
CA MET C 106 -1.84 1.41 -21.75
C MET C 106 -2.10 2.63 -22.63
N ARG C 107 -3.10 2.56 -23.50
CA ARG C 107 -3.51 3.70 -24.33
C ARG C 107 -2.43 4.09 -25.34
N ILE C 108 -1.65 3.12 -25.79
CA ILE C 108 -0.68 3.32 -26.87
C ILE C 108 -1.35 2.91 -28.18
N PRO C 109 -1.63 3.84 -29.10
CA PRO C 109 -2.25 3.43 -30.37
C PRO C 109 -1.36 2.46 -31.12
N MET C 110 -1.99 1.42 -31.69
CA MET C 110 -1.26 0.38 -32.41
C MET C 110 -1.11 0.75 -33.87
N PRO C 111 0.11 0.82 -34.41
CA PRO C 111 0.27 1.27 -35.79
C PRO C 111 0.22 0.11 -36.78
N ALA C 112 -0.41 -1.01 -36.42
CA ALA C 112 -0.50 -2.16 -37.30
C ALA C 112 -1.64 -3.06 -36.85
N THR C 113 -2.11 -3.90 -37.77
CA THR C 113 -3.14 -4.86 -37.44
C THR C 113 -2.53 -6.12 -36.82
N LYS C 114 -3.38 -6.87 -36.11
CA LYS C 114 -2.98 -8.19 -35.61
C LYS C 114 -2.34 -9.02 -36.71
N ALA C 115 -2.97 -9.08 -37.88
CA ALA C 115 -2.44 -9.90 -38.97
C ALA C 115 -1.07 -9.41 -39.40
N GLU C 116 -0.91 -8.09 -39.55
CA GLU C 116 0.38 -7.53 -39.93
C GLU C 116 1.45 -7.87 -38.91
N ILE C 117 1.12 -7.75 -37.61
CA ILE C 117 2.08 -8.06 -36.55
C ILE C 117 2.56 -9.50 -36.66
N MET C 118 1.62 -10.44 -36.81
CA MET C 118 2.02 -11.84 -36.89
C MET C 118 2.88 -12.09 -38.13
N ASP C 119 2.58 -11.41 -39.24
CA ASP C 119 3.40 -11.58 -40.43
C ASP C 119 4.80 -11.04 -40.23
N LEU C 120 4.93 -9.91 -39.52
CA LEU C 120 6.25 -9.36 -39.26
C LEU C 120 7.05 -10.28 -38.36
N MET C 121 6.38 -10.86 -37.34
CA MET C 121 7.05 -11.82 -36.46
C MET C 121 7.45 -13.07 -37.23
N ARG C 122 6.55 -13.60 -38.05
CA ARG C 122 6.92 -14.70 -38.92
C ARG C 122 8.07 -14.31 -39.85
N GLY C 123 8.04 -13.09 -40.37
CA GLY C 123 9.13 -12.65 -41.24
C GLY C 123 10.48 -12.66 -40.53
N CYS C 124 10.54 -12.09 -39.32
CA CYS C 124 11.80 -12.04 -38.59
C CYS C 124 12.34 -13.41 -38.31
N VAL C 125 11.48 -14.35 -37.89
CA VAL C 125 11.95 -15.70 -37.61
C VAL C 125 12.45 -16.36 -38.88
N SER C 126 11.63 -16.30 -39.93
CA SER C 126 12.03 -16.90 -41.20
C SER C 126 13.38 -16.37 -41.65
N LYS C 127 13.51 -15.04 -41.71
CA LYS C 127 14.75 -14.48 -42.23
C LYS C 127 15.94 -14.78 -41.34
N SER C 128 15.71 -15.03 -40.05
CA SER C 128 16.80 -15.39 -39.13
C SER C 128 17.27 -16.84 -39.31
N GLY C 129 16.42 -17.70 -39.86
CA GLY C 129 16.74 -19.12 -39.99
C GLY C 129 16.66 -19.90 -38.69
N LEU C 130 16.39 -19.24 -37.56
CA LEU C 130 16.46 -19.87 -36.26
C LEU C 130 15.26 -20.80 -36.05
N ARG C 131 15.55 -22.08 -35.78
CA ARG C 131 14.49 -23.02 -35.40
C ARG C 131 14.17 -22.97 -33.92
N GLU C 132 15.10 -22.48 -33.09
CA GLU C 132 14.83 -22.20 -31.70
C GLU C 132 15.11 -20.72 -31.50
N ALA C 133 14.06 -19.94 -31.19
CA ALA C 133 14.16 -18.49 -31.16
C ALA C 133 13.21 -17.91 -30.13
N ALA C 134 13.51 -16.69 -29.70
CA ALA C 134 12.59 -15.85 -28.97
C ALA C 134 12.23 -14.67 -29.87
N VAL C 135 10.94 -14.37 -29.97
CA VAL C 135 10.46 -13.34 -30.88
C VAL C 135 9.76 -12.27 -30.04
N ASN C 136 10.40 -11.12 -29.91
CA ASN C 136 9.88 -10.00 -29.13
C ASN C 136 9.21 -9.02 -30.07
N VAL C 137 7.99 -8.64 -29.77
CA VAL C 137 7.33 -7.50 -30.42
C VAL C 137 6.94 -6.53 -29.33
N CYS C 138 7.20 -5.24 -29.54
CA CYS C 138 6.80 -4.22 -28.60
C CYS C 138 6.25 -3.04 -29.39
N VAL C 139 5.45 -2.23 -28.72
CA VAL C 139 4.95 -0.98 -29.29
C VAL C 139 5.25 0.12 -28.29
N THR C 140 5.81 1.22 -28.77
CA THR C 140 6.12 2.38 -27.95
C THR C 140 5.26 3.57 -28.37
N ARG C 141 5.11 4.53 -27.46
CA ARG C 141 4.42 5.77 -27.79
C ARG C 141 5.14 6.56 -28.90
N GLY C 142 6.42 6.28 -29.13
CA GLY C 142 7.15 6.83 -30.26
C GLY C 142 7.99 8.04 -29.90
N TYR C 143 8.66 8.59 -30.92
CA TYR C 143 9.50 9.77 -30.75
C TYR C 143 8.96 10.97 -31.51
N GLY C 144 7.63 11.06 -31.63
CA GLY C 144 7.00 12.15 -32.34
C GLY C 144 6.67 11.79 -33.77
N ARG C 145 6.48 12.83 -34.59
CA ARG C 145 6.14 12.64 -35.99
C ARG C 145 7.14 11.73 -36.68
N LYS C 146 6.63 10.72 -37.39
CA LYS C 146 7.50 9.80 -38.12
C LYS C 146 8.12 10.53 -39.32
N PRO C 147 9.38 10.23 -39.65
CA PRO C 147 10.01 10.85 -40.83
C PRO C 147 9.22 10.54 -42.09
N GLY C 148 8.92 11.58 -42.86
CA GLY C 148 8.00 11.46 -43.98
C GLY C 148 6.54 11.58 -43.61
N GLU C 149 6.23 11.81 -42.33
CA GLU C 149 4.86 12.04 -41.87
C GLU C 149 3.86 11.03 -42.42
N THR C 151 2.14 14.34 -40.85
CA THR C 151 0.73 14.58 -40.61
C THR C 151 0.41 14.26 -39.16
N LEU C 152 -0.14 15.25 -38.45
CA LEU C 152 -0.69 14.99 -37.13
C LEU C 152 -1.62 13.79 -37.15
N GLU C 153 -2.30 13.58 -38.28
CA GLU C 153 -3.08 12.38 -38.54
C GLU C 153 -2.33 11.10 -38.15
N ALA C 154 -1.16 10.89 -38.75
CA ALA C 154 -0.48 9.61 -38.64
C ALA C 154 -0.10 9.30 -37.21
N LEU C 155 -0.24 8.03 -36.83
CA LEU C 155 0.20 7.58 -35.52
C LEU C 155 1.69 7.81 -35.34
N GLU C 156 2.09 8.17 -34.11
CA GLU C 156 3.50 8.27 -33.77
C GLU C 156 4.04 7.00 -33.12
N SER C 157 3.17 6.08 -32.72
CA SER C 157 3.63 4.84 -32.10
C SER C 157 4.60 4.09 -33.01
N GLN C 158 5.54 3.38 -32.37
CA GLN C 158 6.55 2.62 -33.09
C GLN C 158 6.41 1.15 -32.73
N LEU C 159 6.32 0.31 -33.75
CA LEU C 159 6.37 -1.13 -33.58
C LEU C 159 7.79 -1.61 -33.86
N TYR C 160 8.39 -2.32 -32.90
CA TYR C 160 9.69 -2.94 -33.12
C TYR C 160 9.55 -4.44 -32.90
N VAL C 161 10.25 -5.22 -33.72
CA VAL C 161 10.22 -6.68 -33.63
C VAL C 161 11.62 -7.22 -33.74
N TYR C 162 11.88 -8.35 -33.06
CA TYR C 162 13.11 -9.07 -33.36
C TYR C 162 12.95 -10.54 -33.02
N ALA C 163 13.68 -11.36 -33.77
CA ALA C 163 13.81 -12.79 -33.52
C ALA C 163 15.28 -13.08 -33.30
N ILE C 164 15.63 -13.57 -32.11
CA ILE C 164 17.00 -13.89 -31.76
C ILE C 164 17.03 -15.30 -31.18
N PRO C 165 18.20 -15.88 -30.93
CA PRO C 165 18.25 -17.22 -30.34
C PRO C 165 17.44 -17.30 -29.05
N TYR C 166 16.81 -18.46 -28.85
CA TYR C 166 15.95 -18.70 -27.71
C TYR C 166 16.65 -18.36 -26.39
N LEU C 167 15.91 -17.69 -25.51
CA LEU C 167 16.45 -17.12 -24.27
C LEU C 167 16.06 -17.97 -23.06
N TRP C 168 16.99 -18.11 -22.11
CA TRP C 168 16.79 -18.91 -20.90
C TRP C 168 16.93 -18.03 -19.67
N VAL C 169 15.83 -17.81 -18.95
CA VAL C 169 15.96 -17.20 -17.61
C VAL C 169 16.75 -18.13 -16.70
N PHE C 170 16.35 -19.39 -16.63
CA PHE C 170 17.09 -20.46 -15.98
C PHE C 170 17.58 -21.44 -17.05
N SER C 171 18.82 -21.92 -16.91
CA SER C 171 19.43 -22.69 -17.99
C SER C 171 18.70 -24.01 -18.22
N PRO C 172 18.91 -24.64 -19.37
CA PRO C 172 18.30 -25.96 -19.61
C PRO C 172 18.60 -26.98 -18.53
N ILE C 173 19.80 -26.94 -17.94
CA ILE C 173 20.14 -27.91 -16.90
C ILE C 173 19.38 -27.60 -15.62
N ARG C 174 19.22 -26.31 -15.30
CA ARG C 174 18.40 -25.95 -14.15
C ARG C 174 16.93 -26.26 -14.42
N GLN C 175 16.50 -26.22 -15.69
CA GLN C 175 15.12 -26.63 -16.00
C GLN C 175 14.86 -28.06 -15.54
N ILE C 176 15.87 -28.91 -15.63
CA ILE C 176 15.72 -30.29 -15.18
C ILE C 176 15.98 -30.40 -13.68
N GLU C 177 17.07 -29.82 -13.19
CA GLU C 177 17.54 -30.09 -11.84
C GLU C 177 16.92 -29.19 -10.77
N GLY C 178 16.42 -28.02 -11.14
CA GLY C 178 15.70 -27.16 -10.23
C GLY C 178 16.54 -25.98 -9.75
N ILE C 179 15.85 -25.02 -9.11
CA ILE C 179 16.46 -23.80 -8.61
C ILE C 179 15.96 -23.53 -7.19
N ASP C 180 16.65 -22.61 -6.50
CA ASP C 180 16.22 -22.18 -5.17
C ASP C 180 15.83 -20.71 -5.20
N ALA C 181 14.86 -20.36 -4.37
CA ALA C 181 14.29 -19.02 -4.35
C ALA C 181 14.17 -18.53 -2.92
N VAL C 182 14.01 -17.21 -2.78
CA VAL C 182 13.61 -16.58 -1.52
C VAL C 182 12.37 -15.75 -1.78
N ILE C 183 11.59 -15.53 -0.73
CA ILE C 183 10.56 -14.50 -0.78
C ILE C 183 11.22 -13.17 -0.46
N ALA C 184 11.13 -12.22 -1.38
CA ALA C 184 11.81 -10.95 -1.19
C ALA C 184 11.25 -10.19 0.01
N GLN C 185 12.15 -9.63 0.82
CA GLN C 185 11.73 -8.81 1.94
C GLN C 185 12.09 -7.34 1.80
N SER C 186 12.94 -6.97 0.84
CA SER C 186 13.40 -5.60 0.70
C SER C 186 12.68 -4.82 -0.40
N VAL C 187 11.81 -5.48 -1.17
CA VAL C 187 11.14 -4.85 -2.29
C VAL C 187 9.79 -5.53 -2.47
N ARG C 188 8.82 -4.80 -2.99
CA ARG C 188 7.49 -5.33 -3.29
C ARG C 188 7.18 -5.16 -4.78
N ARG C 189 6.23 -5.94 -5.29
CA ARG C 189 5.86 -5.81 -6.70
C ARG C 189 5.04 -4.53 -6.94
N SER C 190 5.29 -3.91 -8.09
CA SER C 190 4.57 -2.71 -8.47
C SER C 190 3.06 -2.94 -8.34
N PRO C 191 2.32 -2.03 -7.71
CA PRO C 191 0.86 -2.22 -7.56
C PRO C 191 0.06 -2.04 -8.86
N ALA C 192 -1.11 -2.67 -8.89
CA ALA C 192 -2.05 -2.51 -10.00
C ALA C 192 -2.36 -1.03 -10.27
N ASN C 193 -2.43 -0.20 -9.23
CA ASN C 193 -2.75 1.21 -9.39
C ASN C 193 -1.50 2.10 -9.44
N VAL C 194 -0.36 1.53 -9.80
CA VAL C 194 0.85 2.31 -10.08
C VAL C 194 1.23 2.05 -11.53
N MET C 195 1.77 0.85 -11.81
CA MET C 195 1.95 0.32 -13.16
C MET C 195 1.61 -1.16 -13.09
N ASP C 196 0.48 -1.54 -13.69
CA ASP C 196 -0.10 -2.86 -13.46
C ASP C 196 0.79 -3.97 -14.03
N PRO C 197 1.17 -4.96 -13.22
CA PRO C 197 1.90 -6.11 -13.77
C PRO C 197 1.10 -6.87 -14.82
N TRP C 198 -0.22 -6.73 -14.83
CA TRP C 198 -1.04 -7.38 -15.84
C TRP C 198 -0.60 -7.01 -17.25
N ILE C 199 -0.10 -5.79 -17.44
CA ILE C 199 0.41 -5.34 -18.72
C ILE C 199 1.89 -5.68 -18.77
N LYS C 200 2.29 -6.60 -19.63
CA LYS C 200 3.71 -6.90 -19.74
C LYS C 200 4.47 -5.63 -20.10
N ASN C 201 5.46 -5.26 -19.29
CA ASN C 201 6.09 -3.95 -19.46
C ASN C 201 7.57 -4.01 -19.10
N TYR C 202 8.27 -2.93 -19.42
CA TYR C 202 9.72 -2.88 -19.29
C TYR C 202 10.16 -2.23 -17.98
N GLN C 203 9.22 -1.92 -17.08
CA GLN C 203 9.54 -1.25 -15.82
C GLN C 203 9.97 -2.32 -14.83
N TRP C 204 11.27 -2.59 -14.80
CA TRP C 204 11.78 -3.70 -14.01
C TRP C 204 12.50 -3.24 -12.75
N GLY C 205 12.23 -2.01 -12.29
CA GLY C 205 12.93 -1.51 -11.12
C GLY C 205 12.81 -2.44 -9.92
N ASP C 206 11.59 -2.81 -9.58
CA ASP C 206 11.38 -3.72 -8.46
C ASP C 206 11.94 -5.11 -8.76
N LEU C 207 11.81 -5.58 -10.00
CA LEU C 207 12.24 -6.94 -10.32
C LEU C 207 13.75 -7.08 -10.26
N VAL C 208 14.49 -6.05 -10.71
CA VAL C 208 15.95 -6.04 -10.59
C VAL C 208 16.36 -5.98 -9.12
N ARG C 209 15.71 -5.12 -8.32
CA ARG C 209 15.98 -5.10 -6.88
C ARG C 209 15.82 -6.50 -6.29
N ALA C 210 14.76 -7.20 -6.68
CA ALA C 210 14.51 -8.53 -6.14
C ALA C 210 15.60 -9.51 -6.57
N THR C 211 16.08 -9.39 -7.81
CA THR C 211 17.17 -10.27 -8.26
C THR C 211 18.44 -10.05 -7.43
N PHE C 212 18.80 -8.78 -7.18
CA PHE C 212 19.96 -8.49 -6.34
C PHE C 212 19.78 -9.07 -4.93
N GLU C 213 18.59 -8.91 -4.36
CA GLU C 213 18.33 -9.49 -3.04
C GLU C 213 18.51 -11.01 -3.07
N ALA C 214 17.99 -11.66 -4.11
CA ALA C 214 18.24 -13.10 -4.25
C ALA C 214 19.74 -13.38 -4.20
N GLN C 215 20.52 -12.67 -5.00
CA GLN C 215 21.95 -12.94 -5.04
C GLN C 215 22.59 -12.74 -3.67
N GLU C 216 22.20 -11.67 -2.97
CA GLU C 216 22.74 -11.38 -1.64
C GLU C 216 22.43 -12.48 -0.63
N ARG C 217 21.27 -13.10 -0.75
CA ARG C 217 20.85 -14.15 0.15
C ARG C 217 21.25 -15.55 -0.34
N GLY C 218 22.02 -15.63 -1.41
CA GLY C 218 22.51 -16.92 -1.88
C GLY C 218 21.49 -17.81 -2.56
N ALA C 219 20.44 -17.23 -3.16
CA ALA C 219 19.48 -18.00 -3.95
C ALA C 219 19.55 -17.57 -5.41
N ARG C 220 19.01 -18.42 -6.28
CA ARG C 220 19.04 -18.14 -7.72
C ARG C 220 18.06 -17.03 -8.10
N THR C 221 16.92 -16.90 -7.41
CA THR C 221 15.91 -15.93 -7.77
C THR C 221 15.05 -15.59 -6.55
N ALA C 222 14.07 -14.72 -6.75
CA ALA C 222 13.20 -14.30 -5.66
C ALA C 222 11.78 -14.18 -6.15
N PHE C 223 10.83 -14.39 -5.25
CA PHE C 223 9.42 -14.10 -5.49
C PHE C 223 9.07 -12.81 -4.76
N LEU C 224 8.25 -11.96 -5.40
CA LEU C 224 7.86 -10.68 -4.77
C LEU C 224 6.46 -10.79 -4.20
N LEU C 225 6.23 -10.14 -3.07
CA LEU C 225 4.89 -9.98 -2.52
C LEU C 225 4.31 -8.65 -2.97
N ASP C 226 2.99 -8.55 -2.88
CA ASP C 226 2.33 -7.28 -3.14
C ASP C 226 2.08 -6.55 -1.82
N SER C 227 1.36 -5.42 -1.89
CA SER C 227 1.14 -4.55 -0.75
C SER C 227 0.56 -5.28 0.45
N ASP C 228 -0.46 -6.11 0.18
CA ASP C 228 -1.18 -6.88 1.18
C ASP C 228 -0.45 -8.13 1.63
N GLY C 229 0.73 -8.41 1.09
CA GLY C 229 1.54 -9.52 1.57
C GLY C 229 1.31 -10.83 0.85
N PHE C 230 0.71 -10.80 -0.34
CA PHE C 230 0.42 -12.00 -1.12
C PHE C 230 1.50 -12.22 -2.18
N VAL C 231 1.68 -13.49 -2.56
CA VAL C 231 2.71 -13.88 -3.53
C VAL C 231 2.27 -13.48 -4.93
N THR C 232 3.19 -12.88 -5.70
CA THR C 232 2.87 -12.42 -7.05
C THR C 232 3.70 -13.24 -8.01
N GLU C 233 4.79 -12.70 -8.55
CA GLU C 233 5.59 -13.38 -9.57
C GLU C 233 7.07 -13.14 -9.27
N GLY C 234 7.93 -13.57 -10.17
CA GLY C 234 9.35 -13.30 -10.06
C GLY C 234 9.82 -12.45 -11.22
N PRO C 235 11.13 -12.21 -11.31
CA PRO C 235 11.68 -11.43 -12.43
C PRO C 235 11.67 -12.21 -13.74
N GLY C 236 10.58 -12.07 -14.48
CA GLY C 236 10.44 -12.67 -15.80
C GLY C 236 9.72 -14.00 -15.84
N PHE C 237 8.93 -14.34 -14.81
CA PHE C 237 8.28 -15.65 -14.75
C PHE C 237 7.13 -15.60 -13.76
N ASN C 238 6.16 -16.48 -13.96
CA ASN C 238 5.08 -16.70 -13.01
C ASN C 238 5.45 -17.81 -12.01
N VAL C 239 4.74 -17.79 -10.89
CA VAL C 239 4.98 -18.71 -9.77
C VAL C 239 3.74 -19.57 -9.59
N LEU C 240 3.92 -20.89 -9.64
CA LEU C 240 2.84 -21.85 -9.43
C LEU C 240 3.25 -22.80 -8.31
N MET C 241 2.25 -23.35 -7.61
CA MET C 241 2.52 -24.34 -6.57
C MET C 241 1.47 -25.44 -6.63
N VAL C 242 1.84 -26.60 -6.09
CA VAL C 242 0.97 -27.75 -6.03
C VAL C 242 0.81 -28.18 -4.58
N LYS C 243 -0.44 -28.37 -4.15
CA LYS C 243 -0.74 -28.85 -2.81
C LYS C 243 -1.97 -29.75 -2.87
N ASP C 244 -1.80 -31.00 -2.45
CA ASP C 244 -2.90 -31.96 -2.33
C ASP C 244 -3.84 -31.91 -3.54
N GLY C 245 -3.27 -32.17 -4.72
CA GLY C 245 -4.06 -32.32 -5.91
C GLY C 245 -4.53 -31.04 -6.57
N THR C 246 -4.11 -29.87 -6.10
CA THR C 246 -4.50 -28.60 -6.70
C THR C 246 -3.28 -27.76 -7.04
N VAL C 247 -3.31 -27.12 -8.20
CA VAL C 247 -2.30 -26.18 -8.65
C VAL C 247 -2.81 -24.76 -8.37
N PHE C 248 -2.03 -23.99 -7.61
CA PHE C 248 -2.38 -22.61 -7.25
C PHE C 248 -1.42 -21.63 -7.92
N THR C 249 -1.95 -20.47 -8.29
CA THR C 249 -1.11 -19.41 -8.83
C THR C 249 -1.86 -18.09 -8.67
N ALA C 250 -1.10 -17.00 -8.50
CA ALA C 250 -1.69 -15.71 -8.19
C ALA C 250 -2.53 -15.19 -9.35
N ALA C 251 -3.59 -14.48 -8.99
CA ALA C 251 -4.44 -13.75 -9.93
C ALA C 251 -3.95 -12.32 -10.11
N ARG C 252 -3.69 -11.64 -9.01
CA ARG C 252 -3.51 -10.19 -9.01
C ARG C 252 -2.03 -9.85 -8.95
N ASN C 253 -1.67 -8.73 -9.61
CA ASN C 253 -0.33 -8.17 -9.55
C ASN C 253 0.70 -9.09 -10.19
N VAL C 254 0.26 -9.78 -11.26
CA VAL C 254 1.10 -10.67 -12.04
C VAL C 254 0.73 -10.51 -13.50
N LEU C 255 1.67 -10.83 -14.36
CA LEU C 255 1.35 -11.02 -15.77
C LEU C 255 0.57 -12.33 -15.92
N PRO C 256 -0.57 -12.34 -16.63
CA PRO C 256 -1.22 -13.63 -16.93
C PRO C 256 -0.42 -14.39 -17.97
N GLY C 257 0.56 -15.15 -17.51
CA GLY C 257 1.50 -15.75 -18.41
C GLY C 257 0.85 -16.77 -19.33
N ILE C 258 1.43 -16.91 -20.52
CA ILE C 258 0.91 -17.92 -21.43
C ILE C 258 1.57 -19.27 -21.17
N THR C 259 2.80 -19.26 -20.63
CA THR C 259 3.33 -20.51 -20.07
C THR C 259 2.47 -20.97 -18.92
N ARG C 260 2.10 -20.05 -18.02
CA ARG C 260 1.17 -20.36 -16.94
C ARG C 260 -0.13 -20.91 -17.49
N ARG C 261 -0.70 -20.23 -18.49
CA ARG C 261 -1.93 -20.71 -19.10
C ARG C 261 -1.78 -22.14 -19.60
N THR C 262 -0.65 -22.45 -20.24
CA THR C 262 -0.41 -23.79 -20.76
C THR C 262 -0.21 -24.81 -19.63
N ALA C 263 0.56 -24.44 -18.59
CA ALA C 263 0.78 -25.35 -17.47
C ALA C 263 -0.52 -25.72 -16.80
N LEU C 264 -1.43 -24.75 -16.64
CA LEU C 264 -2.74 -25.05 -16.07
C LEU C 264 -3.54 -25.98 -16.95
N GLU C 265 -3.49 -25.77 -18.28
CA GLU C 265 -4.21 -26.67 -19.17
C GLU C 265 -3.70 -28.09 -19.03
N ILE C 266 -2.38 -28.27 -19.11
CA ILE C 266 -1.77 -29.57 -18.87
C ILE C 266 -2.21 -30.15 -17.53
N ALA C 267 -2.22 -29.30 -16.49
CA ALA C 267 -2.52 -29.80 -15.14
C ALA C 267 -3.92 -30.40 -15.09
N ARG C 268 -4.89 -29.68 -15.66
CA ARG C 268 -6.27 -30.17 -15.64
C ARG C 268 -6.43 -31.42 -16.49
N ASP C 269 -5.65 -31.56 -17.56
CA ASP C 269 -5.70 -32.81 -18.33
C ASP C 269 -5.03 -33.96 -17.58
N PHE C 270 -4.18 -33.65 -16.61
CA PHE C 270 -3.69 -34.67 -15.70
C PHE C 270 -4.66 -34.98 -14.57
N GLY C 271 -5.82 -34.32 -14.55
CA GLY C 271 -6.80 -34.52 -13.50
C GLY C 271 -6.63 -33.68 -12.24
N LEU C 272 -5.73 -32.70 -12.27
CA LEU C 272 -5.56 -31.82 -11.11
C LEU C 272 -6.56 -30.66 -11.16
N GLN C 273 -6.96 -30.19 -9.99
CA GLN C 273 -7.68 -28.93 -9.88
C GLN C 273 -6.71 -27.76 -10.06
N THR C 274 -7.28 -26.61 -10.40
CA THR C 274 -6.51 -25.40 -10.61
C THR C 274 -7.26 -24.23 -10.01
N VAL C 275 -6.54 -23.35 -9.32
CA VAL C 275 -7.13 -22.16 -8.73
C VAL C 275 -6.22 -20.98 -9.04
N ILE C 276 -6.73 -20.03 -9.83
CA ILE C 276 -6.06 -18.75 -10.03
C ILE C 276 -6.65 -17.79 -9.00
N GLY C 277 -5.84 -17.38 -8.04
CA GLY C 277 -6.35 -16.57 -6.95
C GLY C 277 -5.24 -16.35 -5.94
N ASP C 278 -5.59 -15.63 -4.87
CA ASP C 278 -4.59 -15.18 -3.91
C ASP C 278 -3.76 -16.34 -3.36
N VAL C 279 -2.45 -16.15 -3.33
CA VAL C 279 -1.50 -17.12 -2.78
C VAL C 279 -0.77 -16.45 -1.62
N THR C 280 -0.72 -17.11 -0.47
CA THR C 280 0.00 -16.54 0.66
C THR C 280 1.39 -17.14 0.78
N PRO C 281 2.29 -16.45 1.48
CA PRO C 281 3.57 -17.07 1.82
C PRO C 281 3.38 -18.39 2.55
N GLU C 282 2.37 -18.50 3.39
CA GLU C 282 2.19 -19.73 4.17
C GLU C 282 1.75 -20.89 3.26
N MET C 283 0.94 -20.61 2.24
CA MET C 283 0.65 -21.63 1.25
C MET C 283 1.93 -22.15 0.61
N LEU C 284 2.80 -21.24 0.15
CA LEU C 284 4.04 -21.67 -0.47
C LEU C 284 4.86 -22.52 0.48
N ARG C 285 4.95 -22.11 1.75
CA ARG C 285 5.80 -22.84 2.68
C ARG C 285 5.28 -24.23 2.98
N GLY C 286 3.98 -24.45 2.82
CA GLY C 286 3.43 -25.79 2.94
C GLY C 286 3.30 -26.58 1.64
N ALA C 287 3.73 -26.04 0.49
CA ALA C 287 3.42 -26.66 -0.79
C ALA C 287 4.14 -28.01 -0.95
N ASP C 288 3.49 -28.92 -1.68
CA ASP C 288 4.17 -30.12 -2.15
C ASP C 288 5.23 -29.79 -3.20
N GLU C 289 4.92 -28.87 -4.10
CA GLU C 289 5.84 -28.53 -5.17
C GLU C 289 5.69 -27.06 -5.50
N ILE C 290 6.76 -26.49 -6.06
CA ILE C 290 6.71 -25.12 -6.58
C ILE C 290 7.47 -25.09 -7.89
N PHE C 291 6.93 -24.38 -8.88
CA PHE C 291 7.67 -24.20 -10.12
C PHE C 291 7.39 -22.83 -10.75
N ALA C 292 8.37 -22.38 -11.52
CA ALA C 292 8.27 -21.15 -12.31
C ALA C 292 7.81 -21.45 -13.73
N ALA C 293 7.19 -20.46 -14.38
CA ALA C 293 6.73 -20.61 -15.74
C ALA C 293 7.05 -19.35 -16.53
N THR C 294 7.65 -19.51 -17.70
CA THR C 294 7.90 -18.36 -18.57
C THR C 294 8.24 -18.89 -19.97
N THR C 295 7.98 -18.05 -20.99
CA THR C 295 8.37 -18.42 -22.35
C THR C 295 9.87 -18.62 -22.45
N ALA C 296 10.64 -17.87 -21.67
CA ALA C 296 12.10 -17.98 -21.70
C ALA C 296 12.56 -19.13 -20.80
N GLY C 297 12.22 -20.35 -21.23
CA GLY C 297 12.69 -21.54 -20.53
C GLY C 297 11.66 -22.59 -20.16
N GLY C 298 10.38 -22.21 -20.13
CA GLY C 298 9.30 -23.16 -19.87
C GLY C 298 9.00 -23.32 -18.38
N VAL C 299 9.14 -24.54 -17.87
CA VAL C 299 8.69 -24.95 -16.54
C VAL C 299 9.93 -25.34 -15.73
N THR C 300 10.15 -24.65 -14.60
CA THR C 300 11.37 -24.81 -13.82
C THR C 300 11.01 -25.26 -12.41
N PRO C 301 11.52 -26.39 -11.93
CA PRO C 301 11.27 -26.77 -10.53
C PRO C 301 11.95 -25.80 -9.57
N VAL C 302 11.23 -25.45 -8.51
CA VAL C 302 11.76 -24.66 -7.40
C VAL C 302 11.87 -25.59 -6.20
N VAL C 303 13.10 -25.99 -5.86
CA VAL C 303 13.30 -27.06 -4.89
C VAL C 303 13.64 -26.57 -3.48
N ALA C 304 13.95 -25.28 -3.30
CA ALA C 304 14.13 -24.72 -1.96
C ALA C 304 13.60 -23.29 -1.93
N LEU C 305 13.00 -22.93 -0.80
CA LEU C 305 12.41 -21.60 -0.59
C LEU C 305 12.91 -21.08 0.74
N ASP C 306 13.57 -19.92 0.72
CA ASP C 306 14.04 -19.30 1.96
C ASP C 306 14.94 -20.24 2.74
N GLY C 307 15.77 -21.01 2.02
CA GLY C 307 16.70 -21.92 2.65
C GLY C 307 16.10 -23.23 3.12
N ALA C 308 14.82 -23.46 2.89
CA ALA C 308 14.12 -24.66 3.31
C ALA C 308 13.72 -25.52 2.11
N PRO C 309 13.72 -26.84 2.25
CA PRO C 309 13.32 -27.68 1.12
C PRO C 309 11.84 -27.50 0.80
N VAL C 310 11.52 -27.54 -0.48
CA VAL C 310 10.14 -27.57 -0.93
C VAL C 310 9.74 -29.04 -0.98
N GLY C 311 8.75 -29.42 -0.17
CA GLY C 311 8.40 -30.83 -0.08
C GLY C 311 9.64 -31.67 0.15
N ALA C 312 9.83 -32.68 -0.70
CA ALA C 312 10.97 -33.59 -0.56
C ALA C 312 12.29 -32.96 -0.97
N GLY C 313 12.29 -31.74 -1.51
CA GLY C 313 13.53 -31.07 -1.85
C GLY C 313 14.11 -31.42 -3.20
N VAL C 314 13.42 -32.23 -3.98
CA VAL C 314 13.83 -32.57 -5.34
C VAL C 314 12.70 -32.15 -6.25
N PRO C 315 12.95 -32.01 -7.55
CA PRO C 315 11.86 -31.70 -8.48
C PRO C 315 10.71 -32.65 -8.27
N GLY C 316 9.50 -32.09 -8.20
CA GLY C 316 8.35 -32.87 -7.79
C GLY C 316 7.70 -33.64 -8.93
N ASP C 317 6.89 -34.63 -8.54
CA ASP C 317 6.28 -35.53 -9.51
C ASP C 317 5.49 -34.77 -10.56
N TRP C 318 4.53 -33.96 -10.13
CA TRP C 318 3.68 -33.27 -11.10
C TRP C 318 4.48 -32.26 -11.90
N THR C 319 5.40 -31.53 -11.26
CA THR C 319 6.21 -30.59 -12.01
C THR C 319 6.90 -31.28 -13.17
N ARG C 320 7.48 -32.45 -12.92
CA ARG C 320 8.23 -33.14 -13.97
C ARG C 320 7.31 -33.58 -15.11
N LYS C 321 6.10 -34.05 -14.77
CA LYS C 321 5.14 -34.43 -15.80
C LYS C 321 4.66 -33.23 -16.61
N ILE C 322 4.41 -32.10 -15.93
CA ILE C 322 3.99 -30.89 -16.63
C ILE C 322 5.09 -30.39 -17.55
N ARG C 323 6.33 -30.35 -17.04
CA ARG C 323 7.47 -29.94 -17.85
C ARG C 323 7.61 -30.83 -19.08
N THR C 324 7.68 -32.14 -18.87
CA THR C 324 7.79 -33.09 -19.96
C THR C 324 6.70 -32.88 -21.00
N ARG C 325 5.45 -32.79 -20.55
CA ARG C 325 4.34 -32.64 -21.49
C ARG C 325 4.45 -31.33 -22.27
N TYR C 326 4.80 -30.24 -21.57
CA TYR C 326 4.99 -28.94 -22.22
C TYR C 326 5.95 -29.05 -23.40
N TRP C 327 7.09 -29.70 -23.19
CA TRP C 327 8.06 -29.79 -24.27
C TRP C 327 7.58 -30.73 -25.37
N GLN C 328 6.91 -31.83 -25.02
CA GLN C 328 6.31 -32.69 -26.03
C GLN C 328 5.34 -31.91 -26.91
N MET C 329 4.63 -30.95 -26.33
CA MET C 329 3.66 -30.17 -27.10
C MET C 329 4.31 -29.32 -28.19
N MET C 330 5.63 -29.17 -28.17
CA MET C 330 6.28 -28.41 -29.23
C MET C 330 6.36 -29.20 -30.53
N ASP C 331 6.15 -30.52 -30.46
CA ASP C 331 6.25 -31.41 -31.61
C ASP C 331 4.91 -32.06 -31.95
N GLU C 332 3.81 -31.55 -31.42
CA GLU C 332 2.51 -32.16 -31.59
C GLU C 332 1.59 -31.21 -32.34
N PRO C 333 1.25 -31.49 -33.60
CA PRO C 333 0.34 -30.60 -34.32
C PRO C 333 -0.93 -30.35 -33.54
N SER C 334 -1.36 -29.10 -33.51
CA SER C 334 -2.52 -28.66 -32.75
C SER C 334 -2.79 -27.21 -33.10
N ASP C 335 -3.92 -26.70 -32.62
CA ASP C 335 -4.23 -25.29 -32.75
C ASP C 335 -3.20 -24.39 -32.07
N LEU C 336 -2.28 -24.95 -31.27
CA LEU C 336 -1.32 -24.12 -30.55
C LEU C 336 -0.02 -23.93 -31.29
N ILE C 337 0.33 -24.77 -32.26
CA ILE C 337 1.61 -24.66 -32.93
C ILE C 337 1.40 -24.38 -34.42
N GLU C 338 2.23 -23.49 -34.95
CA GLU C 338 2.17 -23.06 -36.35
C GLU C 338 3.58 -23.20 -36.92
N PRO C 339 3.82 -24.15 -37.82
CA PRO C 339 5.17 -24.28 -38.39
C PRO C 339 5.59 -23.00 -39.10
N VAL C 340 6.87 -22.66 -38.99
CA VAL C 340 7.43 -21.47 -39.62
C VAL C 340 7.82 -21.83 -41.05
N SER C 341 7.50 -20.94 -42.00
CA SER C 341 7.91 -21.12 -43.39
C SER C 341 9.28 -20.49 -43.57
N TYR C 342 10.33 -21.31 -43.60
CA TYR C 342 11.67 -20.77 -43.74
C TYR C 342 12.01 -20.57 -45.21
N LEU D 13 -23.04 10.82 13.23
CA LEU D 13 -22.72 9.62 12.47
C LEU D 13 -23.91 8.66 12.44
N ILE D 23 -39.56 -1.66 18.44
CA ILE D 23 -39.05 -2.99 18.19
C ILE D 23 -39.29 -3.40 16.75
N ILE D 24 -40.58 -3.51 16.37
CA ILE D 24 -40.96 -3.71 14.98
C ILE D 24 -40.84 -2.39 14.24
N CYS D 25 -40.57 -2.47 12.94
CA CYS D 25 -40.39 -1.29 12.10
C CYS D 25 -41.36 -1.33 10.93
N GLU D 26 -41.57 -0.16 10.31
CA GLU D 26 -42.45 -0.06 9.15
C GLU D 26 -41.79 -0.71 7.94
N THR D 27 -42.55 -1.57 7.24
CA THR D 27 -42.10 -2.20 6.01
C THR D 27 -43.05 -1.87 4.87
N VAL D 28 -42.62 -2.20 3.65
CA VAL D 28 -43.37 -1.88 2.44
C VAL D 28 -44.54 -2.83 2.26
N PRO D 29 -45.77 -2.34 2.20
CA PRO D 29 -46.92 -3.24 2.03
C PRO D 29 -46.85 -3.96 0.69
N GLY D 30 -47.13 -5.26 0.72
CA GLY D 30 -47.09 -6.08 -0.47
C GLY D 30 -45.74 -6.66 -0.79
N GLU D 31 -44.65 -6.07 -0.29
CA GLU D 31 -43.31 -6.56 -0.60
C GLU D 31 -42.91 -7.69 0.35
N ALA D 32 -41.74 -8.28 0.07
CA ALA D 32 -41.38 -9.57 0.66
C ALA D 32 -40.99 -9.48 2.12
N ILE D 33 -40.71 -8.29 2.64
CA ILE D 33 -40.22 -8.12 4.01
C ILE D 33 -41.40 -7.78 4.91
N GLN D 34 -41.74 -8.69 5.82
CA GLN D 34 -42.86 -8.49 6.75
C GLN D 34 -42.49 -9.03 8.12
N TYR D 35 -42.63 -8.20 9.15
CA TYR D 35 -42.43 -8.72 10.49
C TYR D 35 -43.49 -9.78 10.82
N SER D 36 -43.31 -10.43 11.96
CA SER D 36 -44.37 -11.29 12.49
C SER D 36 -45.47 -10.44 13.11
N ARG D 37 -46.68 -10.98 13.11
CA ARG D 37 -47.84 -10.31 13.71
C ARG D 37 -48.08 -10.98 15.06
N TYR D 38 -47.65 -10.31 16.13
CA TYR D 38 -47.79 -10.85 17.49
C TYR D 38 -47.60 -9.72 18.49
N SER D 39 -47.65 -10.07 19.77
CA SER D 39 -47.37 -9.15 20.86
C SER D 39 -46.50 -9.86 21.89
N LEU D 40 -45.54 -9.13 22.44
CA LEU D 40 -44.55 -9.71 23.35
C LEU D 40 -45.04 -9.65 24.79
N ASP D 41 -44.89 -10.77 25.50
CA ASP D 41 -45.12 -10.83 26.93
C ASP D 41 -43.96 -10.17 27.66
N ARG D 42 -44.22 -9.05 28.33
CA ARG D 42 -43.16 -8.28 28.99
C ARG D 42 -43.16 -8.44 30.50
N THR D 43 -43.74 -9.53 31.02
CA THR D 43 -43.50 -9.88 32.41
C THR D 43 -42.02 -10.18 32.63
N SER D 44 -41.43 -10.97 31.74
CA SER D 44 -40.01 -11.29 31.82
C SER D 44 -39.19 -10.01 31.64
N PRO D 45 -38.24 -9.72 32.54
CA PRO D 45 -37.29 -8.63 32.26
C PRO D 45 -36.38 -8.92 31.07
N LEU D 46 -36.23 -10.18 30.67
CA LEU D 46 -35.43 -10.50 29.48
C LEU D 46 -36.22 -10.32 28.19
N ALA D 47 -37.55 -10.27 28.26
CA ALA D 47 -38.32 -10.06 27.05
C ALA D 47 -37.87 -8.78 26.34
N GLY D 48 -37.72 -8.87 25.03
CA GLY D 48 -37.32 -7.74 24.21
C GLY D 48 -35.84 -7.64 23.93
N GLY D 49 -35.01 -8.39 24.64
CA GLY D 49 -33.57 -8.29 24.49
C GLY D 49 -32.82 -8.88 25.66
N CYS D 50 -32.07 -9.95 25.40
CA CYS D 50 -31.43 -10.75 26.44
C CYS D 50 -29.97 -10.98 26.05
N ALA D 51 -29.07 -10.70 26.99
CA ALA D 51 -27.65 -10.94 26.82
C ALA D 51 -27.17 -12.03 27.78
N TRP D 52 -26.07 -12.67 27.43
CA TRP D 52 -25.40 -13.63 28.30
C TRP D 52 -23.99 -13.12 28.55
N ILE D 53 -23.69 -12.84 29.82
CA ILE D 53 -22.42 -12.25 30.23
C ILE D 53 -21.88 -13.04 31.42
N GLU D 54 -20.72 -13.66 31.24
CA GLU D 54 -20.03 -14.37 32.33
C GLU D 54 -21.00 -15.27 33.10
N GLY D 55 -21.78 -16.04 32.35
CA GLY D 55 -22.66 -17.05 32.92
C GLY D 55 -24.06 -16.58 33.27
N ALA D 56 -24.36 -15.30 33.14
CA ALA D 56 -25.66 -14.76 33.54
C ALA D 56 -26.44 -14.30 32.32
N PHE D 57 -27.70 -14.74 32.22
CA PHE D 57 -28.63 -14.15 31.28
C PHE D 57 -29.21 -12.89 31.92
N VAL D 58 -29.02 -11.75 31.27
CA VAL D 58 -29.41 -10.47 31.86
C VAL D 58 -30.18 -9.67 30.82
N PRO D 59 -30.99 -8.70 31.26
CA PRO D 59 -31.64 -7.80 30.30
C PRO D 59 -30.58 -7.08 29.49
N ALA D 60 -30.79 -7.04 28.18
CA ALA D 60 -29.79 -6.44 27.29
C ALA D 60 -29.40 -5.05 27.77
N ALA D 61 -30.36 -4.27 28.26
CA ALA D 61 -30.08 -2.91 28.72
C ALA D 61 -29.08 -2.87 29.87
N ALA D 62 -28.95 -3.94 30.63
CA ALA D 62 -28.07 -3.95 31.79
C ALA D 62 -26.74 -4.65 31.53
N ALA D 63 -26.52 -5.14 30.31
CA ALA D 63 -25.35 -5.95 30.02
C ALA D 63 -24.10 -5.07 29.96
N ARG D 64 -23.12 -5.36 30.84
CA ARG D 64 -21.88 -4.62 30.88
C ARG D 64 -20.71 -5.58 31.01
N ILE D 65 -19.56 -5.14 30.52
CA ILE D 65 -18.33 -5.93 30.54
C ILE D 65 -17.25 -5.15 31.28
N SER D 66 -16.29 -5.89 31.84
CA SER D 66 -15.17 -5.24 32.53
C SER D 66 -14.42 -4.34 31.57
N ILE D 67 -14.07 -3.14 32.04
CA ILE D 67 -13.33 -2.19 31.21
C ILE D 67 -11.93 -2.71 30.89
N PHE D 68 -11.44 -3.70 31.63
CA PHE D 68 -10.10 -4.25 31.40
C PHE D 68 -10.08 -5.42 30.43
N ASP D 69 -11.23 -5.79 29.86
CA ASP D 69 -11.22 -6.79 28.80
C ASP D 69 -10.38 -6.28 27.62
N ALA D 70 -9.39 -7.07 27.21
CA ALA D 70 -8.60 -6.68 26.05
C ALA D 70 -9.44 -6.64 24.77
N GLY D 71 -10.64 -7.19 24.78
CA GLY D 71 -11.57 -6.90 23.69
C GLY D 71 -11.81 -5.41 23.52
N PHE D 72 -11.66 -4.63 24.60
CA PHE D 72 -11.85 -3.18 24.57
C PHE D 72 -10.52 -2.49 24.29
N GLY D 73 -9.57 -2.62 25.22
CA GLY D 73 -8.33 -1.86 25.12
C GLY D 73 -7.42 -2.26 23.95
N HIS D 74 -7.59 -3.46 23.39
CA HIS D 74 -6.82 -3.91 22.23
C HIS D 74 -7.69 -4.26 21.04
N SER D 75 -9.01 -4.09 21.16
CA SER D 75 -10.00 -4.64 20.21
C SER D 75 -9.67 -6.09 19.89
N ASP D 76 -9.25 -6.83 20.92
CA ASP D 76 -8.84 -8.22 20.72
C ASP D 76 -10.10 -9.09 20.81
N VAL D 77 -10.86 -9.10 19.71
CA VAL D 77 -12.23 -9.63 19.69
C VAL D 77 -12.63 -9.89 18.24
N THR D 78 -13.36 -10.99 18.04
CA THR D 78 -14.05 -11.27 16.78
C THR D 78 -15.49 -11.68 17.11
N TYR D 79 -16.31 -11.83 16.07
CA TYR D 79 -17.74 -11.99 16.32
C TYR D 79 -18.44 -12.41 15.05
N THR D 80 -19.70 -12.80 15.21
CA THR D 80 -20.62 -12.85 14.07
C THR D 80 -21.99 -12.40 14.53
N VAL D 81 -22.87 -12.20 13.58
CA VAL D 81 -24.26 -11.87 13.86
C VAL D 81 -25.13 -12.78 13.01
N ALA D 82 -25.89 -13.65 13.66
CA ALA D 82 -26.96 -14.41 13.04
C ALA D 82 -28.28 -13.71 13.33
N HIS D 83 -29.28 -13.97 12.49
CA HIS D 83 -30.58 -13.34 12.65
C HIS D 83 -31.67 -14.39 12.79
N VAL D 84 -32.77 -13.98 13.41
CA VAL D 84 -33.98 -14.79 13.49
C VAL D 84 -35.10 -14.01 12.83
N TRP D 85 -35.85 -14.68 11.95
CA TRP D 85 -36.95 -14.06 11.22
C TRP D 85 -38.14 -14.99 11.28
N HIS D 86 -39.31 -14.44 11.62
CA HIS D 86 -40.52 -15.24 11.80
C HIS D 86 -40.25 -16.42 12.74
N GLY D 87 -39.39 -16.20 13.73
CA GLY D 87 -39.03 -17.23 14.69
C GLY D 87 -38.11 -18.32 14.18
N ASN D 88 -37.40 -18.08 13.08
CA ASN D 88 -36.50 -19.08 12.48
C ASN D 88 -35.06 -18.56 12.46
N PHE D 89 -34.15 -19.27 13.10
CA PHE D 89 -32.73 -18.97 12.89
C PHE D 89 -32.39 -19.24 11.43
N PHE D 90 -31.58 -18.37 10.83
CA PHE D 90 -31.13 -18.54 9.46
C PHE D 90 -29.62 -18.82 9.45
N ARG D 91 -29.24 -20.00 8.98
CA ARG D 91 -27.82 -20.38 8.82
C ARG D 91 -27.03 -20.23 10.11
N LEU D 92 -27.68 -20.55 11.23
CA LEU D 92 -27.01 -20.44 12.53
C LEU D 92 -25.75 -21.28 12.56
N GLU D 93 -25.79 -22.48 11.97
CA GLU D 93 -24.61 -23.33 12.01
C GLU D 93 -23.47 -22.72 11.18
N ASP D 94 -23.77 -22.23 9.98
CA ASP D 94 -22.76 -21.58 9.17
C ASP D 94 -22.13 -20.41 9.90
N HIS D 95 -22.96 -19.61 10.58
CA HIS D 95 -22.43 -18.44 11.30
C HIS D 95 -21.44 -18.85 12.39
N VAL D 96 -21.78 -19.86 13.19
CA VAL D 96 -20.92 -20.18 14.32
C VAL D 96 -19.63 -20.82 13.82
N GLU D 97 -19.70 -21.58 12.72
CA GLU D 97 -18.49 -22.15 12.14
C GLU D 97 -17.56 -21.06 11.62
N ARG D 98 -18.12 -20.00 11.03
CA ARG D 98 -17.27 -18.89 10.59
C ARG D 98 -16.72 -18.12 11.77
N PHE D 99 -17.58 -17.79 12.74
CA PHE D 99 -17.12 -17.18 13.99
C PHE D 99 -15.94 -17.96 14.57
N LEU D 100 -16.10 -19.28 14.68
CA LEU D 100 -15.05 -20.13 15.24
C LEU D 100 -13.79 -20.11 14.38
N ALA D 101 -13.95 -20.12 13.07
CA ALA D 101 -12.77 -20.16 12.21
C ALA D 101 -12.00 -18.85 12.30
N GLY D 102 -12.71 -17.73 12.41
CA GLY D 102 -12.04 -16.45 12.56
C GLY D 102 -11.34 -16.30 13.91
N ALA D 103 -11.96 -16.81 14.98
CA ALA D 103 -11.31 -16.77 16.29
C ALA D 103 -10.03 -17.61 16.27
N GLU D 104 -10.05 -18.74 15.57
CA GLU D 104 -8.83 -19.53 15.43
C GLU D 104 -7.76 -18.74 14.68
N LYS D 105 -8.15 -18.05 13.61
CA LYS D 105 -7.21 -17.24 12.84
C LYS D 105 -6.66 -16.08 13.66
N MET D 106 -7.50 -15.46 14.48
CA MET D 106 -7.08 -14.39 15.37
C MET D 106 -6.33 -14.90 16.59
N ARG D 107 -6.25 -16.22 16.80
CA ARG D 107 -5.56 -16.86 17.92
C ARG D 107 -6.22 -16.57 19.28
N ILE D 108 -7.52 -16.35 19.32
CA ILE D 108 -8.24 -16.18 20.59
C ILE D 108 -8.80 -17.55 21.00
N PRO D 109 -8.34 -18.14 22.10
CA PRO D 109 -8.89 -19.44 22.51
C PRO D 109 -10.38 -19.32 22.77
N MET D 110 -11.12 -20.36 22.36
CA MET D 110 -12.58 -20.34 22.47
C MET D 110 -13.02 -20.99 23.77
N PRO D 111 -13.79 -20.31 24.63
CA PRO D 111 -14.13 -20.88 25.94
C PRO D 111 -15.45 -21.64 25.96
N ALA D 112 -15.85 -22.18 24.80
CA ALA D 112 -17.10 -22.91 24.71
C ALA D 112 -17.10 -23.68 23.40
N THR D 113 -17.85 -24.79 23.36
CA THR D 113 -17.96 -25.57 22.14
C THR D 113 -18.93 -24.91 21.16
N LYS D 114 -18.90 -25.41 19.93
CA LYS D 114 -19.86 -24.97 18.92
C LYS D 114 -21.28 -25.23 19.37
N ALA D 115 -21.54 -26.44 19.88
CA ALA D 115 -22.87 -26.76 20.42
C ALA D 115 -23.25 -25.82 21.55
N GLU D 116 -22.34 -25.58 22.49
CA GLU D 116 -22.65 -24.68 23.59
C GLU D 116 -23.00 -23.29 23.09
N ILE D 117 -22.24 -22.77 22.12
CA ILE D 117 -22.49 -21.41 21.64
C ILE D 117 -23.87 -21.32 21.00
N MET D 118 -24.18 -22.24 20.09
CA MET D 118 -25.51 -22.27 19.51
C MET D 118 -26.58 -22.27 20.59
N ASP D 119 -26.39 -23.11 21.63
CA ASP D 119 -27.39 -23.18 22.70
C ASP D 119 -27.52 -21.85 23.43
N LEU D 120 -26.40 -21.16 23.68
CA LEU D 120 -26.47 -19.85 24.33
C LEU D 120 -27.17 -18.82 23.44
N MET D 121 -26.95 -18.88 22.13
CA MET D 121 -27.65 -17.97 21.24
C MET D 121 -29.14 -18.28 21.22
N ARG D 122 -29.50 -19.56 21.05
CA ARG D 122 -30.91 -19.92 21.06
C ARG D 122 -31.56 -19.56 22.39
N GLY D 123 -30.81 -19.64 23.48
CA GLY D 123 -31.35 -19.26 24.78
C GLY D 123 -31.61 -17.76 24.89
N CYS D 124 -30.69 -16.95 24.37
CA CYS D 124 -30.89 -15.50 24.37
C CYS D 124 -32.09 -15.10 23.53
N VAL D 125 -32.29 -15.77 22.40
CA VAL D 125 -33.44 -15.44 21.54
C VAL D 125 -34.73 -15.89 22.20
N SER D 126 -34.80 -17.17 22.57
CA SER D 126 -35.99 -17.68 23.24
C SER D 126 -36.36 -16.80 24.43
N LYS D 127 -35.40 -16.52 25.29
CA LYS D 127 -35.68 -15.71 26.47
C LYS D 127 -36.19 -14.33 26.08
N SER D 128 -35.70 -13.77 24.98
CA SER D 128 -36.13 -12.44 24.57
C SER D 128 -37.53 -12.45 23.97
N GLY D 129 -38.01 -13.62 23.55
CA GLY D 129 -39.29 -13.74 22.87
C GLY D 129 -39.38 -13.11 21.50
N LEU D 130 -38.28 -12.55 20.99
CA LEU D 130 -38.33 -11.87 19.71
C LEU D 130 -38.36 -12.88 18.57
N ARG D 131 -39.31 -12.70 17.65
CA ARG D 131 -39.36 -13.52 16.44
C ARG D 131 -38.58 -12.90 15.29
N GLU D 132 -38.29 -11.61 15.35
CA GLU D 132 -37.38 -10.94 14.41
C GLU D 132 -36.24 -10.36 15.24
N ALA D 133 -35.04 -10.93 15.10
CA ALA D 133 -33.99 -10.61 16.05
C ALA D 133 -32.61 -10.68 15.41
N ALA D 134 -31.69 -9.90 15.97
CA ALA D 134 -30.26 -9.97 15.63
C ALA D 134 -29.51 -10.55 16.81
N VAL D 135 -28.73 -11.61 16.57
CA VAL D 135 -28.07 -12.36 17.63
C VAL D 135 -26.55 -12.22 17.46
N ASN D 136 -25.94 -11.38 18.30
CA ASN D 136 -24.49 -11.16 18.30
C ASN D 136 -23.83 -12.08 19.32
N VAL D 137 -22.81 -12.83 18.89
CA VAL D 137 -21.92 -13.53 19.80
C VAL D 137 -20.49 -13.08 19.48
N CYS D 138 -19.69 -12.78 20.50
CA CYS D 138 -18.31 -12.44 20.25
C CYS D 138 -17.48 -13.17 21.28
N VAL D 139 -16.17 -13.24 21.02
CA VAL D 139 -15.20 -13.78 21.96
C VAL D 139 -14.05 -12.78 22.04
N THR D 140 -13.59 -12.53 23.27
CA THR D 140 -12.50 -11.60 23.51
C THR D 140 -11.36 -12.33 24.21
N ARG D 141 -10.18 -11.73 24.11
CA ARG D 141 -9.03 -12.27 24.82
C ARG D 141 -9.24 -12.23 26.33
N GLY D 142 -10.15 -11.38 26.82
CA GLY D 142 -10.53 -11.38 28.22
C GLY D 142 -9.78 -10.34 29.05
N TYR D 143 -10.02 -10.40 30.36
CA TYR D 143 -9.45 -9.40 31.27
C TYR D 143 -8.52 -10.03 32.28
N GLY D 144 -7.95 -11.19 31.96
CA GLY D 144 -7.13 -11.93 32.89
C GLY D 144 -7.87 -13.11 33.49
N ARG D 145 -7.33 -13.61 34.60
CA ARG D 145 -7.92 -14.76 35.27
C ARG D 145 -9.36 -14.46 35.66
N LYS D 146 -10.27 -15.40 35.36
CA LYS D 146 -11.68 -15.20 35.63
C LYS D 146 -11.96 -15.23 37.14
N PRO D 147 -12.92 -14.43 37.61
CA PRO D 147 -13.30 -14.48 39.04
C PRO D 147 -13.56 -15.90 39.51
N GLY D 148 -12.85 -16.29 40.57
CA GLY D 148 -12.92 -17.64 41.08
C GLY D 148 -11.77 -18.51 40.62
N LYS D 150 -10.63 -19.85 37.15
CA LYS D 150 -10.44 -21.12 37.84
C LYS D 150 -9.10 -21.75 37.45
N THR D 151 -8.75 -22.86 38.11
CA THR D 151 -7.47 -23.53 37.90
C THR D 151 -6.29 -22.54 37.96
N GLU D 153 -4.32 -22.59 34.15
CA GLU D 153 -4.40 -22.97 32.75
C GLU D 153 -5.78 -22.66 32.16
N ALA D 154 -6.74 -22.36 33.03
CA ALA D 154 -8.10 -22.09 32.59
C ALA D 154 -8.14 -20.88 31.68
N LEU D 155 -9.01 -20.93 30.67
CA LEU D 155 -9.06 -19.88 29.66
C LEU D 155 -9.47 -18.56 30.27
N GLU D 156 -8.82 -17.49 29.84
CA GLU D 156 -9.24 -16.15 30.20
C GLU D 156 -10.12 -15.52 29.14
N SER D 157 -10.34 -16.19 28.00
CA SER D 157 -11.22 -15.63 26.98
C SER D 157 -12.64 -15.47 27.51
N GLN D 158 -13.36 -14.49 26.98
CA GLN D 158 -14.73 -14.24 27.38
C GLN D 158 -15.64 -14.36 26.17
N LEU D 159 -16.72 -15.12 26.31
CA LEU D 159 -17.82 -15.11 25.36
C LEU D 159 -18.91 -14.17 25.86
N TYR D 160 -19.39 -13.30 24.99
CA TYR D 160 -20.56 -12.48 25.27
C TYR D 160 -21.59 -12.68 24.15
N VAL D 161 -22.86 -12.84 24.53
CA VAL D 161 -23.93 -13.07 23.58
C VAL D 161 -25.01 -12.03 23.83
N TYR D 162 -25.68 -11.61 22.76
CA TYR D 162 -26.93 -10.91 23.00
C TYR D 162 -27.86 -11.08 21.82
N ALA D 163 -29.16 -11.13 22.13
CA ALA D 163 -30.23 -11.18 21.15
C ALA D 163 -31.09 -9.95 21.36
N ILE D 164 -31.22 -9.13 20.32
CA ILE D 164 -31.91 -7.84 20.40
C ILE D 164 -32.71 -7.65 19.12
N PRO D 165 -33.56 -6.63 19.03
CA PRO D 165 -34.40 -6.48 17.84
C PRO D 165 -33.59 -6.41 16.55
N TYR D 166 -34.12 -7.01 15.49
CA TYR D 166 -33.44 -7.07 14.20
C TYR D 166 -32.96 -5.67 13.80
N LEU D 167 -31.73 -5.63 13.28
CA LEU D 167 -31.06 -4.37 12.98
C LEU D 167 -31.03 -4.13 11.46
N TRP D 168 -31.19 -2.87 11.07
CA TRP D 168 -31.15 -2.45 9.67
C TRP D 168 -29.99 -1.50 9.46
N VAL D 169 -29.02 -1.91 8.63
CA VAL D 169 -28.08 -0.92 8.11
C VAL D 169 -28.81 0.03 7.19
N PHE D 170 -29.62 -0.51 6.27
CA PHE D 170 -30.52 0.29 5.44
C PHE D 170 -31.96 -0.11 5.73
N SER D 171 -32.84 0.90 5.83
CA SER D 171 -34.19 0.69 6.31
C SER D 171 -34.96 -0.29 5.43
N PRO D 172 -36.07 -0.84 5.95
CA PRO D 172 -36.90 -1.72 5.11
C PRO D 172 -37.40 -1.02 3.86
N ILE D 173 -37.73 0.27 3.95
CA ILE D 173 -38.16 0.98 2.74
C ILE D 173 -37.04 1.01 1.71
N ARG D 174 -35.82 1.29 2.15
CA ARG D 174 -34.70 1.33 1.22
C ARG D 174 -34.30 -0.06 0.74
N GLN D 175 -34.65 -1.12 1.47
CA GLN D 175 -34.42 -2.47 0.95
C GLN D 175 -35.16 -2.69 -0.37
N ILE D 176 -36.27 -1.98 -0.57
CA ILE D 176 -37.04 -2.10 -1.79
C ILE D 176 -36.69 -0.99 -2.78
N GLU D 177 -36.59 0.26 -2.30
CA GLU D 177 -36.42 1.40 -3.17
C GLU D 177 -34.97 1.64 -3.60
N GLY D 178 -33.98 1.14 -2.84
CA GLY D 178 -32.58 1.27 -3.20
C GLY D 178 -31.90 2.44 -2.49
N ILE D 179 -30.56 2.41 -2.50
CA ILE D 179 -29.73 3.46 -1.92
C ILE D 179 -28.73 3.96 -2.95
N ASP D 180 -28.11 5.08 -2.62
CA ASP D 180 -27.01 5.66 -3.38
C ASP D 180 -25.70 5.52 -2.58
N ALA D 181 -24.59 5.43 -3.30
CA ALA D 181 -23.29 5.20 -2.67
C ALA D 181 -22.23 6.03 -3.36
N VAL D 182 -21.07 6.15 -2.69
CA VAL D 182 -19.87 6.72 -3.31
C VAL D 182 -18.71 5.73 -3.11
N ILE D 183 -17.73 5.84 -3.99
CA ILE D 183 -16.43 5.20 -3.75
C ILE D 183 -15.59 6.16 -2.91
N ALA D 184 -15.24 5.74 -1.70
CA ALA D 184 -14.50 6.62 -0.79
C ALA D 184 -13.13 6.97 -1.37
N GLN D 185 -12.73 8.22 -1.21
CA GLN D 185 -11.46 8.72 -1.69
C GLN D 185 -10.51 9.13 -0.58
N SER D 186 -11.00 9.30 0.64
CA SER D 186 -10.19 9.81 1.73
C SER D 186 -9.72 8.73 2.71
N VAL D 187 -10.05 7.46 2.45
CA VAL D 187 -9.76 6.38 3.38
C VAL D 187 -9.79 5.08 2.57
N ARG D 188 -8.96 4.12 2.98
CA ARG D 188 -8.92 2.79 2.37
C ARG D 188 -9.29 1.74 3.40
N ARG D 189 -9.70 0.57 2.90
CA ARG D 189 -10.02 -0.54 3.79
C ARG D 189 -8.74 -1.11 4.40
N SER D 190 -8.85 -1.56 5.65
CA SER D 190 -7.72 -2.15 6.34
C SER D 190 -7.14 -3.30 5.55
N PRO D 191 -5.83 -3.33 5.34
CA PRO D 191 -5.23 -4.40 4.53
C PRO D 191 -5.27 -5.75 5.21
N ALA D 192 -5.26 -6.80 4.37
CA ALA D 192 -5.19 -8.18 4.86
C ALA D 192 -4.00 -8.40 5.80
N ASN D 193 -2.89 -7.69 5.59
CA ASN D 193 -1.68 -7.88 6.40
C ASN D 193 -1.52 -6.78 7.45
N VAL D 194 -2.61 -6.14 7.84
CA VAL D 194 -2.65 -5.24 8.98
C VAL D 194 -3.64 -5.85 9.98
N MET D 195 -4.93 -5.75 9.67
CA MET D 195 -5.98 -6.50 10.36
C MET D 195 -7.00 -6.92 9.30
N ASP D 196 -7.09 -8.23 9.07
CA ASP D 196 -7.72 -8.80 7.87
C ASP D 196 -9.23 -8.66 7.94
N PRO D 197 -9.85 -7.95 6.99
CA PRO D 197 -11.33 -7.94 6.93
C PRO D 197 -11.96 -9.32 6.86
N TRP D 198 -11.20 -10.36 6.50
CA TRP D 198 -11.73 -11.71 6.44
C TRP D 198 -12.22 -12.18 7.81
N ILE D 199 -11.59 -11.67 8.87
CA ILE D 199 -11.99 -11.92 10.25
C ILE D 199 -12.98 -10.82 10.64
N LYS D 200 -14.24 -11.17 10.87
CA LYS D 200 -15.19 -10.15 11.32
C LYS D 200 -14.67 -9.53 12.62
N ASN D 201 -14.53 -8.20 12.66
CA ASN D 201 -13.84 -7.58 13.77
C ASN D 201 -14.47 -6.23 14.08
N TYR D 202 -14.11 -5.69 15.26
CA TYR D 202 -14.64 -4.44 15.79
C TYR D 202 -13.77 -3.24 15.47
N GLN D 203 -12.74 -3.40 14.64
CA GLN D 203 -11.84 -2.30 14.30
C GLN D 203 -12.45 -1.54 13.14
N TRP D 204 -13.28 -0.54 13.46
CA TRP D 204 -14.05 0.18 12.45
C TRP D 204 -13.48 1.55 12.12
N GLY D 205 -12.23 1.83 12.51
CA GLY D 205 -11.69 3.16 12.27
C GLY D 205 -11.83 3.59 10.82
N ASP D 206 -11.50 2.69 9.88
CA ASP D 206 -11.61 3.03 8.46
C ASP D 206 -13.06 3.07 8.01
N LEU D 207 -13.88 2.14 8.51
CA LEU D 207 -15.29 2.09 8.14
C LEU D 207 -16.02 3.33 8.63
N VAL D 208 -15.70 3.80 9.83
CA VAL D 208 -16.32 5.01 10.36
C VAL D 208 -15.91 6.23 9.54
N ARG D 209 -14.61 6.37 9.25
CA ARG D 209 -14.17 7.45 8.38
C ARG D 209 -14.92 7.43 7.05
N ALA D 210 -15.16 6.24 6.50
CA ALA D 210 -15.83 6.15 5.20
C ALA D 210 -17.30 6.55 5.32
N THR D 211 -17.91 6.25 6.46
CA THR D 211 -19.28 6.68 6.70
C THR D 211 -19.35 8.21 6.78
N PHE D 212 -18.41 8.84 7.49
CA PHE D 212 -18.35 10.30 7.50
C PHE D 212 -18.19 10.85 6.10
N GLU D 213 -17.29 10.28 5.30
CA GLU D 213 -17.11 10.79 3.95
C GLU D 213 -18.41 10.67 3.14
N ALA D 214 -19.11 9.54 3.26
CA ALA D 214 -20.38 9.39 2.56
C ALA D 214 -21.34 10.51 2.93
N GLN D 215 -21.43 10.83 4.22
CA GLN D 215 -22.30 11.92 4.66
C GLN D 215 -21.86 13.24 4.03
N GLU D 216 -20.57 13.54 4.10
CA GLU D 216 -20.06 14.80 3.56
C GLU D 216 -20.32 14.93 2.06
N ARG D 217 -20.37 13.82 1.33
CA ARG D 217 -20.61 13.89 -0.10
C ARG D 217 -22.09 13.66 -0.45
N GLY D 218 -22.95 13.56 0.57
CA GLY D 218 -24.39 13.48 0.35
C GLY D 218 -24.90 12.14 -0.11
N ALA D 219 -24.18 11.06 0.14
CA ALA D 219 -24.65 9.72 -0.22
C ALA D 219 -25.03 8.97 1.05
N ARG D 220 -25.75 7.86 0.87
CA ARG D 220 -26.14 7.08 2.03
C ARG D 220 -24.97 6.26 2.58
N THR D 221 -24.17 5.66 1.71
CA THR D 221 -23.05 4.85 2.18
C THR D 221 -21.87 4.98 1.21
N ALA D 222 -20.78 4.31 1.57
CA ALA D 222 -19.53 4.36 0.82
C ALA D 222 -18.99 2.95 0.63
N PHE D 223 -18.36 2.73 -0.52
CA PHE D 223 -17.57 1.53 -0.75
C PHE D 223 -16.11 1.91 -0.56
N LEU D 224 -15.33 1.06 0.09
CA LEU D 224 -13.91 1.35 0.28
C LEU D 224 -13.10 0.58 -0.75
N LEU D 225 -12.00 1.20 -1.20
CA LEU D 225 -11.01 0.51 -2.01
C LEU D 225 -9.90 -0.02 -1.11
N ASP D 226 -9.20 -1.05 -1.59
CA ASP D 226 -7.99 -1.52 -0.92
C ASP D 226 -6.78 -0.76 -1.45
N SER D 227 -5.57 -1.10 -0.97
CA SER D 227 -4.40 -0.29 -1.33
C SER D 227 -4.10 -0.35 -2.83
N ASP D 228 -4.46 -1.43 -3.50
CA ASP D 228 -4.26 -1.56 -4.94
C ASP D 228 -5.37 -0.92 -5.76
N GLY D 229 -6.41 -0.38 -5.12
CA GLY D 229 -7.48 0.30 -5.82
C GLY D 229 -8.64 -0.58 -6.22
N PHE D 230 -8.75 -1.78 -5.67
CA PHE D 230 -9.87 -2.64 -5.99
C PHE D 230 -11.01 -2.44 -5.00
N VAL D 231 -12.22 -2.78 -5.44
CA VAL D 231 -13.41 -2.57 -4.64
C VAL D 231 -13.51 -3.68 -3.60
N THR D 232 -13.74 -3.30 -2.34
CA THR D 232 -13.79 -4.28 -1.27
C THR D 232 -15.21 -4.35 -0.77
N GLU D 233 -15.54 -3.74 0.38
CA GLU D 233 -16.85 -3.83 0.99
C GLU D 233 -17.17 -2.46 1.56
N GLY D 234 -18.25 -2.36 2.30
CA GLY D 234 -18.62 -1.12 2.93
C GLY D 234 -18.79 -1.30 4.43
N PRO D 235 -19.18 -0.24 5.14
CA PRO D 235 -19.36 -0.34 6.58
C PRO D 235 -20.53 -1.26 6.97
N GLY D 236 -20.29 -2.56 7.03
CA GLY D 236 -21.28 -3.51 7.49
C GLY D 236 -21.97 -4.35 6.42
N PHE D 237 -21.46 -4.37 5.19
CA PHE D 237 -22.11 -5.11 4.12
C PHE D 237 -21.11 -5.44 3.03
N ASN D 238 -21.37 -6.54 2.33
CA ASN D 238 -20.60 -6.86 1.14
C ASN D 238 -21.19 -6.13 -0.06
N VAL D 239 -20.39 -6.01 -1.11
CA VAL D 239 -20.77 -5.35 -2.36
C VAL D 239 -20.78 -6.40 -3.46
N LEU D 240 -21.89 -6.46 -4.21
CA LEU D 240 -22.01 -7.34 -5.35
C LEU D 240 -22.50 -6.56 -6.55
N MET D 241 -22.16 -7.05 -7.73
CA MET D 241 -22.59 -6.42 -8.96
C MET D 241 -22.96 -7.50 -9.96
N VAL D 242 -23.84 -7.14 -10.89
CA VAL D 242 -24.27 -8.03 -11.97
C VAL D 242 -23.97 -7.36 -13.29
N LYS D 243 -23.54 -8.16 -14.27
CA LYS D 243 -23.15 -7.66 -15.58
C LYS D 243 -23.26 -8.81 -16.57
N ASP D 244 -24.17 -8.70 -17.53
CA ASP D 244 -24.27 -9.67 -18.62
C ASP D 244 -24.30 -11.10 -18.09
N GLY D 245 -25.16 -11.34 -17.11
CA GLY D 245 -25.41 -12.70 -16.67
C GLY D 245 -24.46 -13.27 -15.66
N THR D 246 -23.53 -12.47 -15.13
CA THR D 246 -22.60 -12.91 -14.11
C THR D 246 -22.67 -11.95 -12.92
N VAL D 247 -22.60 -12.53 -11.72
CA VAL D 247 -22.53 -11.77 -10.46
C VAL D 247 -21.10 -11.79 -9.96
N PHE D 248 -20.52 -10.61 -9.76
CA PHE D 248 -19.15 -10.42 -9.31
C PHE D 248 -19.14 -9.87 -7.88
N THR D 249 -18.22 -10.39 -7.07
CA THR D 249 -18.02 -9.84 -5.73
C THR D 249 -16.58 -10.10 -5.31
N ALA D 250 -16.05 -9.20 -4.48
CA ALA D 250 -14.63 -9.20 -4.13
C ALA D 250 -14.24 -10.46 -3.36
N ALA D 251 -13.04 -10.97 -3.63
CA ALA D 251 -12.47 -12.05 -2.83
C ALA D 251 -11.62 -11.53 -1.68
N ARG D 252 -10.81 -10.51 -1.92
CA ARG D 252 -9.78 -10.07 -0.98
C ARG D 252 -10.20 -8.80 -0.25
N ASN D 253 -9.83 -8.72 1.04
CA ASN D 253 -9.99 -7.52 1.84
C ASN D 253 -11.46 -7.25 2.18
N VAL D 254 -12.23 -8.33 2.34
CA VAL D 254 -13.64 -8.24 2.74
C VAL D 254 -13.96 -9.43 3.63
N LEU D 255 -15.03 -9.28 4.37
CA LEU D 255 -15.62 -10.42 5.09
C LEU D 255 -16.34 -11.33 4.10
N PRO D 256 -16.06 -12.66 4.11
CA PRO D 256 -16.90 -13.60 3.34
C PRO D 256 -18.29 -13.71 3.94
N GLY D 257 -19.13 -12.72 3.65
CA GLY D 257 -20.44 -12.65 4.28
C GLY D 257 -21.30 -13.85 3.97
N ILE D 258 -22.21 -14.15 4.89
CA ILE D 258 -23.11 -15.28 4.70
C ILE D 258 -24.37 -14.88 3.92
N THR D 259 -24.74 -13.60 3.96
CA THR D 259 -25.71 -13.10 3.00
C THR D 259 -25.17 -13.24 1.57
N ARG D 260 -23.93 -12.79 1.37
CA ARG D 260 -23.24 -12.94 0.10
C ARG D 260 -23.28 -14.39 -0.37
N ARG D 261 -22.96 -15.33 0.53
CA ARG D 261 -22.99 -16.73 0.19
C ARG D 261 -24.38 -17.14 -0.30
N THR D 262 -25.42 -16.73 0.43
CA THR D 262 -26.79 -17.02 0.05
C THR D 262 -27.12 -16.40 -1.30
N ALA D 263 -26.83 -15.11 -1.48
CA ALA D 263 -27.14 -14.46 -2.75
C ALA D 263 -26.49 -15.20 -3.92
N LEU D 264 -25.23 -15.60 -3.76
CA LEU D 264 -24.55 -16.34 -4.83
C LEU D 264 -25.20 -17.71 -5.08
N GLU D 265 -25.64 -18.39 -4.01
CA GLU D 265 -26.39 -19.64 -4.21
C GLU D 265 -27.69 -19.38 -4.95
N ILE D 266 -28.40 -18.31 -4.57
CA ILE D 266 -29.64 -17.93 -5.25
C ILE D 266 -29.36 -17.64 -6.72
N ALA D 267 -28.35 -16.82 -6.99
CA ALA D 267 -28.05 -16.45 -8.37
C ALA D 267 -27.75 -17.67 -9.21
N ARG D 268 -26.99 -18.63 -8.67
CA ARG D 268 -26.68 -19.82 -9.45
C ARG D 268 -27.95 -20.63 -9.74
N ASP D 269 -28.87 -20.68 -8.77
CA ASP D 269 -30.16 -21.33 -9.01
C ASP D 269 -30.92 -20.66 -10.14
N PHE D 270 -30.79 -19.34 -10.25
CA PHE D 270 -31.45 -18.58 -11.31
C PHE D 270 -30.74 -18.72 -12.64
N GLY D 271 -29.67 -19.53 -12.70
CA GLY D 271 -28.93 -19.72 -13.93
C GLY D 271 -27.82 -18.73 -14.18
N LEU D 272 -27.61 -17.75 -13.29
CA LEU D 272 -26.52 -16.80 -13.42
C LEU D 272 -25.18 -17.44 -13.04
N GLN D 273 -24.10 -16.90 -13.60
CA GLN D 273 -22.76 -17.29 -13.16
C GLN D 273 -22.32 -16.39 -12.01
N THR D 274 -21.44 -16.92 -11.16
CA THR D 274 -20.92 -16.17 -10.02
C THR D 274 -19.39 -16.23 -10.00
N VAL D 275 -18.77 -15.08 -9.69
CA VAL D 275 -17.32 -14.96 -9.62
C VAL D 275 -16.97 -14.21 -8.34
N ILE D 276 -16.24 -14.86 -7.45
CA ILE D 276 -15.64 -14.20 -6.29
C ILE D 276 -14.20 -13.88 -6.69
N GLY D 277 -13.91 -12.61 -6.90
CA GLY D 277 -12.61 -12.22 -7.41
C GLY D 277 -12.49 -10.71 -7.48
N ASP D 278 -11.34 -10.27 -7.99
CA ASP D 278 -11.05 -8.84 -7.97
C ASP D 278 -12.10 -8.05 -8.75
N VAL D 279 -12.56 -6.97 -8.15
CA VAL D 279 -13.59 -6.09 -8.69
C VAL D 279 -13.00 -4.69 -8.78
N THR D 280 -12.99 -4.12 -9.99
CA THR D 280 -12.47 -2.76 -10.17
C THR D 280 -13.58 -1.74 -10.10
N PRO D 281 -13.25 -0.48 -9.81
CA PRO D 281 -14.26 0.59 -9.92
C PRO D 281 -14.81 0.74 -11.33
N GLU D 282 -14.02 0.47 -12.37
CA GLU D 282 -14.55 0.49 -13.73
C GLU D 282 -15.62 -0.58 -13.92
N MET D 283 -15.38 -1.79 -13.38
CA MET D 283 -16.40 -2.83 -13.38
C MET D 283 -17.70 -2.32 -12.76
N LEU D 284 -17.60 -1.68 -11.59
CA LEU D 284 -18.79 -1.12 -10.96
C LEU D 284 -19.49 -0.12 -11.88
N ARG D 285 -18.73 0.84 -12.41
CA ARG D 285 -19.34 1.90 -13.20
C ARG D 285 -20.05 1.34 -14.43
N GLY D 286 -19.55 0.24 -14.98
CA GLY D 286 -20.20 -0.40 -16.10
C GLY D 286 -21.25 -1.43 -15.75
N ALA D 287 -21.53 -1.63 -14.45
CA ALA D 287 -22.40 -2.72 -14.03
C ALA D 287 -23.85 -2.49 -14.46
N ASP D 288 -24.52 -3.60 -14.79
CA ASP D 288 -25.98 -3.58 -14.96
C ASP D 288 -26.68 -3.28 -13.64
N GLU D 289 -26.23 -3.93 -12.55
CA GLU D 289 -26.84 -3.81 -11.23
C GLU D 289 -25.76 -3.89 -10.15
N ILE D 290 -25.96 -3.12 -9.08
CA ILE D 290 -25.15 -3.23 -7.86
C ILE D 290 -26.10 -3.43 -6.67
N PHE D 291 -25.71 -4.30 -5.73
CA PHE D 291 -26.46 -4.40 -4.48
C PHE D 291 -25.54 -4.77 -3.33
N ALA D 292 -25.92 -4.31 -2.13
CA ALA D 292 -25.28 -4.64 -0.87
C ALA D 292 -25.90 -5.89 -0.25
N ALA D 293 -25.12 -6.59 0.57
CA ALA D 293 -25.60 -7.79 1.24
C ALA D 293 -25.10 -7.80 2.68
N THR D 294 -26.01 -8.05 3.62
CA THR D 294 -25.63 -8.14 5.02
C THR D 294 -26.76 -8.81 5.79
N THR D 295 -26.40 -9.41 6.92
CA THR D 295 -27.41 -9.99 7.79
C THR D 295 -28.34 -8.92 8.36
N ALA D 296 -27.86 -7.70 8.53
CA ALA D 296 -28.69 -6.60 9.02
C ALA D 296 -29.33 -5.86 7.85
N GLY D 297 -30.34 -6.50 7.25
CA GLY D 297 -31.08 -5.88 6.17
C GLY D 297 -31.31 -6.76 4.95
N GLY D 298 -30.42 -7.69 4.72
CA GLY D 298 -30.53 -8.60 3.58
C GLY D 298 -29.87 -8.01 2.33
N VAL D 299 -30.65 -7.92 1.25
CA VAL D 299 -30.16 -7.57 -0.08
C VAL D 299 -30.71 -6.21 -0.47
N THR D 300 -29.83 -5.25 -0.71
CA THR D 300 -30.19 -3.84 -0.91
C THR D 300 -29.77 -3.35 -2.29
N PRO D 301 -30.69 -2.84 -3.12
CA PRO D 301 -30.26 -2.26 -4.40
C PRO D 301 -29.49 -0.97 -4.20
N VAL D 302 -28.44 -0.81 -4.99
CA VAL D 302 -27.62 0.40 -5.00
C VAL D 302 -27.84 1.03 -6.37
N VAL D 303 -28.60 2.12 -6.41
CA VAL D 303 -29.11 2.61 -7.68
C VAL D 303 -28.32 3.80 -8.21
N ALA D 304 -27.45 4.39 -7.39
CA ALA D 304 -26.60 5.50 -7.81
C ALA D 304 -25.24 5.35 -7.18
N LEU D 305 -24.19 5.55 -7.97
CA LEU D 305 -22.80 5.47 -7.51
C LEU D 305 -22.08 6.73 -7.97
N ASP D 306 -21.49 7.46 -7.01
CA ASP D 306 -20.73 8.68 -7.30
C ASP D 306 -21.56 9.69 -8.10
N GLY D 307 -22.86 9.74 -7.87
CA GLY D 307 -23.71 10.69 -8.57
C GLY D 307 -24.25 10.22 -9.89
N ALA D 308 -23.79 9.09 -10.41
CA ALA D 308 -24.29 8.55 -11.67
C ALA D 308 -25.23 7.38 -11.43
N PRO D 309 -26.22 7.20 -12.29
CA PRO D 309 -27.14 6.06 -12.12
C PRO D 309 -26.43 4.74 -12.35
N VAL D 310 -26.86 3.73 -11.61
CA VAL D 310 -26.41 2.36 -11.86
C VAL D 310 -27.37 1.75 -12.85
N GLY D 311 -26.87 1.43 -14.04
CA GLY D 311 -27.75 0.89 -15.07
C GLY D 311 -28.87 1.87 -15.37
N ALA D 312 -30.10 1.42 -15.15
CA ALA D 312 -31.28 2.23 -15.40
C ALA D 312 -31.65 3.15 -14.23
N GLY D 313 -30.92 3.12 -13.12
CA GLY D 313 -31.24 3.99 -12.01
C GLY D 313 -32.34 3.50 -11.09
N VAL D 314 -32.83 2.28 -11.29
CA VAL D 314 -33.85 1.68 -10.44
C VAL D 314 -33.38 0.31 -10.01
N PRO D 315 -33.93 -0.23 -8.92
CA PRO D 315 -33.54 -1.57 -8.48
C PRO D 315 -33.61 -2.58 -9.62
N GLY D 316 -32.55 -3.38 -9.76
CA GLY D 316 -32.38 -4.22 -10.92
C GLY D 316 -33.23 -5.50 -10.90
N ASP D 317 -33.40 -6.05 -12.11
CA ASP D 317 -34.24 -7.23 -12.27
C ASP D 317 -33.72 -8.41 -11.46
N TRP D 318 -32.44 -8.74 -11.62
CA TRP D 318 -31.89 -9.84 -10.82
C TRP D 318 -31.87 -9.47 -9.34
N THR D 319 -31.58 -8.20 -9.03
CA THR D 319 -31.55 -7.77 -7.62
C THR D 319 -32.88 -8.06 -6.92
N ARG D 320 -33.99 -7.70 -7.57
CA ARG D 320 -35.30 -7.90 -6.95
C ARG D 320 -35.64 -9.37 -6.81
N LYS D 321 -35.27 -10.20 -7.79
CA LYS D 321 -35.61 -11.61 -7.70
C LYS D 321 -34.71 -12.37 -6.74
N ILE D 322 -33.48 -11.88 -6.52
CA ILE D 322 -32.64 -12.45 -5.47
C ILE D 322 -33.14 -12.00 -4.09
N ARG D 323 -33.42 -10.69 -3.95
CA ARG D 323 -33.95 -10.19 -2.67
C ARG D 323 -35.25 -10.89 -2.30
N THR D 324 -36.16 -11.07 -3.28
CA THR D 324 -37.42 -11.76 -3.00
C THR D 324 -37.18 -13.18 -2.52
N ARG D 325 -36.39 -13.95 -3.28
CA ARG D 325 -36.11 -15.33 -2.89
C ARG D 325 -35.50 -15.39 -1.49
N TYR D 326 -34.59 -14.45 -1.20
CA TYR D 326 -33.96 -14.40 0.12
C TYR D 326 -35.00 -14.42 1.23
N TRP D 327 -35.97 -13.50 1.18
CA TRP D 327 -36.95 -13.40 2.27
C TRP D 327 -37.89 -14.59 2.28
N GLN D 328 -38.28 -15.10 1.11
CA GLN D 328 -39.15 -16.26 1.08
C GLN D 328 -38.47 -17.49 1.69
N MET D 329 -37.13 -17.54 1.63
CA MET D 329 -36.40 -18.62 2.29
C MET D 329 -36.57 -18.59 3.81
N MET D 330 -36.80 -17.43 4.39
CA MET D 330 -37.00 -17.38 5.83
C MET D 330 -38.14 -18.30 6.29
N ASP D 331 -39.09 -18.60 5.39
CA ASP D 331 -40.28 -19.37 5.76
C ASP D 331 -40.33 -20.76 5.17
N GLU D 332 -39.40 -21.12 4.27
CA GLU D 332 -39.45 -22.44 3.65
C GLU D 332 -38.62 -23.42 4.46
N PRO D 333 -39.18 -24.58 4.83
CA PRO D 333 -38.40 -25.57 5.57
C PRO D 333 -37.17 -25.97 4.78
N SER D 334 -36.03 -26.05 5.46
CA SER D 334 -34.78 -26.39 4.80
C SER D 334 -33.70 -26.57 5.86
N ASP D 335 -32.57 -27.12 5.41
CA ASP D 335 -31.40 -27.29 6.29
C ASP D 335 -30.87 -25.95 6.80
N LEU D 336 -31.26 -24.84 6.17
CA LEU D 336 -30.73 -23.54 6.52
C LEU D 336 -31.53 -22.84 7.61
N ILE D 337 -32.72 -23.32 7.93
CA ILE D 337 -33.54 -22.62 8.92
C ILE D 337 -33.86 -23.57 10.07
N GLU D 338 -33.93 -23.00 11.26
CA GLU D 338 -34.14 -23.73 12.49
C GLU D 338 -35.11 -22.92 13.36
N PRO D 339 -36.32 -23.43 13.61
CA PRO D 339 -37.27 -22.66 14.40
C PRO D 339 -36.82 -22.54 15.84
N VAL D 340 -37.03 -21.36 16.41
CA VAL D 340 -36.72 -21.12 17.81
C VAL D 340 -37.82 -21.70 18.68
N SER D 341 -37.45 -22.34 19.78
CA SER D 341 -38.41 -22.81 20.77
C SER D 341 -38.55 -21.74 21.84
N TYR D 342 -39.70 -21.06 21.87
CA TYR D 342 -39.93 -19.99 22.84
C TYR D 342 -40.71 -20.49 24.06
N1 PLP E . 10.04 14.98 -10.15
C2 PLP E . 10.21 14.20 -11.27
C2A PLP E . 9.48 12.89 -11.33
C3 PLP E . 11.03 14.63 -12.32
O3 PLP E . 11.19 13.84 -13.39
C4 PLP E . 11.70 15.85 -12.24
C4A PLP E . 12.34 16.49 -13.45
O4A PLP E . 11.83 16.41 -14.58
C5 PLP E . 11.50 16.63 -11.11
C6 PLP E . 10.69 16.20 -10.08
C5A PLP E . 12.21 17.97 -10.99
O4P PLP E . 13.56 17.75 -10.60
P PLP E . 14.64 18.88 -11.00
O1P PLP E . 15.96 18.36 -10.43
O2P PLP E . 14.20 20.19 -10.37
O3P PLP E . 14.78 18.95 -12.50
H2A1 PLP E . 8.44 13.06 -11.61
H2A2 PLP E . 9.51 12.40 -10.35
H2A3 PLP E . 9.96 12.24 -12.07
HO3 PLP E . 12.08 13.44 -13.38
H4A PLP E . 13.26 17.06 -13.31
H6 PLP E . 10.56 16.82 -9.18
H5A1 PLP E . 12.18 18.49 -11.95
H5A2 PLP E . 11.70 18.60 -10.26
N1 PLP F . 3.19 3.85 20.32
C2 PLP F . 2.03 3.18 20.66
C2A PLP F . 1.33 2.34 19.64
C3 PLP F . 1.54 3.25 21.95
O3 PLP F . 0.38 2.59 22.30
C4 PLP F . 2.19 4.01 22.91
C4A PLP F . 1.85 3.67 24.34
O4A PLP F . 2.11 4.48 25.21
C5 PLP F . 3.38 4.68 22.55
C6 PLP F . 3.87 4.59 21.25
C5A PLP F . 4.17 5.52 23.53
O4P PLP F . 3.61 6.81 23.70
P PLP F . 3.85 7.60 25.07
O1P PLP F . 5.33 7.79 25.28
O2P PLP F . 3.18 8.95 24.97
O3P PLP F . 3.25 6.77 26.21
H2A1 PLP F . 1.77 1.35 19.65
H2A2 PLP F . 1.46 2.79 18.66
H2A3 PLP F . 0.27 2.28 19.88
HO3 PLP F . -0.37 3.21 22.23
H4A PLP F . 1.10 2.90 24.50
H6 PLP F . 4.79 5.11 20.99
H5A1 PLP F . 4.19 5.02 24.50
H5A2 PLP F . 5.20 5.61 23.18
N1 PLP G . 6.02 -12.44 -15.43
C2 PLP G . 6.80 -11.46 -15.97
C2A PLP G . 7.11 -10.23 -15.16
C3 PLP G . 7.31 -11.62 -17.26
O3 PLP G . 8.09 -10.63 -17.82
C4 PLP G . 6.99 -12.75 -18.00
C4A PLP G . 7.56 -12.90 -19.39
O4A PLP G . 8.80 -13.06 -19.45
C5 PLP G . 6.21 -13.75 -17.43
C6 PLP G . 5.72 -13.58 -16.15
C5A PLP G . 5.89 -15.03 -18.19
O4P PLP G . 4.84 -14.83 -19.10
P PLP G . 4.79 -15.78 -20.41
O1P PLP G . 6.11 -15.71 -21.14
O2P PLP G . 3.62 -15.30 -21.20
O3P PLP G . 4.61 -17.20 -19.91
H2A1 PLP G . 8.00 -10.41 -14.56
H2A2 PLP G . 6.27 -10.00 -14.50
H2A3 PLP G . 7.28 -9.38 -15.82
HO3 PLP G . 7.56 -10.13 -18.47
H4A PLP G . 6.91 -13.39 -20.12
H6 PLP G . 5.09 -14.36 -15.69
H5A1 PLP G . 6.77 -15.36 -18.73
H5A2 PLP G . 5.60 -15.81 -17.48
N1 PLP H . -18.99 -6.75 5.74
C2 PLP H . -18.78 -6.25 7.03
C2A PLP H . -17.60 -5.35 7.26
C3 PLP H . -19.66 -6.55 8.05
O3 PLP H . -19.43 -6.07 9.31
C4 PLP H . -20.75 -7.39 7.84
C4A PLP H . -21.88 -7.45 8.86
O4A PLP H . -22.39 -6.43 9.33
C5 PLP H . -20.94 -7.89 6.55
C6 PLP H . -20.07 -7.58 5.51
C5A PLP H . -22.12 -8.79 6.28
O4P PLP H . -21.76 -10.16 6.20
P PLP H . -22.91 -11.21 6.68
O1P PLP H . -22.30 -12.51 7.13
O2P PLP H . -23.79 -11.42 5.46
O3P PLP H . -23.70 -10.56 7.79
H2A1 PLP H . -17.78 -4.38 6.79
H2A2 PLP H . -16.71 -5.80 6.81
H2A3 PLP H . -17.45 -5.21 8.32
HO3 PLP H . -19.14 -6.79 9.89
H4A PLP H . -22.30 -8.44 9.08
H6 PLP H . -20.24 -7.97 4.51
H5A1 PLP H . -22.86 -8.67 7.07
H5A2 PLP H . -22.59 -8.50 5.34
#